data_5NF1
#
_entry.id   5NF1
#
_cell.length_a   83.198
_cell.length_b   62.783
_cell.length_c   136.259
_cell.angle_alpha   90.00
_cell.angle_beta   96.35
_cell.angle_gamma   90.00
#
_symmetry.space_group_name_H-M   'P 1 21 1'
#
loop_
_entity.id
_entity.type
_entity.pdbx_description
1 polymer 'Geranylgeranylglyceryl phosphate synthase'
2 water water
#
_entity_poly.entity_id   1
_entity_poly.type   'polypeptide(L)'
_entity_poly.pdbx_seq_one_letter_code
;MFKMKVEDYFHDILRERKIHLTLIDPEEQTPEEAVEIARAAIRGGTDGIMLGGSTTDSSELDNTARALRENIDVPIILFP
GNTTGVSRYADAIFFMSLLNSTNPYWIIGAQALGAATVKKMGIEALPMGYLVVEPGGTVGAVGDTKPVPRNKPDIAAAYA
MAAEFLGMRLFYLEAGSGAPEHVPEEMIALVKRCTDQILIVGGGIRSGEDAARVAGAGADVVVTGTVVENSDNVEDKIRE
IVEGMGSVLEHHHHHH
;
_entity_poly.pdbx_strand_id   A,B,C,D,E,F
#
# COMPACT_ATOMS: atom_id res chain seq x y z
N LYS A 3 35.49 -18.56 -14.10
CA LYS A 3 36.76 -17.96 -13.71
C LYS A 3 37.02 -16.59 -14.36
N MET A 4 35.95 -15.82 -14.60
CA MET A 4 36.08 -14.44 -15.11
C MET A 4 34.77 -13.70 -14.87
N LYS A 5 34.77 -12.41 -15.17
CA LYS A 5 33.63 -11.57 -14.80
C LYS A 5 32.51 -11.69 -15.82
N VAL A 6 31.32 -12.03 -15.33
CA VAL A 6 30.17 -12.33 -16.18
C VAL A 6 29.75 -11.10 -16.99
N GLU A 7 29.86 -9.89 -16.40
CA GLU A 7 29.52 -8.71 -17.17
C GLU A 7 30.52 -8.49 -18.32
N ASP A 8 31.82 -8.54 -18.01
CA ASP A 8 32.84 -8.58 -19.05
C ASP A 8 32.55 -9.70 -20.05
N TYR A 9 32.19 -10.88 -19.55
CA TYR A 9 31.81 -11.97 -20.44
C TYR A 9 30.60 -11.56 -21.26
N PHE A 10 29.65 -10.87 -20.66
CA PHE A 10 28.51 -10.37 -21.43
C PHE A 10 28.97 -9.44 -22.54
N HIS A 11 29.99 -8.62 -22.28
CA HIS A 11 30.37 -7.65 -23.29
C HIS A 11 31.26 -8.25 -24.36
N ASP A 12 32.02 -9.31 -24.02
CA ASP A 12 32.83 -10.00 -25.03
C ASP A 12 31.97 -10.63 -26.11
N ILE A 13 30.84 -11.22 -25.74
CA ILE A 13 29.95 -11.82 -26.73
C ILE A 13 29.27 -10.73 -27.55
N LEU A 14 28.72 -9.73 -26.86
CA LEU A 14 27.86 -8.75 -27.48
C LEU A 14 28.51 -8.00 -28.63
N ARG A 15 29.80 -8.21 -28.85
CA ARG A 15 30.52 -7.48 -29.90
C ARG A 15 30.28 -8.06 -31.28
N GLU A 16 29.88 -9.33 -31.39
CA GLU A 16 29.57 -9.87 -32.71
C GLU A 16 28.37 -10.82 -32.74
N ARG A 17 27.53 -10.84 -31.73
CA ARG A 17 26.35 -11.68 -31.69
C ARG A 17 25.47 -11.20 -30.54
N LYS A 18 24.46 -12.00 -30.20
CA LYS A 18 23.59 -11.77 -29.06
C LYS A 18 23.74 -12.97 -28.14
N ILE A 19 23.27 -12.80 -26.89
CA ILE A 19 23.57 -13.73 -25.82
C ILE A 19 22.33 -14.55 -25.56
N HIS A 20 22.48 -15.88 -25.52
CA HIS A 20 21.38 -16.72 -25.05
C HIS A 20 21.73 -17.38 -23.72
N LEU A 21 20.80 -17.33 -22.78
CA LEU A 21 20.96 -18.02 -21.52
C LEU A 21 19.79 -18.97 -21.31
N THR A 22 20.07 -20.11 -20.66
CA THR A 22 19.08 -21.09 -20.26
C THR A 22 18.67 -20.92 -18.79
N LEU A 23 17.38 -20.82 -18.55
CA LEU A 23 16.82 -20.77 -17.21
C LEU A 23 16.43 -22.19 -16.80
N ILE A 24 17.26 -22.85 -16.01
CA ILE A 24 16.86 -24.08 -15.33
C ILE A 24 16.40 -23.69 -13.92
N ASP A 25 15.96 -24.66 -13.14
CA ASP A 25 15.10 -24.35 -11.99
C ASP A 25 15.20 -25.47 -10.96
N PRO A 26 15.96 -25.28 -9.87
CA PRO A 26 16.30 -26.44 -9.01
C PRO A 26 15.09 -27.12 -8.36
N GLU A 27 13.91 -26.52 -8.45
CA GLU A 27 12.70 -27.12 -7.90
C GLU A 27 12.45 -28.51 -8.48
N GLU A 28 12.54 -28.64 -9.80
CA GLU A 28 11.99 -29.82 -10.46
C GLU A 28 13.05 -30.60 -11.25
N GLN A 29 14.15 -30.94 -10.59
CA GLN A 29 15.04 -32.00 -11.03
C GLN A 29 16.08 -32.21 -9.96
N THR A 30 16.57 -33.44 -9.86
CA THR A 30 17.73 -33.67 -9.04
C THR A 30 18.89 -32.80 -9.56
N PRO A 31 19.80 -32.41 -8.67
CA PRO A 31 20.96 -31.61 -9.13
C PRO A 31 21.76 -32.27 -10.24
N GLU A 32 21.76 -33.59 -10.31
CA GLU A 32 22.50 -34.25 -11.39
C GLU A 32 21.77 -34.11 -12.73
N GLU A 33 20.43 -34.14 -12.70
CA GLU A 33 19.66 -34.00 -13.93
C GLU A 33 19.86 -32.61 -14.54
N ALA A 34 20.01 -31.59 -13.71
CA ALA A 34 20.20 -30.24 -14.22
C ALA A 34 21.50 -30.15 -15.00
N VAL A 35 22.50 -30.91 -14.57
CA VAL A 35 23.76 -30.96 -15.30
C VAL A 35 23.53 -31.44 -16.72
N GLU A 36 22.86 -32.57 -16.86
CA GLU A 36 22.60 -33.12 -18.19
C GLU A 36 21.73 -32.18 -19.01
N ILE A 37 20.75 -31.52 -18.41
CA ILE A 37 20.06 -30.47 -19.12
C ILE A 37 21.04 -29.35 -19.47
N ALA A 38 21.77 -28.85 -18.46
CA ALA A 38 22.70 -27.76 -18.70
C ALA A 38 23.77 -28.17 -19.71
N ARG A 39 24.31 -29.39 -19.57
CA ARG A 39 25.24 -29.86 -20.59
C ARG A 39 24.60 -29.83 -21.97
N ALA A 40 23.29 -30.09 -22.05
CA ALA A 40 22.63 -30.21 -23.34
C ALA A 40 22.25 -28.85 -23.92
N ALA A 41 21.94 -27.88 -23.06
CA ALA A 41 21.81 -26.51 -23.54
C ALA A 41 23.15 -25.99 -24.05
N ILE A 42 24.25 -26.54 -23.55
CA ILE A 42 25.55 -25.99 -23.91
C ILE A 42 25.94 -26.48 -25.29
N ARG A 43 25.87 -27.80 -25.51
CA ARG A 43 25.90 -28.36 -26.86
C ARG A 43 24.94 -27.64 -27.82
N GLY A 44 23.71 -27.38 -27.40
CA GLY A 44 22.81 -26.64 -28.27
C GLY A 44 23.22 -25.20 -28.53
N GLY A 45 24.20 -24.69 -27.79
CA GLY A 45 24.74 -23.35 -27.98
C GLY A 45 24.39 -22.24 -26.95
N THR A 46 24.00 -22.57 -25.71
CA THR A 46 23.71 -21.55 -24.70
C THR A 46 24.97 -20.99 -24.04
N ASP A 47 24.96 -19.70 -23.73
CA ASP A 47 26.12 -19.06 -23.15
C ASP A 47 26.17 -19.10 -21.63
N GLY A 48 25.05 -19.37 -20.97
CA GLY A 48 24.99 -19.24 -19.52
C GLY A 48 23.80 -19.98 -19.00
N ILE A 49 23.93 -20.48 -17.78
CA ILE A 49 22.80 -21.04 -17.05
C ILE A 49 22.27 -19.97 -16.09
N MET A 50 20.96 -19.78 -16.06
CA MET A 50 20.31 -18.94 -15.06
C MET A 50 19.56 -19.83 -14.07
N LEU A 51 19.88 -19.69 -12.79
CA LEU A 51 19.39 -20.59 -11.76
C LEU A 51 18.46 -19.84 -10.83
N GLY A 52 17.24 -20.30 -10.73
CA GLY A 52 16.25 -19.64 -9.92
C GLY A 52 14.89 -19.75 -10.57
N GLY A 53 14.05 -18.77 -10.29
CA GLY A 53 12.72 -18.75 -10.84
C GLY A 53 11.66 -19.35 -9.93
N SER A 54 11.94 -19.45 -8.63
CA SER A 54 10.94 -19.90 -7.68
C SER A 54 11.23 -19.35 -6.29
N THR A 55 10.77 -20.05 -5.24
CA THR A 55 10.91 -19.56 -3.87
C THR A 55 10.63 -20.74 -2.95
N THR A 56 11.69 -21.33 -2.39
CA THR A 56 11.48 -22.55 -1.63
C THR A 56 12.71 -22.83 -0.76
N ASP A 57 12.87 -24.09 -0.39
CA ASP A 57 14.11 -24.62 0.16
C ASP A 57 15.29 -24.22 -0.71
N SER A 58 16.35 -23.73 -0.07
CA SER A 58 17.53 -23.25 -0.77
C SER A 58 18.71 -24.23 -0.71
N SER A 59 18.66 -25.23 0.18
CA SER A 59 19.64 -26.31 0.14
C SER A 59 19.64 -26.98 -1.22
N GLU A 60 18.49 -26.98 -1.91
CA GLU A 60 18.42 -27.52 -3.26
C GLU A 60 19.12 -26.59 -4.25
N LEU A 61 18.91 -25.28 -4.12
CA LEU A 61 19.62 -24.30 -4.91
C LEU A 61 21.13 -24.48 -4.79
N ASP A 62 21.62 -24.93 -3.65
CA ASP A 62 23.07 -25.09 -3.53
C ASP A 62 23.54 -26.35 -4.24
N ASN A 63 22.90 -27.48 -3.95
CA ASN A 63 23.31 -28.74 -4.57
C ASN A 63 23.21 -28.67 -6.09
N THR A 64 22.31 -27.83 -6.62
CA THR A 64 22.24 -27.65 -8.06
C THR A 64 23.35 -26.76 -8.57
N ALA A 65 23.66 -25.68 -7.84
CA ALA A 65 24.74 -24.78 -8.22
C ALA A 65 26.12 -25.46 -8.16
N ARG A 66 26.31 -26.42 -7.24
CA ARG A 66 27.64 -27.03 -7.09
C ARG A 66 27.88 -28.14 -8.10
N ALA A 67 26.89 -29.00 -8.34
CA ALA A 67 27.01 -29.96 -9.44
C ALA A 67 27.20 -29.24 -10.76
N LEU A 68 26.45 -28.14 -10.96
CA LEU A 68 26.62 -27.34 -12.16
C LEU A 68 28.02 -26.76 -12.25
N ARG A 69 28.56 -26.25 -11.13
CA ARG A 69 29.82 -25.51 -11.19
C ARG A 69 31.03 -26.39 -11.49
N GLU A 70 30.99 -27.69 -11.17
CA GLU A 70 32.13 -28.55 -11.42
C GLU A 70 31.97 -29.42 -12.68
N ASN A 71 30.94 -29.18 -13.47
CA ASN A 71 30.83 -29.85 -14.75
C ASN A 71 30.82 -28.85 -15.90
N ILE A 72 29.85 -27.94 -15.95
CA ILE A 72 29.81 -26.98 -17.05
C ILE A 72 30.94 -25.96 -16.90
N ASP A 73 31.23 -25.29 -18.02
CA ASP A 73 32.34 -24.35 -18.15
C ASP A 73 31.81 -22.94 -18.42
N VAL A 74 30.67 -22.62 -17.82
CA VAL A 74 29.81 -21.52 -18.27
C VAL A 74 29.28 -20.79 -17.01
N PRO A 75 29.00 -19.49 -17.18
CA PRO A 75 28.47 -18.77 -16.00
C PRO A 75 27.18 -19.42 -15.52
N ILE A 76 27.13 -19.69 -14.22
CA ILE A 76 25.89 -19.96 -13.50
C ILE A 76 25.40 -18.62 -12.95
N ILE A 77 24.16 -18.25 -13.26
CA ILE A 77 23.64 -16.93 -12.88
C ILE A 77 22.38 -17.11 -12.05
N LEU A 78 22.33 -16.47 -10.88
CA LEU A 78 21.14 -16.51 -10.04
C LEU A 78 20.11 -15.51 -10.49
N PHE A 79 18.86 -15.96 -10.58
CA PHE A 79 17.72 -15.18 -11.04
C PHE A 79 16.75 -15.38 -9.90
N PRO A 80 16.70 -14.47 -8.94
CA PRO A 80 16.06 -14.78 -7.65
C PRO A 80 14.60 -14.34 -7.61
N GLY A 81 13.78 -15.20 -7.01
CA GLY A 81 12.39 -14.91 -6.72
C GLY A 81 12.10 -14.46 -5.31
N ASN A 82 13.12 -14.39 -4.47
CA ASN A 82 13.08 -13.80 -3.14
C ASN A 82 14.53 -13.78 -2.65
N THR A 83 14.71 -13.60 -1.35
CA THR A 83 16.05 -13.56 -0.80
C THR A 83 16.63 -14.94 -0.52
N THR A 84 15.86 -16.00 -0.76
CA THR A 84 16.39 -17.35 -0.63
C THR A 84 17.26 -17.77 -1.81
N GLY A 85 17.29 -16.97 -2.88
CA GLY A 85 17.96 -17.36 -4.09
C GLY A 85 19.42 -16.94 -4.20
N VAL A 86 20.24 -17.29 -3.20
CA VAL A 86 21.67 -17.00 -3.18
C VAL A 86 22.43 -18.30 -2.93
N SER A 87 23.63 -18.40 -3.52
CA SER A 87 24.49 -19.56 -3.35
C SER A 87 25.94 -19.18 -3.59
N ARG A 88 26.85 -19.77 -2.80
CA ARG A 88 28.28 -19.55 -2.98
C ARG A 88 28.81 -20.10 -4.29
N TYR A 89 28.03 -20.92 -5.02
CA TYR A 89 28.55 -21.52 -6.23
C TYR A 89 28.25 -20.73 -7.49
N ALA A 90 27.26 -19.85 -7.47
CA ALA A 90 27.04 -18.97 -8.62
C ALA A 90 28.30 -18.18 -8.94
N ASP A 91 28.40 -17.70 -10.17
CA ASP A 91 29.39 -16.69 -10.56
C ASP A 91 28.83 -15.28 -10.58
N ALA A 92 27.53 -15.10 -10.45
CA ALA A 92 26.97 -13.75 -10.44
C ALA A 92 25.49 -13.85 -10.10
N ILE A 93 24.88 -12.70 -9.90
CA ILE A 93 23.49 -12.64 -9.50
C ILE A 93 22.87 -11.46 -10.23
N PHE A 94 21.72 -11.69 -10.85
CA PHE A 94 20.89 -10.58 -11.30
C PHE A 94 20.30 -9.95 -10.05
N PHE A 95 20.82 -8.78 -9.67
CA PHE A 95 20.33 -8.06 -8.50
C PHE A 95 19.23 -7.14 -8.98
N MET A 96 17.98 -7.63 -8.90
CA MET A 96 16.85 -7.03 -9.61
C MET A 96 15.90 -6.28 -8.67
N SER A 97 15.37 -5.19 -9.18
CA SER A 97 14.18 -4.54 -8.62
C SER A 97 12.96 -4.83 -9.50
N LEU A 98 11.85 -5.28 -8.87
CA LEU A 98 10.62 -5.46 -9.63
C LEU A 98 9.94 -4.11 -9.77
N LEU A 99 10.31 -3.36 -10.80
CA LEU A 99 9.94 -1.95 -10.93
C LEU A 99 8.44 -1.74 -10.83
N ASN A 100 7.68 -2.39 -11.67
CA ASN A 100 6.24 -2.10 -11.54
C ASN A 100 5.56 -3.03 -10.53
N SER A 101 6.23 -3.36 -9.43
CA SER A 101 5.50 -3.95 -8.31
C SER A 101 4.59 -2.91 -7.67
N THR A 102 3.51 -3.37 -7.07
CA THR A 102 2.63 -2.45 -6.35
C THR A 102 3.07 -2.28 -4.90
N ASN A 103 4.10 -3.00 -4.48
CA ASN A 103 4.43 -3.20 -3.09
C ASN A 103 5.94 -3.02 -2.91
N PRO A 104 6.35 -2.17 -1.95
CA PRO A 104 7.78 -1.83 -1.83
C PRO A 104 8.69 -2.99 -1.55
N TYR A 105 8.21 -4.05 -0.91
CA TYR A 105 9.07 -5.19 -0.61
C TYR A 105 9.82 -5.68 -1.84
N TRP A 106 9.13 -5.78 -2.98
CA TRP A 106 9.75 -6.30 -4.19
C TRP A 106 10.57 -5.26 -4.92
N ILE A 107 10.35 -3.98 -4.63
CA ILE A 107 11.15 -2.96 -5.30
C ILE A 107 12.51 -2.82 -4.63
N ILE A 108 12.57 -2.89 -3.30
CA ILE A 108 13.78 -2.53 -2.55
C ILE A 108 13.89 -3.26 -1.22
N GLY A 109 12.76 -3.52 -0.58
CA GLY A 109 12.79 -4.19 0.70
C GLY A 109 13.46 -5.55 0.65
N ALA A 110 13.06 -6.38 -0.32
CA ALA A 110 13.65 -7.70 -0.44
C ALA A 110 15.16 -7.59 -0.61
N GLN A 111 15.60 -6.60 -1.40
CA GLN A 111 17.02 -6.38 -1.64
C GLN A 111 17.71 -5.84 -0.38
N ALA A 112 17.08 -4.90 0.32
CA ALA A 112 17.54 -4.57 1.68
C ALA A 112 17.71 -5.83 2.53
N LEU A 113 16.70 -6.72 2.55
CA LEU A 113 16.83 -7.92 3.38
C LEU A 113 17.97 -8.80 2.90
N GLY A 114 18.08 -9.00 1.59
CA GLY A 114 19.07 -9.94 1.10
C GLY A 114 20.48 -9.42 0.95
N ALA A 115 20.68 -8.09 0.84
CA ALA A 115 21.93 -7.54 0.32
C ALA A 115 23.16 -7.87 1.16
N ALA A 116 23.04 -7.99 2.49
CA ALA A 116 24.23 -8.27 3.29
C ALA A 116 24.85 -9.63 2.97
N THR A 117 24.13 -10.48 2.26
CA THR A 117 24.63 -11.81 1.92
C THR A 117 25.30 -11.83 0.56
N VAL A 118 24.82 -10.99 -0.37
CA VAL A 118 25.53 -10.79 -1.61
C VAL A 118 26.91 -10.21 -1.36
N LYS A 119 27.06 -9.42 -0.29
CA LYS A 119 28.39 -8.90 0.01
C LYS A 119 29.24 -9.88 0.80
N LYS A 120 28.63 -10.58 1.78
CA LYS A 120 29.38 -11.62 2.48
C LYS A 120 30.09 -12.57 1.50
N MET A 121 29.57 -12.71 0.29
CA MET A 121 30.14 -13.60 -0.70
C MET A 121 30.62 -12.76 -1.88
N GLY A 122 31.67 -13.22 -2.52
CA GLY A 122 32.26 -12.41 -3.58
C GLY A 122 31.37 -12.22 -4.78
N ILE A 123 30.10 -12.63 -4.66
CA ILE A 123 29.29 -12.85 -5.83
C ILE A 123 29.09 -11.53 -6.55
N GLU A 124 29.33 -11.56 -7.86
CA GLU A 124 29.22 -10.37 -8.68
C GLU A 124 27.75 -10.00 -8.81
N ALA A 125 27.44 -8.72 -8.67
CA ALA A 125 26.07 -8.27 -8.72
C ALA A 125 25.90 -7.44 -9.98
N LEU A 126 24.99 -7.88 -10.85
CA LEU A 126 24.63 -7.10 -12.01
C LEU A 126 23.37 -6.34 -11.66
N PRO A 127 23.37 -5.01 -11.69
CA PRO A 127 22.16 -4.24 -11.32
C PRO A 127 21.14 -4.25 -12.45
N MET A 128 19.93 -4.74 -12.15
CA MET A 128 18.95 -5.04 -13.19
C MET A 128 17.55 -4.58 -12.80
N GLY A 129 17.05 -3.57 -13.51
CA GLY A 129 15.62 -3.36 -13.55
C GLY A 129 14.87 -4.56 -14.13
N TYR A 130 13.80 -4.94 -13.43
CA TYR A 130 12.93 -6.06 -13.79
C TYR A 130 11.55 -5.47 -13.95
N LEU A 131 10.96 -5.59 -15.13
CA LEU A 131 9.65 -5.00 -15.41
C LEU A 131 8.77 -6.05 -16.03
N VAL A 132 7.60 -6.30 -15.43
CA VAL A 132 6.69 -7.36 -15.89
C VAL A 132 5.68 -6.78 -16.87
N VAL A 133 5.57 -7.40 -18.05
CA VAL A 133 4.69 -6.95 -19.10
C VAL A 133 3.56 -7.96 -19.23
N GLU A 134 2.32 -7.48 -19.40
CA GLU A 134 1.18 -8.40 -19.45
C GLU A 134 1.32 -9.39 -20.61
N PRO A 135 0.85 -10.65 -20.44
CA PRO A 135 0.12 -11.24 -19.31
C PRO A 135 0.96 -11.22 -18.07
N GLY A 136 2.16 -11.75 -18.20
CA GLY A 136 3.12 -11.66 -17.13
C GLY A 136 3.29 -12.92 -16.35
N GLY A 137 2.92 -14.07 -16.92
CA GLY A 137 3.03 -15.30 -16.16
C GLY A 137 2.31 -15.23 -14.82
N THR A 138 2.86 -15.95 -13.85
CA THR A 138 2.30 -15.88 -12.51
C THR A 138 2.71 -14.59 -11.79
N VAL A 139 3.94 -14.13 -12.02
CA VAL A 139 4.40 -12.86 -11.49
C VAL A 139 3.75 -11.64 -12.16
N ASP A 144 2.95 -9.02 -6.74
CA ASP A 144 2.22 -7.78 -6.64
C ASP A 144 2.58 -6.83 -7.72
N THR A 145 2.20 -7.18 -8.93
CA THR A 145 2.61 -6.51 -10.16
C THR A 145 1.40 -5.88 -10.82
N LYS A 146 1.53 -4.63 -11.24
CA LYS A 146 0.59 -4.18 -12.26
C LYS A 146 1.29 -4.34 -13.61
N PRO A 147 1.10 -5.49 -14.28
CA PRO A 147 1.79 -5.73 -15.56
C PRO A 147 1.51 -4.61 -16.54
N VAL A 148 2.58 -4.10 -17.15
CA VAL A 148 2.42 -3.10 -18.20
C VAL A 148 1.57 -3.70 -19.31
N PRO A 149 0.63 -2.96 -19.89
CA PRO A 149 -0.08 -3.48 -21.08
C PRO A 149 0.88 -3.67 -22.26
N ARG A 150 0.53 -4.61 -23.14
CA ARG A 150 1.39 -4.86 -24.30
C ARG A 150 1.36 -3.72 -25.30
N ASN A 151 0.37 -2.84 -25.22
CA ASN A 151 0.29 -1.68 -26.08
C ASN A 151 0.45 -0.38 -25.28
N LYS A 152 1.23 -0.40 -24.22
CA LYS A 152 1.66 0.82 -23.54
C LYS A 152 3.17 0.77 -23.36
N PRO A 153 3.93 0.91 -24.47
CA PRO A 153 5.39 0.82 -24.36
C PRO A 153 6.01 2.11 -23.82
N ASP A 154 5.41 3.26 -24.11
CA ASP A 154 5.89 4.51 -23.50
C ASP A 154 5.91 4.38 -21.98
N ILE A 155 4.95 3.65 -21.41
CA ILE A 155 4.99 3.32 -19.99
C ILE A 155 6.24 2.50 -19.69
N ALA A 156 6.45 1.43 -20.45
CA ALA A 156 7.56 0.52 -20.16
C ALA A 156 8.89 1.25 -20.26
N ALA A 157 9.05 2.11 -21.27
CA ALA A 157 10.34 2.76 -21.48
C ALA A 157 10.64 3.79 -20.41
N ALA A 158 9.62 4.39 -19.80
CA ALA A 158 9.88 5.32 -18.71
C ALA A 158 10.53 4.61 -17.51
N TYR A 159 9.98 3.46 -17.10
CA TYR A 159 10.64 2.66 -16.06
C TYR A 159 12.08 2.34 -16.46
N ALA A 160 12.28 1.90 -17.70
CA ALA A 160 13.63 1.61 -18.18
C ALA A 160 14.55 2.81 -18.03
N MET A 161 14.04 3.99 -18.33
CA MET A 161 14.86 5.18 -18.28
C MET A 161 15.16 5.57 -16.84
N ALA A 162 14.10 5.77 -16.05
CA ALA A 162 14.19 5.67 -14.60
C ALA A 162 15.29 4.69 -14.23
N ALA A 163 15.04 3.39 -14.43
CA ALA A 163 16.00 2.38 -13.98
C ALA A 163 17.43 2.80 -14.28
N GLU A 164 17.67 3.27 -15.51
CA GLU A 164 19.03 3.68 -15.90
C GLU A 164 19.56 4.82 -15.03
N PHE A 165 18.84 5.93 -14.97
CA PHE A 165 19.28 7.06 -14.18
C PHE A 165 19.56 6.67 -12.73
N LEU A 166 18.91 5.62 -12.20
CA LEU A 166 19.28 5.10 -10.88
C LEU A 166 20.47 4.13 -10.96
N GLY A 167 21.10 4.00 -12.13
CA GLY A 167 22.28 3.17 -12.28
C GLY A 167 22.03 1.69 -12.43
N MET A 168 20.83 1.28 -12.84
CA MET A 168 20.55 -0.13 -13.15
C MET A 168 20.95 -0.39 -14.61
N ARG A 169 22.15 -0.97 -14.79
CA ARG A 169 22.78 -1.16 -16.10
C ARG A 169 22.03 -2.17 -16.98
N LEU A 170 21.22 -3.05 -16.40
CA LEU A 170 20.54 -4.09 -17.14
C LEU A 170 19.04 -3.97 -17.02
N PHE A 171 18.33 -4.63 -17.91
CA PHE A 171 16.88 -4.47 -17.99
C PHE A 171 16.28 -5.77 -18.49
N TYR A 172 15.18 -6.19 -17.86
CA TYR A 172 14.55 -7.48 -18.15
C TYR A 172 13.08 -7.23 -18.45
N LEU A 173 12.73 -7.26 -19.72
CA LEU A 173 11.32 -7.30 -20.12
C LEU A 173 10.87 -8.73 -19.93
N GLU A 174 10.00 -8.94 -18.95
CA GLU A 174 9.52 -10.25 -18.54
C GLU A 174 8.10 -10.46 -19.06
N ALA A 175 7.91 -11.42 -19.96
CA ALA A 175 6.53 -11.83 -20.17
C ALA A 175 6.12 -12.90 -19.17
N GLY A 176 7.06 -13.36 -18.35
CA GLY A 176 6.77 -14.39 -17.38
C GLY A 176 6.84 -15.73 -18.04
N SER A 177 7.70 -16.62 -17.53
CA SER A 177 7.89 -17.90 -18.19
C SER A 177 6.54 -18.59 -18.34
N GLY A 178 6.32 -19.16 -19.54
CA GLY A 178 5.07 -19.80 -19.89
C GLY A 178 4.04 -18.95 -20.63
N ALA A 179 4.22 -17.63 -20.72
CA ALA A 179 3.23 -16.76 -21.35
C ALA A 179 2.93 -17.21 -22.78
N PRO A 180 1.73 -16.90 -23.29
CA PRO A 180 1.40 -17.36 -24.65
C PRO A 180 2.16 -16.61 -25.74
N GLU A 181 2.31 -15.30 -25.61
CA GLU A 181 3.07 -14.51 -26.56
C GLU A 181 4.20 -13.74 -25.85
N HIS A 182 5.35 -13.65 -26.52
CA HIS A 182 6.50 -12.96 -25.99
C HIS A 182 6.27 -11.45 -26.00
N VAL A 183 7.13 -10.72 -25.30
CA VAL A 183 7.10 -9.27 -25.21
C VAL A 183 7.15 -8.66 -26.61
N PRO A 184 6.25 -7.72 -26.93
CA PRO A 184 6.17 -7.20 -28.30
C PRO A 184 7.46 -6.56 -28.77
N GLU A 185 7.70 -6.65 -30.08
CA GLU A 185 8.87 -6.00 -30.64
C GLU A 185 8.77 -4.48 -30.54
N GLU A 186 7.60 -3.91 -30.83
CA GLU A 186 7.41 -2.47 -30.62
C GLU A 186 7.78 -2.04 -29.19
N MET A 187 7.72 -2.96 -28.24
CA MET A 187 8.17 -2.63 -26.89
C MET A 187 9.68 -2.80 -26.75
N ILE A 188 10.23 -3.89 -27.28
CA ILE A 188 11.68 -4.10 -27.17
C ILE A 188 12.42 -2.95 -27.86
N ALA A 189 12.10 -2.70 -29.12
CA ALA A 189 12.83 -1.72 -29.90
C ALA A 189 12.66 -0.30 -29.38
N LEU A 190 11.61 -0.04 -28.61
CA LEU A 190 11.50 1.28 -28.00
C LEU A 190 12.50 1.42 -26.86
N VAL A 191 12.64 0.37 -26.05
CA VAL A 191 13.49 0.46 -24.88
C VAL A 191 14.97 0.44 -25.27
N LYS A 192 15.34 -0.26 -26.36
CA LYS A 192 16.78 -0.26 -26.66
C LYS A 192 17.24 1.04 -27.28
N ARG A 193 16.36 1.80 -27.93
CA ARG A 193 16.79 3.10 -28.43
C ARG A 193 16.80 4.17 -27.34
N CYS A 194 16.01 4.01 -26.28
CA CYS A 194 15.89 4.98 -25.20
C CYS A 194 16.99 4.89 -24.15
N THR A 195 17.69 3.77 -24.04
CA THR A 195 18.64 3.57 -22.97
C THR A 195 19.84 2.80 -23.50
N ASP A 196 20.86 2.66 -22.66
CA ASP A 196 22.09 1.94 -23.00
C ASP A 196 22.21 0.64 -22.24
N GLN A 197 21.15 0.20 -21.58
CA GLN A 197 21.18 -1.03 -20.82
C GLN A 197 21.48 -2.21 -21.73
N ILE A 198 22.20 -3.19 -21.20
CA ILE A 198 22.01 -4.55 -21.68
C ILE A 198 20.54 -4.90 -21.52
N LEU A 199 19.89 -5.37 -22.60
CA LEU A 199 18.43 -5.56 -22.64
C LEU A 199 18.07 -7.05 -22.74
N ILE A 200 17.50 -7.59 -21.68
CA ILE A 200 17.22 -9.02 -21.58
C ILE A 200 15.72 -9.19 -21.75
N VAL A 201 15.33 -10.13 -22.61
CA VAL A 201 13.94 -10.44 -22.90
C VAL A 201 13.73 -11.93 -22.69
N GLY A 202 12.73 -12.29 -21.89
CA GLY A 202 12.58 -13.66 -21.46
C GLY A 202 11.11 -13.97 -21.28
N GLY A 203 10.81 -15.27 -21.13
CA GLY A 203 9.42 -15.67 -21.01
C GLY A 203 8.63 -15.57 -22.30
N GLY A 204 8.10 -16.70 -22.78
CA GLY A 204 7.29 -16.75 -23.96
C GLY A 204 8.02 -17.20 -25.23
N ILE A 205 9.34 -17.26 -25.21
CA ILE A 205 10.12 -17.64 -26.38
C ILE A 205 10.30 -19.14 -26.33
N ARG A 206 9.72 -19.83 -27.32
CA ARG A 206 9.77 -21.29 -27.45
C ARG A 206 10.24 -21.73 -28.80
N SER A 207 10.10 -20.90 -29.82
CA SER A 207 10.53 -21.18 -31.18
C SER A 207 11.85 -20.49 -31.46
N GLY A 208 12.57 -21.03 -32.43
CA GLY A 208 13.58 -20.24 -33.09
C GLY A 208 12.97 -19.05 -33.78
N GLU A 209 11.71 -19.19 -34.23
CA GLU A 209 10.99 -18.06 -34.78
C GLU A 209 10.78 -16.98 -33.73
N ASP A 210 10.27 -17.38 -32.54
CA ASP A 210 10.12 -16.42 -31.45
C ASP A 210 11.43 -15.76 -31.10
N ALA A 211 12.49 -16.58 -30.96
CA ALA A 211 13.81 -16.07 -30.61
C ALA A 211 14.32 -15.08 -31.62
N ALA A 212 14.06 -15.31 -32.91
CA ALA A 212 14.51 -14.38 -33.93
C ALA A 212 13.83 -13.02 -33.78
N ARG A 213 12.50 -13.01 -33.75
CA ARG A 213 11.80 -11.73 -33.78
C ARG A 213 12.12 -10.91 -32.53
N VAL A 214 12.42 -11.58 -31.41
CA VAL A 214 12.80 -10.86 -30.20
C VAL A 214 14.19 -10.24 -30.36
N ALA A 215 15.15 -11.07 -30.79
CA ALA A 215 16.53 -10.62 -30.96
C ALA A 215 16.63 -9.50 -31.97
N GLY A 216 15.95 -9.66 -33.11
CA GLY A 216 15.98 -8.62 -34.11
C GLY A 216 15.30 -7.33 -33.70
N ALA A 217 14.43 -7.38 -32.70
CA ALA A 217 13.82 -6.17 -32.18
C ALA A 217 14.80 -5.39 -31.33
N GLY A 218 15.87 -6.04 -30.87
CA GLY A 218 16.88 -5.34 -30.15
C GLY A 218 17.42 -6.07 -28.94
N ALA A 219 16.71 -7.09 -28.44
CA ALA A 219 17.18 -7.81 -27.25
C ALA A 219 18.65 -8.18 -27.38
N ASP A 220 19.41 -7.91 -26.34
CA ASP A 220 20.77 -8.39 -26.30
C ASP A 220 20.84 -9.81 -25.74
N VAL A 221 19.97 -10.10 -24.76
CA VAL A 221 19.89 -11.39 -24.10
C VAL A 221 18.50 -11.97 -24.33
N VAL A 222 18.46 -13.25 -24.69
CA VAL A 222 17.21 -14.00 -24.81
C VAL A 222 17.26 -15.09 -23.75
N VAL A 223 16.26 -15.13 -22.88
CA VAL A 223 16.20 -16.09 -21.79
C VAL A 223 15.07 -17.04 -22.09
N THR A 224 15.37 -18.33 -22.15
CA THR A 224 14.37 -19.36 -22.35
C THR A 224 14.58 -20.46 -21.34
N GLY A 225 13.50 -21.14 -20.97
CA GLY A 225 13.52 -22.10 -19.91
C GLY A 225 13.98 -23.49 -20.33
N THR A 226 13.71 -24.45 -19.44
CA THR A 226 14.27 -25.79 -19.54
C THR A 226 13.79 -26.54 -20.79
N VAL A 227 12.65 -26.12 -21.38
CA VAL A 227 12.14 -26.72 -22.62
C VAL A 227 13.14 -26.60 -23.73
N GLU A 235 15.61 -31.66 -27.25
CA GLU A 235 16.71 -30.90 -26.66
C GLU A 235 17.61 -30.27 -27.74
N ASP A 236 17.20 -30.49 -28.99
CA ASP A 236 17.61 -29.64 -30.10
C ASP A 236 17.00 -28.26 -29.99
N LYS A 237 16.03 -28.09 -29.11
CA LYS A 237 15.31 -26.83 -29.00
C LYS A 237 16.25 -25.64 -28.82
N ILE A 238 17.30 -25.79 -28.01
CA ILE A 238 18.23 -24.68 -27.79
C ILE A 238 18.98 -24.34 -29.06
N ARG A 239 19.55 -25.37 -29.71
CA ARG A 239 20.17 -25.20 -31.03
C ARG A 239 19.25 -24.46 -31.99
N GLU A 240 17.96 -24.80 -31.97
CA GLU A 240 17.01 -24.02 -32.75
C GLU A 240 16.99 -22.57 -32.29
N ILE A 241 16.86 -22.33 -30.98
CA ILE A 241 16.69 -20.97 -30.46
C ILE A 241 17.95 -20.17 -30.68
N VAL A 242 19.11 -20.79 -30.48
CA VAL A 242 20.34 -20.06 -30.75
C VAL A 242 20.43 -19.74 -32.25
N GLU A 243 20.10 -20.71 -33.10
CA GLU A 243 20.09 -20.44 -34.54
C GLU A 243 19.10 -19.34 -34.87
N GLY A 244 17.86 -19.48 -34.40
CA GLY A 244 16.89 -18.41 -34.59
C GLY A 244 17.47 -17.03 -34.36
N MET A 245 18.23 -16.86 -33.27
CA MET A 245 18.84 -15.55 -32.99
C MET A 245 19.97 -15.23 -33.97
N GLY A 246 20.90 -16.16 -34.20
CA GLY A 246 22.03 -15.88 -35.08
C GLY A 246 21.69 -15.85 -36.56
N MET B 4 -27.99 -28.93 16.33
CA MET B 4 -26.63 -29.47 16.15
C MET B 4 -25.60 -28.36 15.94
N LYS B 5 -24.32 -28.71 15.96
CA LYS B 5 -23.28 -27.76 15.56
C LYS B 5 -23.23 -27.67 14.04
N VAL B 6 -23.19 -26.45 13.53
CA VAL B 6 -23.32 -26.25 12.08
C VAL B 6 -22.15 -26.92 11.33
N GLU B 7 -20.90 -26.74 11.76
CA GLU B 7 -19.82 -27.47 11.09
C GLU B 7 -19.95 -28.97 11.32
N ASP B 8 -20.29 -29.40 12.54
CA ASP B 8 -20.59 -30.81 12.79
C ASP B 8 -21.68 -31.33 11.85
N TYR B 9 -22.56 -30.45 11.38
CA TYR B 9 -23.63 -30.78 10.43
C TYR B 9 -23.08 -31.00 9.02
N PHE B 10 -22.24 -30.07 8.53
CA PHE B 10 -21.56 -30.20 7.24
C PHE B 10 -20.83 -31.54 7.10
N HIS B 11 -19.88 -31.82 8.01
CA HIS B 11 -19.15 -33.08 7.95
C HIS B 11 -20.10 -34.27 7.94
N ASP B 12 -21.23 -34.15 8.66
CA ASP B 12 -22.18 -35.24 8.80
C ASP B 12 -22.64 -35.76 7.45
N ILE B 13 -22.95 -34.87 6.53
CA ILE B 13 -23.17 -35.25 5.14
C ILE B 13 -21.96 -36.05 4.64
N LEU B 14 -21.82 -37.29 5.13
CA LEU B 14 -20.83 -38.24 4.67
C LEU B 14 -21.38 -39.17 3.61
N ARG B 15 -22.43 -38.75 2.92
CA ARG B 15 -23.14 -39.63 1.99
C ARG B 15 -23.71 -38.78 0.86
N GLU B 16 -24.77 -38.02 1.16
CA GLU B 16 -25.25 -36.97 0.28
C GLU B 16 -24.10 -36.14 -0.27
N ARG B 17 -23.10 -35.84 0.58
CA ARG B 17 -21.89 -35.10 0.22
C ARG B 17 -22.18 -33.96 -0.76
N LYS B 18 -23.20 -33.18 -0.46
CA LYS B 18 -23.53 -32.08 -1.34
C LYS B 18 -24.21 -31.02 -0.50
N ILE B 19 -23.46 -30.34 0.36
CA ILE B 19 -24.11 -29.22 1.01
C ILE B 19 -24.40 -28.18 -0.08
N HIS B 20 -25.68 -27.94 -0.35
CA HIS B 20 -26.06 -26.77 -1.13
C HIS B 20 -26.49 -25.68 -0.15
N LEU B 21 -26.04 -24.45 -0.40
CA LEU B 21 -26.52 -23.33 0.39
C LEU B 21 -27.06 -22.24 -0.52
N THR B 22 -28.18 -21.64 -0.09
CA THR B 22 -28.84 -20.55 -0.78
C THR B 22 -28.37 -19.22 -0.18
N LEU B 23 -27.86 -18.33 -1.04
CA LEU B 23 -27.41 -17.00 -0.65
C LEU B 23 -28.54 -15.99 -0.84
N ILE B 24 -29.01 -15.41 0.27
CA ILE B 24 -30.12 -14.46 0.30
C ILE B 24 -29.55 -13.09 0.66
N ASP B 25 -30.02 -12.06 -0.04
CA ASP B 25 -29.64 -10.70 0.25
C ASP B 25 -30.74 -10.02 1.05
N PRO B 26 -30.44 -9.45 2.22
CA PRO B 26 -31.50 -8.72 2.95
C PRO B 26 -32.07 -7.53 2.17
N GLU B 27 -31.22 -6.64 1.67
CA GLU B 27 -31.72 -5.41 1.06
C GLU B 27 -32.27 -5.62 -0.34
N GLU B 28 -31.89 -6.68 -1.04
CA GLU B 28 -32.50 -6.94 -2.34
C GLU B 28 -34.00 -7.23 -2.21
N GLN B 29 -34.50 -7.51 -1.01
CA GLN B 29 -35.94 -7.63 -0.81
C GLN B 29 -36.34 -7.08 0.56
N THR B 30 -37.41 -7.64 1.10
CA THR B 30 -38.03 -7.37 2.39
C THR B 30 -37.64 -8.50 3.34
N PRO B 31 -37.89 -8.35 4.64
CA PRO B 31 -37.66 -9.47 5.56
C PRO B 31 -38.61 -10.64 5.37
N GLU B 32 -39.71 -10.47 4.64
CA GLU B 32 -40.73 -11.52 4.64
C GLU B 32 -40.54 -12.53 3.52
N GLU B 33 -40.91 -12.23 2.27
CA GLU B 33 -40.82 -13.30 1.27
C GLU B 33 -39.42 -13.87 1.18
N ALA B 34 -38.42 -13.16 1.69
CA ALA B 34 -37.14 -13.81 1.99
C ALA B 34 -37.40 -15.13 2.70
N VAL B 35 -38.27 -15.11 3.71
CA VAL B 35 -38.72 -16.36 4.33
C VAL B 35 -39.41 -17.24 3.30
N GLU B 36 -40.32 -16.66 2.52
CA GLU B 36 -41.03 -17.44 1.51
C GLU B 36 -40.08 -17.95 0.44
N ILE B 37 -39.10 -17.13 0.03
CA ILE B 37 -38.06 -17.63 -0.86
C ILE B 37 -37.16 -18.61 -0.12
N ALA B 38 -36.91 -18.36 1.16
CA ALA B 38 -36.20 -19.36 1.95
C ALA B 38 -36.98 -20.66 1.94
N ARG B 39 -38.28 -20.59 2.24
CA ARG B 39 -39.12 -21.78 2.22
C ARG B 39 -39.22 -22.36 0.81
N ALA B 40 -39.32 -21.50 -0.21
CA ALA B 40 -39.20 -21.99 -1.58
C ALA B 40 -37.89 -22.74 -1.75
N ALA B 41 -36.82 -22.24 -1.13
CA ALA B 41 -35.49 -22.81 -1.30
C ALA B 41 -35.30 -24.07 -0.48
N ILE B 42 -35.79 -24.10 0.77
CA ILE B 42 -35.70 -25.36 1.50
C ILE B 42 -36.57 -26.42 0.82
N ARG B 43 -37.61 -25.98 0.10
CA ARG B 43 -38.52 -26.89 -0.60
C ARG B 43 -37.74 -27.65 -1.65
N GLY B 44 -37.07 -28.70 -1.19
CA GLY B 44 -36.17 -29.45 -2.03
C GLY B 44 -34.88 -28.71 -2.29
N GLY B 45 -33.77 -29.44 -2.25
CA GLY B 45 -32.55 -28.95 -2.83
C GLY B 45 -31.89 -27.78 -2.13
N THR B 46 -31.92 -27.73 -0.81
CA THR B 46 -30.94 -26.91 -0.10
C THR B 46 -30.83 -27.37 1.34
N ASP B 47 -29.65 -27.14 1.92
CA ASP B 47 -29.28 -27.57 3.25
C ASP B 47 -29.09 -26.41 4.24
N GLY B 48 -29.03 -25.15 3.78
CA GLY B 48 -28.70 -24.03 4.64
C GLY B 48 -28.82 -22.71 3.93
N ILE B 49 -29.00 -21.66 4.73
CA ILE B 49 -29.26 -20.32 4.23
C ILE B 49 -28.10 -19.40 4.61
N MET B 50 -27.43 -18.86 3.58
CA MET B 50 -26.47 -17.78 3.74
C MET B 50 -27.16 -16.44 3.62
N LEU B 51 -26.63 -15.46 4.32
CA LEU B 51 -27.26 -14.16 4.39
C LEU B 51 -26.18 -13.09 4.38
N GLY B 52 -26.54 -11.93 3.86
CA GLY B 52 -25.61 -10.83 3.83
C GLY B 52 -25.32 -10.36 2.42
N GLY B 53 -24.25 -10.85 1.84
CA GLY B 53 -23.84 -10.41 0.53
C GLY B 53 -23.68 -8.90 0.45
N SER B 54 -24.77 -8.22 0.07
CA SER B 54 -24.71 -6.77 -0.09
C SER B 54 -24.21 -6.10 1.18
N THR B 55 -23.40 -5.07 1.01
CA THR B 55 -22.87 -4.35 2.16
C THR B 55 -23.87 -3.28 2.61
N THR B 56 -23.38 -2.15 3.11
CA THR B 56 -24.17 -1.02 3.61
C THR B 56 -24.98 -1.37 4.87
N ASP B 57 -26.30 -1.25 4.74
CA ASP B 57 -27.20 -1.16 5.88
C ASP B 57 -27.24 -2.45 6.71
N SER B 58 -27.35 -2.26 8.03
CA SER B 58 -27.50 -3.35 9.00
C SER B 58 -28.93 -3.50 9.53
N SER B 59 -29.71 -2.42 9.51
CA SER B 59 -31.12 -2.52 9.87
C SER B 59 -31.80 -3.64 9.10
N GLU B 60 -31.60 -3.66 7.78
CA GLU B 60 -32.20 -4.69 6.95
C GLU B 60 -31.78 -6.08 7.40
N LEU B 61 -30.52 -6.23 7.79
CA LEU B 61 -30.02 -7.54 8.19
C LEU B 61 -30.80 -8.12 9.36
N ASP B 62 -30.91 -7.35 10.45
CA ASP B 62 -31.42 -7.91 11.69
C ASP B 62 -32.85 -8.42 11.55
N ASN B 63 -33.73 -7.63 10.95
CA ASN B 63 -35.10 -8.11 10.72
C ASN B 63 -35.10 -9.43 9.94
N THR B 64 -34.29 -9.51 8.87
CA THR B 64 -34.29 -10.70 8.04
C THR B 64 -33.73 -11.92 8.78
N ALA B 65 -32.72 -11.71 9.62
CA ALA B 65 -32.23 -12.81 10.45
C ALA B 65 -33.27 -13.21 11.49
N ARG B 66 -33.93 -12.22 12.10
CA ARG B 66 -34.92 -12.49 13.13
C ARG B 66 -36.11 -13.25 12.59
N ALA B 67 -36.51 -12.91 11.35
CA ALA B 67 -37.71 -13.46 10.72
C ALA B 67 -37.49 -14.89 10.24
N LEU B 68 -36.25 -15.24 9.92
CA LEU B 68 -35.97 -16.54 9.33
C LEU B 68 -35.62 -17.60 10.36
N ARG B 69 -34.98 -17.22 11.48
CA ARG B 69 -34.65 -18.17 12.55
C ARG B 69 -35.87 -18.97 12.99
N GLU B 70 -37.03 -18.32 13.07
CA GLU B 70 -38.21 -18.98 13.60
C GLU B 70 -38.87 -19.90 12.56
N ASN B 71 -38.91 -19.48 11.30
CA ASN B 71 -39.73 -20.16 10.31
C ASN B 71 -39.04 -21.32 9.61
N ILE B 72 -37.73 -21.53 9.79
CA ILE B 72 -37.07 -22.58 9.04
C ILE B 72 -36.34 -23.52 9.99
N ASP B 73 -35.99 -24.69 9.46
CA ASP B 73 -35.35 -25.77 10.19
C ASP B 73 -33.89 -26.01 9.82
N VAL B 74 -33.31 -25.18 8.92
CA VAL B 74 -31.95 -25.37 8.42
C VAL B 74 -31.08 -24.19 8.87
N PRO B 75 -29.76 -24.33 8.93
CA PRO B 75 -28.97 -23.28 9.58
C PRO B 75 -28.98 -21.98 8.80
N ILE B 76 -28.88 -20.89 9.54
CA ILE B 76 -28.69 -19.56 8.98
C ILE B 76 -27.22 -19.21 9.15
N ILE B 77 -26.49 -19.10 8.04
CA ILE B 77 -25.06 -18.79 8.06
C ILE B 77 -24.85 -17.38 7.51
N LEU B 78 -24.25 -16.52 8.33
CA LEU B 78 -23.89 -15.17 7.90
C LEU B 78 -22.69 -15.21 6.96
N PHE B 79 -22.73 -14.38 5.94
CA PHE B 79 -21.65 -14.25 4.97
C PHE B 79 -21.40 -12.75 4.98
N PRO B 80 -20.30 -12.28 5.64
CA PRO B 80 -20.04 -10.83 5.75
C PRO B 80 -19.35 -10.27 4.51
N GLY B 81 -20.03 -9.31 3.87
CA GLY B 81 -19.34 -8.47 2.91
C GLY B 81 -18.57 -7.35 3.57
N ASN B 82 -18.91 -7.06 4.82
CA ASN B 82 -18.16 -6.16 5.68
C ASN B 82 -18.56 -6.49 7.12
N THR B 83 -17.95 -5.78 8.07
CA THR B 83 -18.24 -5.96 9.50
C THR B 83 -19.68 -5.63 9.85
N THR B 84 -20.50 -5.29 8.84
CA THR B 84 -21.91 -4.98 9.07
C THR B 84 -22.74 -6.25 9.25
N GLY B 85 -22.47 -7.28 8.45
CA GLY B 85 -23.31 -8.47 8.43
C GLY B 85 -23.10 -9.39 9.61
N VAL B 86 -23.49 -8.94 10.79
CA VAL B 86 -23.46 -9.76 12.01
C VAL B 86 -24.78 -9.57 12.75
N SER B 87 -25.35 -10.67 13.25
CA SER B 87 -26.69 -10.64 13.81
C SER B 87 -26.84 -11.59 15.00
N ARG B 88 -27.70 -11.19 15.95
CA ARG B 88 -28.09 -12.06 17.06
C ARG B 88 -28.60 -13.42 16.58
N TYR B 89 -29.35 -13.43 15.46
CA TYR B 89 -30.22 -14.56 15.13
C TYR B 89 -29.71 -15.45 14.01
N ALA B 90 -28.41 -15.73 13.99
CA ALA B 90 -27.81 -16.63 13.01
C ALA B 90 -27.25 -17.85 13.75
N ASP B 91 -27.13 -18.95 13.04
CA ASP B 91 -26.58 -20.16 13.64
C ASP B 91 -25.06 -20.21 13.63
N ALA B 92 -24.42 -19.49 12.71
CA ALA B 92 -23.00 -19.69 12.43
C ALA B 92 -22.54 -18.65 11.42
N ILE B 93 -21.23 -18.40 11.45
CA ILE B 93 -20.62 -17.36 10.62
C ILE B 93 -19.41 -17.95 9.92
N PHE B 94 -19.30 -17.64 8.63
CA PHE B 94 -18.08 -17.84 7.87
C PHE B 94 -17.13 -16.74 8.29
N PHE B 95 -16.17 -17.07 9.13
CA PHE B 95 -15.23 -16.07 9.63
C PHE B 95 -14.03 -16.14 8.69
N MET B 96 -13.97 -15.18 7.76
CA MET B 96 -13.10 -15.36 6.60
C MET B 96 -12.14 -14.20 6.36
N SER B 97 -10.99 -14.56 5.84
CA SER B 97 -9.99 -13.62 5.36
C SER B 97 -10.09 -13.53 3.82
N LEU B 98 -10.15 -12.32 3.28
CA LEU B 98 -10.12 -12.17 1.84
C LEU B 98 -8.66 -12.26 1.40
N LEU B 99 -8.27 -13.42 0.89
CA LEU B 99 -6.85 -13.78 0.90
C LEU B 99 -6.04 -13.12 -0.22
N ASN B 100 -6.59 -12.90 -1.40
CA ASN B 100 -5.79 -12.20 -2.41
C ASN B 100 -6.20 -10.74 -2.49
N SER B 101 -6.43 -10.17 -1.32
CA SER B 101 -6.56 -8.72 -1.23
C SER B 101 -5.19 -8.09 -1.21
N THR B 102 -5.06 -6.96 -1.90
CA THR B 102 -3.84 -6.16 -1.76
C THR B 102 -3.87 -5.30 -0.51
N ASN B 103 -4.94 -5.34 0.26
CA ASN B 103 -5.21 -4.39 1.35
C ASN B 103 -5.37 -5.16 2.65
N PRO B 104 -4.46 -4.98 3.62
CA PRO B 104 -4.54 -5.80 4.84
C PRO B 104 -5.83 -5.63 5.58
N TYR B 105 -6.60 -4.58 5.34
CA TYR B 105 -7.87 -4.49 6.05
C TYR B 105 -8.75 -5.70 5.78
N TRP B 106 -8.76 -6.21 4.53
CA TRP B 106 -9.63 -7.30 4.13
C TRP B 106 -9.06 -8.66 4.46
N ILE B 107 -7.86 -8.73 5.02
CA ILE B 107 -7.21 -10.00 5.36
C ILE B 107 -7.20 -10.20 6.87
N ILE B 108 -7.11 -9.10 7.63
CA ILE B 108 -7.01 -9.23 9.08
C ILE B 108 -7.53 -7.96 9.76
N GLY B 109 -7.56 -6.85 9.04
CA GLY B 109 -8.12 -5.62 9.56
C GLY B 109 -9.51 -5.80 10.12
N ALA B 110 -10.50 -5.94 9.23
CA ALA B 110 -11.90 -6.05 9.61
C ALA B 110 -12.13 -7.15 10.63
N GLN B 111 -11.57 -8.34 10.39
CA GLN B 111 -11.66 -9.41 11.37
C GLN B 111 -11.10 -8.99 12.72
N ALA B 112 -9.97 -8.27 12.72
CA ALA B 112 -9.47 -7.70 13.97
C ALA B 112 -10.50 -6.76 14.57
N LEU B 113 -11.21 -5.99 13.73
CA LEU B 113 -12.18 -5.00 14.17
C LEU B 113 -13.53 -5.60 14.56
N GLY B 114 -13.78 -6.86 14.24
CA GLY B 114 -15.09 -7.42 14.47
C GLY B 114 -15.04 -8.66 15.32
N ALA B 115 -13.84 -9.02 15.78
CA ALA B 115 -13.67 -10.20 16.61
C ALA B 115 -14.57 -10.17 17.86
N ALA B 116 -14.61 -9.02 18.56
CA ALA B 116 -15.28 -8.96 19.85
C ALA B 116 -16.80 -8.98 19.74
N THR B 117 -17.37 -8.69 18.57
CA THR B 117 -18.81 -8.86 18.37
C THR B 117 -19.15 -10.31 18.03
N VAL B 118 -18.22 -11.03 17.40
CA VAL B 118 -18.37 -12.49 17.29
C VAL B 118 -18.02 -13.17 18.61
N LYS B 119 -17.27 -12.49 19.47
CA LYS B 119 -17.12 -12.92 20.86
C LYS B 119 -18.39 -12.68 21.66
N LYS B 120 -19.14 -11.61 21.36
CA LYS B 120 -20.22 -11.14 22.23
C LYS B 120 -21.45 -12.02 22.09
N MET B 121 -21.78 -12.39 20.86
CA MET B 121 -22.63 -13.54 20.61
C MET B 121 -21.86 -14.81 21.01
N GLY B 122 -22.42 -15.99 20.78
CA GLY B 122 -21.58 -17.15 20.98
C GLY B 122 -21.31 -17.75 19.61
N ILE B 123 -21.55 -16.94 18.57
CA ILE B 123 -21.86 -17.48 17.26
C ILE B 123 -20.80 -18.48 16.83
N GLU B 124 -21.25 -19.62 16.35
CA GLU B 124 -20.31 -20.60 15.82
C GLU B 124 -19.52 -19.97 14.70
N ALA B 125 -18.22 -19.76 14.89
CA ALA B 125 -17.37 -19.09 13.92
C ALA B 125 -16.62 -20.13 13.11
N LEU B 126 -16.92 -20.21 11.83
CA LEU B 126 -16.27 -21.15 10.93
C LEU B 126 -15.07 -20.47 10.27
N PRO B 127 -13.85 -20.92 10.54
CA PRO B 127 -12.66 -20.32 9.93
C PRO B 127 -12.66 -20.56 8.42
N MET B 128 -12.67 -19.49 7.64
CA MET B 128 -12.79 -19.66 6.20
C MET B 128 -11.74 -18.85 5.43
N GLY B 129 -11.10 -19.50 4.46
CA GLY B 129 -10.30 -18.80 3.49
C GLY B 129 -11.16 -18.36 2.33
N TYR B 130 -11.09 -17.09 1.96
CA TYR B 130 -11.91 -16.51 0.90
C TYR B 130 -11.00 -16.01 -0.22
N LEU B 131 -11.11 -16.64 -1.40
CA LEU B 131 -10.24 -16.42 -2.54
C LEU B 131 -11.06 -16.02 -3.75
N VAL B 132 -10.83 -14.82 -4.28
CA VAL B 132 -11.56 -14.38 -5.48
C VAL B 132 -10.83 -14.87 -6.73
N VAL B 133 -11.57 -15.56 -7.61
CA VAL B 133 -11.12 -16.04 -8.92
C VAL B 133 -11.64 -15.10 -9.99
N GLU B 134 -10.84 -14.89 -11.04
CA GLU B 134 -11.26 -14.11 -12.21
C GLU B 134 -12.58 -14.62 -12.76
N PRO B 135 -13.53 -13.72 -13.11
CA PRO B 135 -13.38 -12.27 -13.13
C PRO B 135 -13.39 -11.58 -11.75
N GLY B 136 -13.77 -12.31 -10.70
CA GLY B 136 -14.14 -11.67 -9.46
C GLY B 136 -15.55 -11.19 -9.58
N GLY B 137 -15.82 -9.97 -9.14
CA GLY B 137 -17.08 -9.37 -9.49
C GLY B 137 -17.22 -8.02 -8.85
N THR B 138 -18.36 -7.77 -8.22
CA THR B 138 -18.41 -6.69 -7.25
C THR B 138 -17.34 -6.90 -6.18
N VAL B 139 -17.33 -8.07 -5.55
CA VAL B 139 -16.35 -8.32 -4.50
C VAL B 139 -14.94 -8.27 -5.08
N GLY B 140 -14.80 -8.31 -6.39
CA GLY B 140 -13.52 -8.06 -7.02
C GLY B 140 -12.96 -6.68 -6.68
N ALA B 141 -13.60 -5.63 -7.21
CA ALA B 141 -13.11 -4.28 -6.94
C ALA B 141 -13.39 -3.83 -5.51
N VAL B 142 -14.46 -4.32 -4.89
CA VAL B 142 -14.83 -3.84 -3.55
C VAL B 142 -13.76 -4.17 -2.53
N GLY B 143 -13.14 -5.36 -2.63
CA GLY B 143 -12.18 -5.78 -1.63
C GLY B 143 -10.72 -5.65 -2.02
N ASP B 144 -10.41 -4.79 -2.99
CA ASP B 144 -9.04 -4.59 -3.47
C ASP B 144 -8.37 -5.92 -3.77
N THR B 145 -9.10 -6.76 -4.50
CA THR B 145 -8.63 -8.09 -4.84
C THR B 145 -7.46 -8.00 -5.79
N LYS B 146 -6.81 -9.15 -5.96
CA LYS B 146 -5.97 -9.47 -7.12
C LYS B 146 -6.51 -10.80 -7.59
N PRO B 147 -7.58 -10.79 -8.40
CA PRO B 147 -8.32 -12.04 -8.72
C PRO B 147 -7.42 -13.08 -9.38
N VAL B 148 -7.36 -14.25 -8.76
CA VAL B 148 -6.60 -15.37 -9.32
C VAL B 148 -7.07 -15.67 -10.74
N PRO B 149 -6.19 -15.58 -11.73
CA PRO B 149 -6.58 -15.92 -13.10
C PRO B 149 -7.06 -17.36 -13.22
N ARG B 150 -7.98 -17.60 -14.16
CA ARG B 150 -8.47 -18.95 -14.32
C ARG B 150 -7.38 -19.91 -14.76
N ASN B 151 -6.30 -19.37 -15.30
CA ASN B 151 -5.23 -20.13 -15.93
C ASN B 151 -4.15 -20.55 -14.95
N LYS B 152 -4.29 -20.18 -13.67
CA LYS B 152 -3.25 -20.44 -12.67
C LYS B 152 -3.83 -21.26 -11.53
N PRO B 153 -4.24 -22.50 -11.79
CA PRO B 153 -4.66 -23.35 -10.67
C PRO B 153 -3.59 -23.49 -9.58
N ASP B 154 -2.30 -23.34 -9.93
CA ASP B 154 -1.25 -23.44 -8.92
C ASP B 154 -1.41 -22.37 -7.84
N ILE B 155 -1.71 -21.15 -8.27
CA ILE B 155 -1.80 -20.03 -7.34
C ILE B 155 -2.93 -20.25 -6.35
N ALA B 156 -4.11 -20.66 -6.85
CA ALA B 156 -5.22 -20.93 -5.94
C ALA B 156 -4.87 -22.05 -4.96
N ALA B 157 -4.21 -23.10 -5.45
CA ALA B 157 -3.84 -24.18 -4.55
C ALA B 157 -2.86 -23.72 -3.46
N ALA B 158 -1.94 -22.78 -3.77
CA ALA B 158 -0.94 -22.36 -2.79
C ALA B 158 -1.60 -21.61 -1.62
N TYR B 159 -2.43 -20.61 -1.93
CA TYR B 159 -3.25 -19.98 -0.91
C TYR B 159 -4.02 -21.02 -0.08
N ALA B 160 -4.58 -22.05 -0.73
CA ALA B 160 -5.43 -23.01 -0.02
C ALA B 160 -4.64 -23.78 1.03
N MET B 161 -3.46 -24.30 0.65
CA MET B 161 -2.58 -24.95 1.63
C MET B 161 -2.20 -23.99 2.77
N ALA B 162 -2.01 -22.72 2.44
CA ALA B 162 -1.64 -21.73 3.45
C ALA B 162 -2.77 -21.53 4.46
N ALA B 163 -3.94 -21.08 4.00
CA ALA B 163 -5.10 -21.05 4.89
C ALA B 163 -5.25 -22.36 5.67
N GLU B 164 -5.06 -23.50 5.01
CA GLU B 164 -5.12 -24.77 5.75
C GLU B 164 -4.09 -24.76 6.87
N PHE B 165 -2.87 -24.27 6.58
CA PHE B 165 -1.80 -24.35 7.58
C PHE B 165 -1.98 -23.35 8.72
N LEU B 166 -2.57 -22.20 8.45
CA LEU B 166 -2.96 -21.24 9.48
C LEU B 166 -4.19 -21.67 10.30
N GLY B 167 -4.76 -22.87 10.08
CA GLY B 167 -5.97 -23.27 10.78
C GLY B 167 -7.29 -22.93 10.10
N MET B 168 -7.28 -22.43 8.87
CA MET B 168 -8.52 -22.08 8.18
C MET B 168 -9.11 -23.33 7.54
N ARG B 169 -10.03 -23.98 8.28
CA ARG B 169 -10.58 -25.30 7.99
C ARG B 169 -11.46 -25.35 6.74
N LEU B 170 -11.96 -24.20 6.27
CA LEU B 170 -12.87 -24.12 5.14
C LEU B 170 -12.26 -23.23 4.09
N PHE B 171 -12.38 -23.62 2.81
CA PHE B 171 -11.96 -22.79 1.71
C PHE B 171 -13.14 -22.36 0.86
N TYR B 172 -12.98 -21.23 0.18
CA TYR B 172 -14.06 -20.64 -0.62
C TYR B 172 -13.43 -20.01 -1.85
N LEU B 173 -13.52 -20.69 -2.99
CA LEU B 173 -13.23 -20.09 -4.29
C LEU B 173 -14.46 -19.30 -4.70
N GLU B 174 -14.31 -18.01 -4.92
CA GLU B 174 -15.46 -17.17 -5.21
C GLU B 174 -15.26 -16.62 -6.60
N ALA B 175 -16.20 -16.90 -7.50
CA ALA B 175 -16.02 -16.41 -8.86
C ALA B 175 -16.83 -15.16 -9.15
N GLY B 176 -17.70 -14.77 -8.22
CA GLY B 176 -18.46 -13.54 -8.31
C GLY B 176 -19.95 -13.76 -8.55
N SER B 177 -20.76 -13.03 -7.82
CA SER B 177 -22.14 -12.87 -8.24
C SER B 177 -22.13 -12.16 -9.58
N GLY B 178 -22.59 -12.85 -10.62
CA GLY B 178 -22.61 -12.31 -11.97
C GLY B 178 -21.61 -12.93 -12.93
N ALA B 179 -20.66 -13.72 -12.43
CA ALA B 179 -19.70 -14.43 -13.26
C ALA B 179 -20.41 -15.10 -14.46
N PRO B 180 -19.88 -14.94 -15.68
CA PRO B 180 -20.46 -15.65 -16.84
C PRO B 180 -20.03 -17.10 -16.87
N GLU B 181 -18.90 -17.39 -16.25
CA GLU B 181 -18.42 -18.75 -16.10
C GLU B 181 -18.04 -18.99 -14.66
N HIS B 182 -18.58 -20.05 -14.09
CA HIS B 182 -18.17 -20.55 -12.79
C HIS B 182 -16.68 -20.81 -12.76
N VAL B 183 -16.15 -21.18 -11.60
CA VAL B 183 -14.72 -21.46 -11.46
C VAL B 183 -14.36 -22.68 -12.31
N PRO B 184 -13.16 -22.75 -12.91
CA PRO B 184 -12.78 -23.98 -13.62
C PRO B 184 -12.63 -25.16 -12.67
N GLU B 185 -13.13 -26.32 -13.12
CA GLU B 185 -13.04 -27.58 -12.38
C GLU B 185 -11.61 -28.07 -12.19
N GLU B 186 -10.63 -27.51 -12.91
CA GLU B 186 -9.25 -27.90 -12.60
C GLU B 186 -8.72 -27.20 -11.34
N MET B 187 -9.16 -25.96 -11.08
CA MET B 187 -8.77 -25.27 -9.86
C MET B 187 -9.52 -25.80 -8.66
N ILE B 188 -10.78 -26.24 -8.84
CA ILE B 188 -11.53 -26.81 -7.72
C ILE B 188 -10.92 -28.16 -7.31
N ALA B 189 -10.52 -28.97 -8.30
CA ALA B 189 -10.02 -30.31 -8.00
C ALA B 189 -8.56 -30.32 -7.57
N LEU B 190 -7.79 -29.29 -7.93
CA LEU B 190 -6.45 -29.15 -7.38
C LEU B 190 -6.49 -28.72 -5.92
N VAL B 191 -7.23 -27.65 -5.63
CA VAL B 191 -7.38 -27.21 -4.25
C VAL B 191 -7.84 -28.38 -3.38
N LYS B 192 -8.76 -29.21 -3.89
CA LYS B 192 -9.30 -30.30 -3.09
C LYS B 192 -8.26 -31.40 -2.88
N ARG B 193 -7.41 -31.64 -3.86
CA ARG B 193 -6.32 -32.61 -3.72
C ARG B 193 -5.21 -32.08 -2.85
N CYS B 194 -5.09 -30.76 -2.70
CA CYS B 194 -3.97 -30.24 -1.95
C CYS B 194 -4.25 -30.10 -0.45
N THR B 195 -5.48 -29.71 -0.06
CA THR B 195 -5.85 -29.49 1.34
C THR B 195 -6.90 -30.50 1.80
N ASP B 196 -7.29 -30.39 3.07
CA ASP B 196 -8.40 -31.14 3.66
C ASP B 196 -9.60 -30.25 3.97
N GLN B 197 -9.60 -29.01 3.50
CA GLN B 197 -10.63 -28.04 3.85
C GLN B 197 -11.96 -28.39 3.20
N ILE B 198 -13.04 -28.08 3.91
CA ILE B 198 -14.38 -28.13 3.33
C ILE B 198 -14.40 -27.09 2.20
N LEU B 199 -14.38 -27.58 0.98
CA LEU B 199 -14.20 -26.74 -0.21
C LEU B 199 -15.54 -26.18 -0.65
N ILE B 200 -15.62 -24.86 -0.73
CA ILE B 200 -16.85 -24.17 -1.07
C ILE B 200 -16.58 -23.39 -2.34
N VAL B 201 -17.50 -23.48 -3.30
CA VAL B 201 -17.39 -22.82 -4.59
C VAL B 201 -18.64 -22.00 -4.81
N GLY B 202 -18.48 -20.86 -5.46
CA GLY B 202 -19.67 -20.07 -5.72
C GLY B 202 -19.49 -19.11 -6.87
N GLY B 203 -20.60 -18.49 -7.24
CA GLY B 203 -20.61 -17.53 -8.34
C GLY B 203 -20.74 -18.17 -9.71
N GLY B 204 -21.67 -17.68 -10.52
CA GLY B 204 -21.78 -18.21 -11.87
C GLY B 204 -22.36 -19.61 -11.98
N ILE B 205 -23.00 -20.12 -10.92
CA ILE B 205 -23.65 -21.43 -10.95
C ILE B 205 -25.15 -21.20 -11.00
N ARG B 206 -25.78 -21.57 -12.13
CA ARG B 206 -27.16 -21.24 -12.45
C ARG B 206 -27.91 -22.41 -13.07
N SER B 207 -27.25 -23.53 -13.32
CA SER B 207 -27.87 -24.70 -13.90
C SER B 207 -27.49 -25.94 -13.11
N GLY B 208 -28.17 -27.04 -13.41
CA GLY B 208 -27.83 -28.30 -12.80
C GLY B 208 -26.55 -28.89 -13.35
N GLU B 209 -26.25 -28.65 -14.62
CA GLU B 209 -24.93 -29.10 -15.08
C GLU B 209 -23.87 -28.13 -14.65
N ASP B 210 -24.24 -26.85 -14.42
CA ASP B 210 -23.38 -25.90 -13.70
C ASP B 210 -22.97 -26.47 -12.36
N ALA B 211 -23.95 -26.76 -11.51
CA ALA B 211 -23.66 -27.38 -10.22
C ALA B 211 -23.15 -28.81 -10.35
N ALA B 212 -23.16 -29.39 -11.54
CA ALA B 212 -22.54 -30.70 -11.67
C ALA B 212 -21.02 -30.57 -11.80
N ARG B 213 -20.57 -29.70 -12.71
CA ARG B 213 -19.14 -29.45 -12.91
C ARG B 213 -18.47 -29.06 -11.59
N VAL B 214 -18.99 -28.02 -10.94
CA VAL B 214 -18.48 -27.63 -9.63
C VAL B 214 -18.44 -28.83 -8.68
N ALA B 215 -19.54 -29.59 -8.62
CA ALA B 215 -19.61 -30.68 -7.65
C ALA B 215 -18.72 -31.84 -8.05
N GLY B 216 -18.78 -32.25 -9.32
CA GLY B 216 -18.04 -33.43 -9.75
C GLY B 216 -16.54 -33.31 -9.57
N ALA B 217 -16.02 -32.09 -9.52
CA ALA B 217 -14.57 -31.90 -9.47
C ALA B 217 -14.02 -32.00 -8.07
N GLY B 218 -14.85 -31.81 -7.03
CA GLY B 218 -14.31 -31.84 -5.68
C GLY B 218 -15.15 -31.10 -4.66
N ALA B 219 -15.69 -29.95 -5.09
CA ALA B 219 -16.47 -29.06 -4.24
C ALA B 219 -17.34 -29.79 -3.23
N ASP B 220 -17.12 -29.49 -1.94
CA ASP B 220 -17.96 -30.06 -0.91
C ASP B 220 -19.25 -29.29 -0.77
N VAL B 221 -19.23 -28.00 -1.08
CA VAL B 221 -20.35 -27.12 -0.83
C VAL B 221 -20.56 -26.28 -2.08
N VAL B 222 -21.82 -26.12 -2.49
CA VAL B 222 -22.17 -25.31 -3.64
C VAL B 222 -23.12 -24.21 -3.19
N VAL B 223 -22.86 -23.00 -3.65
CA VAL B 223 -23.59 -21.82 -3.24
C VAL B 223 -24.23 -21.21 -4.47
N THR B 224 -25.49 -20.77 -4.35
CA THR B 224 -26.11 -19.96 -5.42
C THR B 224 -26.94 -18.83 -4.86
N PHE C 2 29.83 27.61 -14.55
CA PHE C 2 29.44 26.21 -14.61
C PHE C 2 30.16 25.46 -15.74
N LYS C 3 30.44 24.16 -15.52
CA LYS C 3 31.17 23.32 -16.48
C LYS C 3 31.40 21.92 -15.92
N MET C 4 32.05 21.04 -16.69
CA MET C 4 32.52 19.70 -16.29
C MET C 4 31.45 18.81 -15.65
N LYS C 5 31.72 17.51 -15.53
CA LYS C 5 30.83 16.60 -14.82
C LYS C 5 30.96 16.81 -13.33
N VAL C 6 29.82 16.79 -12.62
CA VAL C 6 29.91 17.03 -11.19
C VAL C 6 30.49 15.82 -10.48
N GLU C 7 30.13 14.62 -10.89
CA GLU C 7 30.65 13.46 -10.19
C GLU C 7 32.19 13.41 -10.27
N ASP C 8 32.75 13.83 -11.39
CA ASP C 8 34.20 13.83 -11.49
C ASP C 8 34.82 15.06 -10.85
N TYR C 9 34.05 16.15 -10.76
CA TYR C 9 34.37 17.22 -9.85
C TYR C 9 34.39 16.73 -8.41
N PHE C 10 33.34 16.02 -8.01
CA PHE C 10 33.26 15.45 -6.67
C PHE C 10 34.45 14.54 -6.39
N HIS C 11 34.65 13.53 -7.23
CA HIS C 11 35.73 12.56 -7.01
C HIS C 11 37.10 13.23 -6.86
N ASP C 12 37.26 14.47 -7.34
CA ASP C 12 38.54 15.15 -7.27
C ASP C 12 38.74 15.88 -5.95
N ILE C 13 37.70 16.52 -5.41
CA ILE C 13 37.78 17.07 -4.05
C ILE C 13 38.07 15.98 -3.04
N LEU C 14 37.55 14.78 -3.25
CA LEU C 14 37.72 13.69 -2.29
C LEU C 14 39.12 13.07 -2.32
N ARG C 15 39.93 13.38 -3.33
CA ARG C 15 41.35 13.05 -3.21
C ARG C 15 42.03 13.97 -2.21
N GLU C 16 41.39 15.07 -1.83
CA GLU C 16 41.98 16.09 -0.96
C GLU C 16 41.21 16.25 0.34
N ARG C 17 39.92 16.55 0.28
CA ARG C 17 39.12 16.85 1.45
C ARG C 17 37.72 16.34 1.19
N LYS C 18 36.75 16.86 1.94
CA LYS C 18 35.35 16.55 1.79
C LYS C 18 34.65 17.72 1.10
N ILE C 19 33.39 17.50 0.73
CA ILE C 19 32.62 18.41 -0.11
C ILE C 19 31.47 18.98 0.73
N HIS C 20 31.34 20.30 0.75
CA HIS C 20 30.17 20.90 1.36
C HIS C 20 29.30 21.50 0.28
N LEU C 21 27.99 21.31 0.39
CA LEU C 21 27.05 21.83 -0.59
C LEU C 21 26.05 22.70 0.13
N THR C 22 25.92 23.95 -0.32
CA THR C 22 24.86 24.82 0.15
C THR C 22 23.56 24.51 -0.57
N LEU C 23 22.51 24.24 0.21
CA LEU C 23 21.19 23.89 -0.32
C LEU C 23 20.29 25.11 -0.24
N ILE C 24 19.80 25.58 -1.38
CA ILE C 24 18.90 26.72 -1.42
C ILE C 24 17.55 26.28 -1.96
N ASP C 25 16.48 26.52 -1.20
CA ASP C 25 15.13 26.34 -1.71
C ASP C 25 14.75 27.59 -2.47
N PRO C 26 14.59 27.54 -3.80
CA PRO C 26 14.33 28.77 -4.58
C PRO C 26 12.90 29.29 -4.49
N GLU C 27 11.99 28.51 -3.90
CA GLU C 27 10.67 29.01 -3.57
C GLU C 27 10.67 29.89 -2.33
N GLU C 28 11.81 29.94 -1.61
CA GLU C 28 11.99 30.66 -0.36
C GLU C 28 12.58 32.05 -0.53
N GLN C 29 13.08 32.37 -1.72
CA GLN C 29 13.51 33.72 -2.05
C GLN C 29 13.52 33.85 -3.57
N THR C 30 13.32 35.06 -4.06
CA THR C 30 13.46 35.29 -5.48
C THR C 30 14.92 35.10 -5.88
N PRO C 31 15.19 34.78 -7.15
CA PRO C 31 16.57 34.52 -7.58
C PRO C 31 17.61 35.56 -7.16
N GLU C 32 17.24 36.84 -7.07
CA GLU C 32 18.22 37.90 -6.83
C GLU C 32 19.05 37.66 -5.56
N GLU C 33 18.45 37.08 -4.50
CA GLU C 33 19.21 36.83 -3.28
C GLU C 33 20.02 35.56 -3.36
N ALA C 34 19.54 34.58 -4.12
CA ALA C 34 20.20 33.29 -4.12
C ALA C 34 21.66 33.42 -4.56
N VAL C 35 21.95 34.38 -5.44
CA VAL C 35 23.33 34.62 -5.89
C VAL C 35 24.13 35.28 -4.79
N GLU C 36 23.52 36.18 -4.02
CA GLU C 36 24.15 36.68 -2.81
C GLU C 36 24.31 35.57 -1.78
N ILE C 37 23.24 34.82 -1.52
CA ILE C 37 23.36 33.62 -0.71
C ILE C 37 24.45 32.71 -1.27
N ALA C 38 24.60 32.66 -2.60
CA ALA C 38 25.60 31.84 -3.25
C ALA C 38 27.01 32.38 -3.01
N ARG C 39 27.30 33.57 -3.55
CA ARG C 39 28.59 34.20 -3.30
C ARG C 39 28.93 34.19 -1.81
N ALA C 40 27.93 34.36 -0.95
CA ALA C 40 28.15 34.13 0.48
C ALA C 40 28.64 32.71 0.69
N ALA C 41 27.87 31.73 0.22
CA ALA C 41 28.30 30.35 0.39
C ALA C 41 29.70 30.17 -0.17
N ILE C 42 29.96 30.77 -1.32
CA ILE C 42 31.25 30.61 -2.00
C ILE C 42 32.34 31.44 -1.33
N ARG C 43 31.97 32.48 -0.58
CA ARG C 43 32.94 33.12 0.31
C ARG C 43 33.36 32.18 1.44
N GLY C 44 32.39 31.56 2.10
CA GLY C 44 32.67 30.33 2.82
C GLY C 44 33.17 29.25 1.87
N GLY C 45 33.76 28.22 2.43
CA GLY C 45 34.41 27.27 1.54
C GLY C 45 33.49 26.38 0.71
N THR C 46 32.38 26.91 0.18
CA THR C 46 31.43 25.99 -0.43
C THR C 46 31.93 25.46 -1.77
N ASP C 47 31.38 24.31 -2.15
CA ASP C 47 31.75 23.63 -3.38
C ASP C 47 30.56 23.45 -4.31
N GLY C 48 29.40 23.98 -3.99
CA GLY C 48 28.30 23.77 -4.91
C GLY C 48 26.97 24.06 -4.25
N ILE C 49 25.96 24.16 -5.12
CA ILE C 49 24.65 24.71 -4.78
C ILE C 49 23.58 23.72 -5.19
N MET C 50 22.62 23.48 -4.31
CA MET C 50 21.49 22.65 -4.69
C MET C 50 20.16 23.31 -4.37
N LEU C 51 19.22 23.20 -5.32
CA LEU C 51 17.90 23.81 -5.27
C LEU C 51 16.84 22.71 -5.18
N GLY C 52 15.93 22.83 -4.22
CA GLY C 52 14.87 21.86 -4.05
C GLY C 52 13.96 22.03 -2.83
N SER C 59 8.04 27.96 -11.16
CA SER C 59 9.16 28.26 -12.03
C SER C 59 10.21 29.10 -11.33
N GLU C 60 9.83 29.68 -10.18
CA GLU C 60 10.81 30.33 -9.31
C GLU C 60 11.98 29.42 -9.01
N LEU C 61 11.83 28.10 -9.25
CA LEU C 61 12.97 27.20 -9.27
C LEU C 61 13.76 27.36 -10.57
N ASP C 62 13.06 27.29 -11.70
CA ASP C 62 13.75 27.43 -12.98
C ASP C 62 14.39 28.80 -13.12
N ASN C 63 13.80 29.83 -12.51
CA ASN C 63 14.36 31.18 -12.65
C ASN C 63 15.65 31.33 -11.87
N THR C 64 15.80 30.63 -10.74
CA THR C 64 16.99 30.79 -9.92
C THR C 64 18.23 30.22 -10.58
N ALA C 65 18.19 28.92 -10.91
CA ALA C 65 19.33 28.27 -11.55
C ALA C 65 19.78 29.04 -12.79
N ARG C 66 18.84 29.71 -13.46
CA ARG C 66 19.14 30.53 -14.63
C ARG C 66 20.27 31.52 -14.33
N ALA C 67 20.11 32.29 -13.26
CA ALA C 67 21.14 33.20 -12.77
C ALA C 67 22.47 32.48 -12.56
N LEU C 68 22.63 31.88 -11.37
CA LEU C 68 23.84 31.23 -10.85
C LEU C 68 24.88 30.84 -11.89
N ARG C 69 24.47 30.01 -12.85
CA ARG C 69 25.34 29.49 -13.89
C ARG C 69 26.25 30.57 -14.47
N GLU C 70 25.71 31.79 -14.57
CA GLU C 70 26.39 32.91 -15.19
C GLU C 70 27.16 33.74 -14.19
N ASN C 71 27.21 33.32 -12.91
CA ASN C 71 27.85 34.14 -11.89
C ASN C 71 28.82 33.40 -10.99
N ILE C 72 28.82 32.07 -11.01
CA ILE C 72 29.51 31.26 -10.01
C ILE C 72 30.27 30.18 -10.76
N ASP C 73 31.30 29.64 -10.13
CA ASP C 73 32.12 28.63 -10.78
C ASP C 73 32.10 27.29 -10.04
N VAL C 74 30.99 26.97 -9.38
CA VAL C 74 30.76 25.65 -8.76
C VAL C 74 29.45 25.08 -9.31
N PRO C 75 29.29 23.74 -9.43
CA PRO C 75 28.09 23.20 -10.09
C PRO C 75 26.81 23.64 -9.42
N ILE C 76 25.74 23.68 -10.21
CA ILE C 76 24.39 23.79 -9.67
C ILE C 76 23.75 22.42 -9.75
N ILE C 77 23.40 21.83 -8.60
CA ILE C 77 22.89 20.45 -8.57
C ILE C 77 21.41 20.48 -8.20
N LEU C 78 20.61 19.69 -8.89
CA LEU C 78 19.19 19.61 -8.55
C LEU C 78 18.95 18.56 -7.47
N PHE C 79 18.08 18.95 -6.51
CA PHE C 79 17.68 18.12 -5.38
C PHE C 79 16.15 18.08 -5.34
N PRO C 80 15.53 17.30 -6.23
CA PRO C 80 14.08 17.37 -6.40
C PRO C 80 13.36 16.44 -5.43
N GLY C 81 12.12 16.79 -5.15
CA GLY C 81 11.30 15.93 -4.32
C GLY C 81 10.16 15.33 -5.11
N ASN C 82 9.62 16.12 -6.04
CA ASN C 82 8.43 15.72 -6.77
C ASN C 82 8.75 15.46 -8.25
N THR C 83 8.06 16.20 -9.12
CA THR C 83 8.35 16.24 -10.53
C THR C 83 8.66 17.65 -11.00
N THR C 84 8.49 18.65 -10.13
CA THR C 84 8.78 20.04 -10.46
C THR C 84 10.27 20.31 -10.53
N GLY C 85 11.07 19.59 -9.73
CA GLY C 85 12.44 19.97 -9.50
C GLY C 85 13.41 19.79 -10.66
N VAL C 86 12.94 19.87 -11.90
CA VAL C 86 13.78 19.73 -13.08
C VAL C 86 13.77 21.05 -13.85
N SER C 87 14.94 21.63 -14.08
CA SER C 87 15.12 22.77 -14.95
C SER C 87 16.36 22.54 -15.81
N ARG C 88 16.27 22.91 -17.09
CA ARG C 88 17.36 22.83 -18.07
C ARG C 88 18.62 23.66 -17.67
N TYR C 89 18.73 24.19 -16.46
CA TYR C 89 19.75 25.18 -16.14
C TYR C 89 20.68 24.75 -15.00
N ALA C 90 20.78 23.46 -14.71
CA ALA C 90 21.68 22.98 -13.68
C ALA C 90 22.78 22.13 -14.29
N ASP C 91 23.94 22.13 -13.64
CA ASP C 91 25.05 21.32 -14.13
C ASP C 91 24.71 19.83 -14.04
N ALA C 92 23.91 19.43 -13.05
CA ALA C 92 23.58 18.02 -12.80
C ALA C 92 22.44 17.95 -11.79
N ILE C 93 22.03 16.71 -11.49
CA ILE C 93 20.81 16.44 -10.73
C ILE C 93 21.01 15.20 -9.88
N PHE C 94 20.48 15.25 -8.66
CA PHE C 94 20.39 14.09 -7.78
C PHE C 94 19.18 13.25 -8.18
N PHE C 95 19.42 12.18 -8.94
CA PHE C 95 18.35 11.30 -9.40
C PHE C 95 18.22 10.22 -8.35
N MET C 96 17.29 10.43 -7.42
CA MET C 96 17.31 9.71 -6.17
C MET C 96 15.99 8.98 -5.95
N SER C 97 16.09 7.85 -5.28
CA SER C 97 14.93 7.03 -4.94
C SER C 97 14.75 7.05 -3.43
N LEU C 98 13.65 7.64 -2.97
CA LEU C 98 13.34 7.62 -1.55
C LEU C 98 13.24 6.19 -1.05
N LEU C 99 14.34 5.64 -0.57
CA LEU C 99 14.43 4.20 -0.36
C LEU C 99 13.34 3.70 0.58
N ASN C 100 13.32 4.18 1.83
CA ASN C 100 12.38 3.65 2.82
C ASN C 100 11.01 4.30 2.76
N SER C 101 10.57 4.74 1.58
CA SER C 101 9.17 5.13 1.45
C SER C 101 8.26 3.91 1.54
N THR C 102 6.98 4.15 1.84
CA THR C 102 6.03 3.05 1.97
C THR C 102 5.10 2.97 0.77
N ASN C 103 5.02 4.02 0.00
CA ASN C 103 4.32 4.17 -1.26
C ASN C 103 5.34 4.03 -2.39
N PRO C 104 5.08 3.18 -3.39
CA PRO C 104 6.07 3.01 -4.48
C PRO C 104 6.34 4.25 -5.32
N TYR C 105 5.46 5.27 -5.27
CA TYR C 105 5.67 6.49 -6.04
C TYR C 105 7.03 7.13 -5.76
N TRP C 106 7.47 7.17 -4.49
CA TRP C 106 8.73 7.85 -4.13
C TRP C 106 9.93 6.96 -4.35
N ILE C 107 9.73 5.67 -4.60
CA ILE C 107 10.84 4.81 -4.95
C ILE C 107 11.09 4.84 -6.46
N ILE C 108 10.05 4.62 -7.27
CA ILE C 108 10.28 4.31 -8.69
C ILE C 108 9.28 5.03 -9.58
N GLY C 109 8.04 5.16 -9.11
CA GLY C 109 7.00 5.83 -9.88
C GLY C 109 7.42 7.20 -10.33
N ALA C 110 7.61 8.12 -9.39
CA ALA C 110 7.83 9.52 -9.75
C ALA C 110 9.12 9.71 -10.52
N GLN C 111 10.10 8.82 -10.30
CA GLN C 111 11.25 8.75 -11.19
C GLN C 111 10.80 8.44 -12.62
N ALA C 112 10.07 7.34 -12.81
CA ALA C 112 9.62 6.95 -14.15
C ALA C 112 8.77 8.01 -14.83
N LEU C 113 7.94 8.74 -14.07
CA LEU C 113 7.17 9.81 -14.71
C LEU C 113 8.07 10.94 -15.16
N GLY C 114 9.11 11.24 -14.40
CA GLY C 114 10.01 12.33 -14.70
C GLY C 114 11.27 11.98 -15.43
N ALA C 115 11.46 10.71 -15.84
CA ALA C 115 12.71 10.33 -16.48
C ALA C 115 12.88 10.96 -17.86
N ALA C 116 11.78 11.29 -18.54
CA ALA C 116 11.86 11.82 -19.90
C ALA C 116 12.12 13.33 -19.96
N THR C 117 11.84 14.07 -18.89
CA THR C 117 12.34 15.44 -18.82
C THR C 117 13.86 15.44 -18.63
N VAL C 118 14.37 14.52 -17.79
CA VAL C 118 15.80 14.48 -17.50
C VAL C 118 16.60 14.11 -18.76
N LYS C 119 16.06 13.22 -19.59
CA LYS C 119 16.77 12.93 -20.83
C LYS C 119 16.64 14.08 -21.80
N LYS C 120 15.44 14.64 -21.94
CA LYS C 120 15.26 15.75 -22.88
C LYS C 120 16.18 16.90 -22.52
N MET C 121 16.27 17.24 -21.25
CA MET C 121 17.21 18.26 -20.79
C MET C 121 18.51 17.57 -20.44
N GLY C 122 19.54 17.78 -21.25
CA GLY C 122 20.76 16.98 -21.17
C GLY C 122 21.56 17.04 -19.89
N ILE C 123 20.86 17.09 -18.75
CA ILE C 123 21.51 17.25 -17.47
C ILE C 123 22.20 15.95 -17.06
N GLU C 124 23.38 16.08 -16.45
CA GLU C 124 24.05 14.92 -15.87
C GLU C 124 23.21 14.40 -14.72
N ALA C 125 23.03 13.09 -14.66
CA ALA C 125 22.11 12.49 -13.70
C ALA C 125 22.90 11.60 -12.75
N LEU C 126 22.80 11.89 -11.43
CA LEU C 126 23.55 11.10 -10.49
C LEU C 126 22.60 10.07 -9.88
N PRO C 127 22.94 8.78 -9.94
CA PRO C 127 22.13 7.77 -9.24
C PRO C 127 22.39 7.83 -7.74
N MET C 128 21.33 8.06 -6.97
CA MET C 128 21.48 8.35 -5.54
C MET C 128 20.40 7.65 -4.75
N GLY C 129 20.77 6.69 -3.90
CA GLY C 129 19.86 6.27 -2.86
C GLY C 129 19.63 7.39 -1.84
N TYR C 130 18.36 7.60 -1.45
CA TYR C 130 17.99 8.66 -0.52
C TYR C 130 17.17 8.07 0.62
N LEU C 131 17.68 8.16 1.85
CA LEU C 131 17.14 7.38 2.95
C LEU C 131 16.88 8.25 4.16
N VAL C 132 15.67 8.22 4.69
CA VAL C 132 15.28 9.16 5.74
C VAL C 132 15.59 8.58 7.10
N VAL C 133 16.01 9.45 8.02
CA VAL C 133 16.41 9.08 9.37
C VAL C 133 15.51 9.77 10.37
N GLU C 134 15.16 9.05 11.43
CA GLU C 134 14.50 9.54 12.64
C GLU C 134 15.10 10.88 13.04
N PRO C 135 14.29 11.96 13.19
CA PRO C 135 12.83 12.08 13.06
C PRO C 135 12.36 12.34 11.61
N GLY C 136 13.23 12.94 10.79
CA GLY C 136 13.01 13.08 9.38
C GLY C 136 12.53 14.45 8.94
N GLY C 137 12.09 15.31 9.85
CA GLY C 137 11.53 16.55 9.36
C GLY C 137 10.21 16.27 8.69
N THR C 138 9.78 17.21 7.84
CA THR C 138 8.49 17.08 7.17
C THR C 138 8.43 15.86 6.27
N VAL C 139 9.55 15.45 5.66
CA VAL C 139 9.44 14.21 4.88
C VAL C 139 9.35 13.01 5.82
N GLY C 140 9.89 13.10 7.03
CA GLY C 140 9.67 12.07 8.05
C GLY C 140 8.22 11.66 8.32
N THR C 145 6.61 7.29 3.83
CA THR C 145 7.89 7.36 4.56
C THR C 145 7.96 6.65 5.93
N LYS C 146 8.99 5.84 6.17
CA LYS C 146 9.16 5.14 7.45
C LYS C 146 10.59 5.30 7.93
N PRO C 147 10.86 6.37 8.71
CA PRO C 147 12.26 6.74 8.99
C PRO C 147 12.97 5.67 9.80
N VAL C 148 14.22 5.40 9.42
CA VAL C 148 15.00 4.43 10.19
C VAL C 148 15.17 4.95 11.60
N PRO C 149 14.85 4.16 12.62
CA PRO C 149 15.16 4.55 14.00
C PRO C 149 16.63 4.97 14.13
N ARG C 150 16.89 5.92 15.03
CA ARG C 150 18.25 6.43 15.17
C ARG C 150 19.21 5.40 15.76
N ASN C 151 18.70 4.25 16.24
CA ASN C 151 19.52 3.24 16.88
C ASN C 151 19.49 1.90 16.15
N LYS C 152 18.94 1.86 14.93
CA LYS C 152 18.95 0.70 14.05
C LYS C 152 19.82 1.01 12.84
N PRO C 153 21.14 1.19 13.00
CA PRO C 153 21.98 1.50 11.84
C PRO C 153 22.15 0.32 10.90
N ASP C 154 21.89 -0.90 11.38
CA ASP C 154 21.83 -2.08 10.52
C ASP C 154 20.86 -1.87 9.36
N ILE C 155 19.65 -1.42 9.67
CA ILE C 155 18.69 -1.09 8.63
C ILE C 155 19.31 -0.13 7.62
N ALA C 156 19.89 0.97 8.11
CA ALA C 156 20.47 1.95 7.20
C ALA C 156 21.52 1.30 6.30
N ALA C 157 22.33 0.42 6.86
CA ALA C 157 23.39 -0.18 6.06
C ALA C 157 22.79 -1.07 4.98
N ALA C 158 21.90 -2.00 5.39
CA ALA C 158 21.17 -2.83 4.43
C ALA C 158 20.63 -1.98 3.30
N TYR C 159 19.94 -0.88 3.61
CA TYR C 159 19.45 -0.04 2.53
C TYR C 159 20.60 0.43 1.66
N ALA C 160 21.62 1.01 2.29
CA ALA C 160 22.77 1.54 1.55
C ALA C 160 23.40 0.48 0.63
N MET C 161 23.62 -0.73 1.14
CA MET C 161 24.25 -1.77 0.34
C MET C 161 23.35 -2.21 -0.81
N ALA C 162 22.09 -2.47 -0.50
CA ALA C 162 21.07 -2.67 -1.51
C ALA C 162 21.29 -1.62 -2.58
N ALA C 163 21.04 -0.34 -2.28
CA ALA C 163 21.09 0.64 -3.36
C ALA C 163 22.43 0.60 -4.08
N GLU C 164 23.46 -0.01 -3.50
CA GLU C 164 24.70 -0.07 -4.25
C GLU C 164 24.65 -1.17 -5.30
N PHE C 165 24.07 -2.31 -4.94
CA PHE C 165 23.97 -3.40 -5.88
C PHE C 165 23.00 -3.09 -7.01
N LEU C 166 22.19 -2.05 -6.89
CA LEU C 166 21.38 -1.54 -7.96
C LEU C 166 22.07 -0.44 -8.74
N GLY C 167 23.32 -0.10 -8.41
CA GLY C 167 24.04 0.93 -9.13
C GLY C 167 23.75 2.35 -8.71
N MET C 168 23.38 2.57 -7.46
CA MET C 168 23.32 3.93 -6.93
C MET C 168 24.68 4.20 -6.31
N ARG C 169 25.53 4.89 -7.05
CA ARG C 169 26.89 5.21 -6.60
C ARG C 169 26.93 6.36 -5.59
N LEU C 170 25.79 7.00 -5.30
CA LEU C 170 25.65 8.07 -4.32
C LEU C 170 24.59 7.69 -3.29
N PHE C 171 24.75 8.20 -2.07
CA PHE C 171 23.81 7.81 -1.01
C PHE C 171 23.69 8.92 0.02
N TYR C 172 22.46 9.18 0.44
CA TYR C 172 22.08 10.37 1.18
C TYR C 172 21.27 9.93 2.41
N LEU C 173 21.88 10.04 3.60
CA LEU C 173 21.16 9.92 4.88
C LEU C 173 20.61 11.29 5.21
N GLU C 174 19.31 11.39 5.38
CA GLU C 174 18.69 12.69 5.63
C GLU C 174 18.01 12.67 6.99
N ALA C 175 18.53 13.45 7.94
CA ALA C 175 17.87 13.63 9.21
C ALA C 175 16.61 14.49 9.08
N GLY C 176 16.49 15.24 7.98
CA GLY C 176 15.38 16.14 7.82
C GLY C 176 15.77 17.55 8.21
N SER C 177 15.37 18.54 7.43
CA SER C 177 15.71 19.93 7.73
C SER C 177 15.06 20.36 9.04
N GLY C 178 15.80 21.19 9.81
CA GLY C 178 15.35 21.61 11.12
C GLY C 178 15.24 20.51 12.17
N ALA C 179 15.91 19.38 11.96
CA ALA C 179 15.92 18.30 12.93
C ALA C 179 16.64 18.76 14.20
N PRO C 180 16.24 18.24 15.36
CA PRO C 180 17.00 18.56 16.59
C PRO C 180 18.46 18.18 16.46
N GLU C 181 18.77 16.93 16.11
CA GLU C 181 20.15 16.53 15.91
C GLU C 181 20.31 15.84 14.56
N HIS C 182 21.58 15.76 14.15
CA HIS C 182 21.92 15.25 12.82
C HIS C 182 21.79 13.72 12.80
N VAL C 183 22.46 13.09 11.84
CA VAL C 183 22.42 11.64 11.74
C VAL C 183 23.52 11.08 12.65
N PRO C 184 23.23 10.02 13.40
CA PRO C 184 24.22 9.47 14.34
C PRO C 184 25.55 9.14 13.69
N GLU C 185 26.64 9.49 14.37
CA GLU C 185 27.96 9.06 13.97
C GLU C 185 28.04 7.56 13.77
N GLU C 186 27.29 6.78 14.55
CA GLU C 186 27.37 5.34 14.45
C GLU C 186 26.76 4.82 13.15
N MET C 187 25.77 5.54 12.62
CA MET C 187 25.15 5.18 11.35
C MET C 187 26.05 5.57 10.18
N ILE C 188 26.45 6.84 10.14
CA ILE C 188 27.27 7.35 9.06
C ILE C 188 28.53 6.50 8.90
N ALA C 189 29.25 6.26 10.01
CA ALA C 189 30.42 5.38 9.93
C ALA C 189 30.08 4.04 9.32
N LEU C 190 28.97 3.42 9.75
CA LEU C 190 28.64 2.07 9.30
C LEU C 190 28.27 2.03 7.82
N VAL C 191 27.48 3.01 7.35
CA VAL C 191 27.20 3.07 5.93
C VAL C 191 28.49 3.27 5.14
N LYS C 192 29.35 4.19 5.58
CA LYS C 192 30.59 4.44 4.86
C LYS C 192 31.45 3.19 4.79
N ARG C 193 31.34 2.31 5.79
CA ARG C 193 32.21 1.13 5.84
C ARG C 193 31.63 -0.06 5.07
N CYS C 194 30.33 -0.03 4.78
CA CYS C 194 29.71 -1.13 4.06
C CYS C 194 29.76 -0.93 2.54
N THR C 195 29.63 0.31 2.08
CA THR C 195 29.58 0.56 0.66
C THR C 195 30.73 1.46 0.26
N ASP C 196 31.03 1.45 -1.04
CA ASP C 196 32.02 2.34 -1.63
C ASP C 196 31.37 3.52 -2.33
N GLN C 197 30.24 3.99 -1.83
CA GLN C 197 29.53 5.02 -2.55
C GLN C 197 29.74 6.38 -1.90
N ILE C 198 29.50 7.42 -2.68
CA ILE C 198 29.64 8.79 -2.21
C ILE C 198 28.54 9.02 -1.18
N LEU C 199 28.94 9.17 0.09
CA LEU C 199 28.02 9.32 1.20
C LEU C 199 27.71 10.79 1.45
N ILE C 200 26.46 11.19 1.22
CA ILE C 200 25.99 12.53 1.58
C ILE C 200 25.19 12.45 2.88
N VAL C 201 25.38 13.45 3.77
CA VAL C 201 24.62 13.58 5.02
C VAL C 201 24.09 15.02 5.13
N GLY C 202 22.86 15.16 5.68
CA GLY C 202 22.20 16.44 5.66
C GLY C 202 21.09 16.54 6.69
N GLY C 203 20.61 17.77 6.88
CA GLY C 203 19.62 18.05 7.91
C GLY C 203 20.16 17.96 9.32
N GLY C 204 19.90 18.99 10.14
CA GLY C 204 20.38 19.01 11.51
C GLY C 204 21.83 19.43 11.68
N ILE C 205 22.49 19.86 10.61
CA ILE C 205 23.87 20.33 10.65
C ILE C 205 23.82 21.86 10.65
N ARG C 206 23.99 22.47 11.82
CA ARG C 206 23.95 23.92 11.92
C ARG C 206 25.30 24.52 12.29
N SER C 207 26.08 23.86 13.14
CA SER C 207 27.32 24.41 13.67
C SER C 207 28.53 23.79 13.00
N GLY C 208 29.69 24.40 13.27
CA GLY C 208 30.96 23.73 12.97
C GLY C 208 31.05 22.35 13.60
N GLU C 209 30.55 22.19 14.82
CA GLU C 209 30.67 20.90 15.51
C GLU C 209 29.73 19.88 14.91
N ASP C 210 28.49 20.29 14.59
CA ASP C 210 27.65 19.44 13.75
C ASP C 210 28.44 18.97 12.53
N ALA C 211 28.97 19.96 11.78
CA ALA C 211 29.67 19.66 10.54
C ALA C 211 30.79 18.66 10.79
N ALA C 212 31.49 18.81 11.92
CA ALA C 212 32.66 17.97 12.15
C ALA C 212 32.30 16.57 12.63
N ARG C 213 31.28 16.39 13.49
CA ARG C 213 30.87 15.03 13.87
C ARG C 213 30.45 14.25 12.65
N VAL C 214 29.51 14.81 11.89
CA VAL C 214 29.07 14.18 10.66
C VAL C 214 30.28 13.91 9.76
N ALA C 215 31.20 14.89 9.66
CA ALA C 215 32.32 14.77 8.72
C ALA C 215 33.35 13.76 9.20
N GLY C 216 33.61 13.70 10.50
CA GLY C 216 34.60 12.75 10.99
C GLY C 216 34.08 11.33 11.03
N ALA C 217 32.77 11.16 11.14
CA ALA C 217 32.19 9.82 11.16
C ALA C 217 32.25 9.16 9.78
N GLY C 218 32.54 9.91 8.72
CA GLY C 218 32.72 9.28 7.42
C GLY C 218 31.95 9.86 6.24
N ALA C 219 31.27 10.99 6.41
CA ALA C 219 30.49 11.52 5.31
C ALA C 219 31.42 12.16 4.29
N ASP C 220 31.07 11.99 3.02
CA ASP C 220 31.85 12.62 1.96
C ASP C 220 31.33 14.01 1.67
N VAL C 221 30.02 14.15 1.68
CA VAL C 221 29.40 15.45 1.43
C VAL C 221 28.66 15.85 2.69
N VAL C 222 28.54 17.17 2.88
CA VAL C 222 27.79 17.72 3.99
C VAL C 222 26.88 18.80 3.39
N VAL C 223 25.56 18.62 3.54
CA VAL C 223 24.57 19.52 2.96
C VAL C 223 24.04 20.40 4.08
N THR C 224 24.12 21.71 3.91
CA THR C 224 23.53 22.63 4.87
C THR C 224 22.70 23.68 4.14
N GLY C 225 21.60 24.08 4.75
CA GLY C 225 20.73 25.11 4.21
C GLY C 225 20.00 25.90 5.28
N GLU C 235 26.03 34.81 8.08
CA GLU C 235 25.99 35.20 6.68
C GLU C 235 26.82 34.20 5.85
N ASP C 236 28.14 34.38 5.84
CA ASP C 236 29.05 33.34 5.40
C ASP C 236 29.26 32.29 6.48
N LYS C 237 28.19 31.96 7.22
CA LYS C 237 28.17 30.93 8.26
C LYS C 237 28.63 29.59 7.72
N ILE C 238 28.83 29.50 6.41
CA ILE C 238 29.43 28.31 5.83
C ILE C 238 30.89 28.19 6.26
N ARG C 239 31.56 29.30 6.53
CA ARG C 239 32.98 29.21 6.87
C ARG C 239 33.19 28.46 8.18
N GLU C 240 32.36 28.72 9.19
CA GLU C 240 32.36 27.86 10.37
C GLU C 240 32.23 26.41 9.94
N ILE C 241 31.16 26.10 9.22
CA ILE C 241 30.85 24.73 8.84
C ILE C 241 32.01 24.08 8.09
N VAL C 242 32.57 24.80 7.11
CA VAL C 242 33.72 24.28 6.34
C VAL C 242 34.94 24.12 7.24
N GLU C 243 35.27 25.18 8.00
CA GLU C 243 36.28 25.09 9.07
C GLU C 243 36.09 23.78 9.81
N GLY C 244 34.82 23.50 10.16
CA GLY C 244 34.51 22.31 10.94
C GLY C 244 35.01 21.04 10.30
N MET C 245 34.82 20.90 8.98
CA MET C 245 35.24 19.68 8.32
C MET C 245 36.76 19.58 8.16
N GLY C 246 37.52 20.63 8.48
CA GLY C 246 38.96 20.54 8.59
C GLY C 246 39.47 19.64 9.71
N PHE D 2 14.46 -37.72 18.41
CA PHE D 2 13.16 -37.90 19.05
C PHE D 2 12.06 -37.16 18.27
N LYS D 3 10.89 -37.79 18.12
CA LYS D 3 9.88 -37.22 17.24
C LYS D 3 8.48 -37.66 17.63
N MET D 4 7.58 -36.68 17.74
CA MET D 4 6.14 -36.82 17.84
C MET D 4 5.56 -35.41 17.71
N LYS D 5 4.24 -35.31 17.60
CA LYS D 5 3.61 -34.02 17.38
C LYS D 5 3.83 -33.12 18.60
N VAL D 6 4.47 -31.98 18.37
CA VAL D 6 4.87 -31.12 19.49
C VAL D 6 3.74 -30.22 19.94
N GLU D 7 2.59 -30.24 19.26
CA GLU D 7 1.41 -29.64 19.88
C GLU D 7 0.93 -30.49 21.05
N ASP D 8 0.83 -31.81 20.85
CA ASP D 8 0.53 -32.70 21.97
C ASP D 8 1.57 -32.59 23.08
N TYR D 9 2.83 -32.25 22.73
CA TYR D 9 3.89 -32.18 23.73
C TYR D 9 3.78 -30.93 24.60
N PHE D 10 3.56 -29.76 23.99
CA PHE D 10 3.30 -28.56 24.77
C PHE D 10 2.14 -28.76 25.74
N HIS D 11 1.00 -29.27 25.24
CA HIS D 11 -0.17 -29.56 26.08
C HIS D 11 0.17 -30.55 27.18
N ASP D 12 1.02 -31.53 26.88
CA ASP D 12 1.46 -32.45 27.91
C ASP D 12 2.13 -31.72 29.07
N ILE D 13 2.79 -30.60 28.79
CA ILE D 13 3.51 -29.89 29.84
C ILE D 13 2.65 -28.80 30.48
N LEU D 14 1.72 -28.22 29.74
CA LEU D 14 0.96 -27.09 30.25
C LEU D 14 -0.09 -27.48 31.29
N ARG D 15 -0.19 -28.76 31.65
CA ARG D 15 -1.05 -29.08 32.76
C ARG D 15 -0.32 -28.91 34.08
N GLU D 16 0.94 -29.37 34.16
CA GLU D 16 1.71 -29.27 35.39
C GLU D 16 2.47 -27.95 35.51
N ARG D 17 3.03 -27.42 34.42
CA ARG D 17 3.88 -26.23 34.51
C ARG D 17 3.81 -25.41 33.22
N LYS D 18 4.65 -24.38 33.15
CA LYS D 18 4.81 -23.55 31.96
C LYS D 18 6.14 -23.86 31.30
N ILE D 19 6.18 -23.82 29.97
CA ILE D 19 7.33 -24.32 29.23
C ILE D 19 8.14 -23.17 28.70
N HIS D 20 9.40 -23.47 28.39
CA HIS D 20 10.39 -22.52 27.91
C HIS D 20 10.97 -23.03 26.58
N LEU D 21 11.33 -22.08 25.71
CA LEU D 21 11.99 -22.35 24.42
C LEU D 21 13.19 -21.42 24.25
N THR D 22 14.14 -21.80 23.40
CA THR D 22 15.30 -20.96 23.17
C THR D 22 15.49 -20.67 21.69
N LEU D 23 15.61 -19.39 21.33
CA LEU D 23 15.79 -19.00 19.94
C LEU D 23 17.28 -19.11 19.57
N ILE D 24 17.60 -20.01 18.62
CA ILE D 24 18.95 -20.07 18.03
C ILE D 24 18.93 -19.48 16.63
N ASP D 25 19.94 -18.67 16.31
CA ASP D 25 20.11 -18.15 14.97
C ASP D 25 21.18 -18.98 14.24
N PRO D 26 20.83 -19.78 13.24
CA PRO D 26 21.84 -20.62 12.59
C PRO D 26 23.00 -19.84 12.00
N GLU D 27 22.81 -18.54 11.75
CA GLU D 27 23.79 -17.69 11.10
C GLU D 27 24.77 -17.02 12.07
N GLU D 28 24.67 -17.29 13.37
CA GLU D 28 25.61 -16.75 14.34
C GLU D 28 26.63 -17.78 14.80
N GLN D 29 26.66 -18.96 14.20
CA GLN D 29 27.37 -20.05 14.85
C GLN D 29 27.56 -21.18 13.87
N THR D 30 28.63 -21.93 14.05
CA THR D 30 28.79 -23.16 13.31
C THR D 30 27.68 -24.12 13.70
N PRO D 31 27.09 -24.81 12.74
CA PRO D 31 26.14 -25.88 13.07
C PRO D 31 26.57 -26.77 14.22
N GLU D 32 27.88 -26.98 14.31
CA GLU D 32 28.43 -27.74 15.44
C GLU D 32 28.21 -27.02 16.75
N GLU D 33 28.45 -25.70 16.77
CA GLU D 33 28.27 -24.92 17.99
C GLU D 33 26.83 -25.01 18.49
N ALA D 34 25.86 -25.03 17.56
CA ALA D 34 24.46 -25.02 17.92
C ALA D 34 24.05 -26.20 18.79
N VAL D 35 24.82 -27.30 18.75
CA VAL D 35 24.45 -28.48 19.54
C VAL D 35 24.81 -28.27 21.00
N GLU D 36 26.04 -27.82 21.26
CA GLU D 36 26.45 -27.54 22.63
C GLU D 36 25.67 -26.36 23.19
N ILE D 37 25.43 -25.33 22.37
CA ILE D 37 24.61 -24.20 22.80
C ILE D 37 23.21 -24.68 23.15
N ALA D 38 22.72 -25.73 22.50
CA ALA D 38 21.40 -26.26 22.81
C ALA D 38 21.44 -27.29 23.93
N ARG D 39 22.30 -28.32 23.81
CA ARG D 39 22.39 -29.33 24.86
C ARG D 39 22.64 -28.70 26.23
N ALA D 40 23.41 -27.62 26.29
CA ALA D 40 23.59 -26.93 27.57
C ALA D 40 22.28 -26.38 28.09
N ALA D 41 21.34 -26.04 27.21
CA ALA D 41 20.03 -25.56 27.66
C ALA D 41 19.11 -26.71 28.04
N ILE D 42 19.26 -27.88 27.44
CA ILE D 42 18.53 -29.03 27.96
C ILE D 42 19.03 -29.35 29.36
N ARG D 43 20.35 -29.24 29.59
CA ARG D 43 20.85 -29.25 30.96
C ARG D 43 20.21 -28.15 31.78
N GLY D 44 19.92 -27.00 31.17
CA GLY D 44 19.12 -25.97 31.79
C GLY D 44 17.65 -26.36 31.78
N GLY D 45 16.79 -25.36 31.84
CA GLY D 45 15.36 -25.64 31.95
C GLY D 45 14.60 -25.67 30.64
N THR D 46 15.27 -26.00 29.54
CA THR D 46 14.69 -25.83 28.22
C THR D 46 13.85 -27.05 27.85
N ASP D 47 12.62 -26.80 27.41
CA ASP D 47 11.72 -27.84 26.96
C ASP D 47 11.78 -28.06 25.45
N GLY D 48 12.58 -27.27 24.73
CA GLY D 48 12.69 -27.46 23.30
C GLY D 48 13.39 -26.29 22.69
N ILE D 49 13.74 -26.43 21.42
CA ILE D 49 14.69 -25.52 20.78
C ILE D 49 14.03 -24.91 19.56
N MET D 50 14.18 -23.59 19.42
CA MET D 50 13.65 -22.83 18.31
C MET D 50 14.80 -22.34 17.43
N LEU D 51 14.62 -22.45 16.11
CA LEU D 51 15.65 -22.17 15.13
C LEU D 51 15.15 -21.11 14.16
N GLY D 52 15.85 -19.98 14.09
CA GLY D 52 15.50 -18.97 13.12
C GLY D 52 15.63 -17.56 13.63
N GLY D 53 14.52 -16.81 13.59
CA GLY D 53 14.56 -15.41 13.96
C GLY D 53 15.40 -14.58 13.02
N SER D 54 15.41 -14.95 11.73
CA SER D 54 16.25 -14.32 10.74
C SER D 54 15.87 -14.84 9.36
N THR D 55 15.95 -13.96 8.36
CA THR D 55 15.85 -14.34 6.95
C THR D 55 17.27 -14.43 6.38
N THR D 56 17.64 -15.60 5.88
CA THR D 56 18.96 -15.78 5.29
C THR D 56 18.89 -17.00 4.39
N ASP D 57 19.93 -17.22 3.60
CA ASP D 57 20.03 -18.44 2.80
C ASP D 57 20.02 -19.66 3.73
N SER D 58 19.39 -20.74 3.26
CA SER D 58 18.99 -21.87 4.12
C SER D 58 19.94 -23.05 4.04
N SER D 59 21.14 -22.89 3.46
CA SER D 59 22.11 -23.97 3.48
C SER D 59 22.60 -24.25 4.89
N GLU D 60 22.42 -23.30 5.81
CA GLU D 60 22.90 -23.35 7.18
C GLU D 60 21.83 -23.81 8.17
N LEU D 61 20.59 -23.31 8.03
CA LEU D 61 19.48 -23.81 8.84
C LEU D 61 19.27 -25.30 8.63
N ASP D 62 19.34 -25.76 7.38
CA ASP D 62 19.38 -27.20 7.13
C ASP D 62 20.57 -27.84 7.80
N ASN D 63 21.69 -27.13 7.82
CA ASN D 63 22.91 -27.67 8.40
C ASN D 63 22.98 -27.50 9.91
N THR D 64 22.05 -26.78 10.52
CA THR D 64 21.95 -26.82 11.96
C THR D 64 20.81 -27.72 12.44
N ALA D 65 19.74 -27.81 11.64
CA ALA D 65 18.72 -28.82 11.88
C ALA D 65 19.31 -30.22 11.83
N ARG D 66 20.14 -30.48 10.83
CA ARG D 66 21.24 -31.44 10.86
C ARG D 66 21.50 -32.06 12.22
N ALA D 67 22.17 -31.29 13.07
CA ALA D 67 22.84 -31.82 14.26
C ALA D 67 21.98 -31.78 15.50
N LEU D 68 21.06 -30.83 15.59
CA LEU D 68 20.09 -30.86 16.66
C LEU D 68 19.17 -32.07 16.53
N ARG D 69 18.67 -32.34 15.32
CA ARG D 69 17.82 -33.51 15.13
C ARG D 69 18.52 -34.80 15.53
N GLU D 70 19.80 -34.94 15.16
CA GLU D 70 20.55 -36.16 15.38
C GLU D 70 21.31 -36.17 16.72
N ASN D 71 20.95 -35.30 17.68
CA ASN D 71 21.67 -35.27 18.95
C ASN D 71 20.74 -35.13 20.16
N ILE D 72 19.82 -34.19 20.13
CA ILE D 72 19.00 -33.89 21.29
C ILE D 72 17.63 -34.52 21.14
N ASP D 73 16.93 -34.62 22.26
CA ASP D 73 15.63 -35.29 22.30
C ASP D 73 14.52 -34.31 22.62
N VAL D 74 14.67 -33.04 22.25
CA VAL D 74 13.61 -32.04 22.41
C VAL D 74 13.20 -31.60 21.01
N PRO D 75 12.01 -31.02 20.84
CA PRO D 75 11.56 -30.63 19.49
C PRO D 75 12.41 -29.53 18.89
N ILE D 76 12.54 -29.57 17.58
CA ILE D 76 13.14 -28.51 16.78
C ILE D 76 12.00 -27.82 16.04
N ILE D 77 11.59 -26.67 16.53
CA ILE D 77 10.55 -25.87 15.89
C ILE D 77 11.23 -24.72 15.17
N LEU D 78 11.10 -24.66 13.84
CA LEU D 78 11.69 -23.55 13.12
C LEU D 78 10.73 -22.35 13.09
N PHE D 79 11.29 -21.18 13.38
CA PHE D 79 10.63 -19.92 13.69
C PHE D 79 10.95 -19.00 12.52
N PRO D 80 10.09 -18.93 11.50
CA PRO D 80 10.54 -18.55 10.15
C PRO D 80 10.75 -17.05 10.03
N GLY D 81 12.00 -16.65 9.78
CA GLY D 81 12.24 -15.30 9.32
C GLY D 81 11.72 -15.05 7.92
N ASN D 82 11.47 -16.11 7.14
CA ASN D 82 10.97 -16.01 5.78
C ASN D 82 10.66 -17.38 5.18
N THR D 83 10.31 -17.40 3.89
CA THR D 83 10.16 -18.65 3.14
C THR D 83 11.48 -19.40 3.01
N THR D 84 12.60 -18.68 3.15
CA THR D 84 13.90 -19.31 3.32
C THR D 84 13.85 -20.45 4.31
N GLY D 85 13.50 -20.13 5.56
CA GLY D 85 13.72 -21.04 6.67
C GLY D 85 12.78 -22.23 6.71
N VAL D 86 12.96 -23.21 5.82
CA VAL D 86 12.15 -24.42 5.82
C VAL D 86 13.03 -25.64 5.55
N SER D 87 13.54 -26.26 6.62
CA SER D 87 14.36 -27.44 6.50
C SER D 87 13.58 -28.69 6.89
N ARG D 88 13.99 -29.83 6.33
CA ARG D 88 13.31 -31.11 6.50
C ARG D 88 13.56 -31.76 7.86
N TYR D 89 14.49 -31.23 8.65
CA TYR D 89 14.89 -31.90 9.88
C TYR D 89 14.25 -31.31 11.14
N ALA D 90 13.76 -30.09 11.06
CA ALA D 90 12.91 -29.58 12.11
C ALA D 90 11.80 -30.58 12.39
N ASP D 91 11.37 -30.61 13.65
CA ASP D 91 10.29 -31.47 14.08
C ASP D 91 8.93 -30.81 13.88
N ALA D 92 8.89 -29.48 13.77
CA ALA D 92 7.67 -28.77 13.47
C ALA D 92 8.04 -27.36 13.03
N ILE D 93 7.02 -26.54 12.75
CA ILE D 93 7.24 -25.16 12.32
C ILE D 93 6.11 -24.28 12.86
N PHE D 94 6.45 -23.06 13.29
CA PHE D 94 5.43 -22.06 13.56
C PHE D 94 5.02 -21.45 12.22
N PHE D 95 3.84 -21.83 11.74
CA PHE D 95 3.26 -21.21 10.55
C PHE D 95 2.61 -19.92 10.99
N MET D 96 3.33 -18.80 10.85
CA MET D 96 2.84 -17.55 11.40
C MET D 96 2.29 -16.64 10.32
N SER D 97 1.31 -15.86 10.74
CA SER D 97 0.95 -14.61 10.10
C SER D 97 1.48 -13.46 10.95
N LEU D 98 1.94 -12.40 10.29
CA LEU D 98 2.37 -11.19 10.99
C LEU D 98 1.19 -10.23 11.01
N LEU D 99 0.21 -10.57 11.84
CA LEU D 99 -1.10 -9.91 11.81
C LEU D 99 -1.02 -8.39 11.64
N ASN D 100 -0.04 -7.74 12.26
CA ASN D 100 -0.05 -6.27 12.17
C ASN D 100 1.00 -5.75 11.19
N SER D 101 1.13 -6.45 10.07
CA SER D 101 1.92 -6.01 8.94
C SER D 101 1.09 -5.10 8.06
N THR D 102 1.74 -4.10 7.48
CA THR D 102 1.05 -3.24 6.52
C THR D 102 1.07 -3.82 5.12
N ASN D 103 1.71 -4.97 4.92
CA ASN D 103 2.03 -5.49 3.59
C ASN D 103 1.52 -6.93 3.46
N PRO D 104 0.59 -7.19 2.53
CA PRO D 104 -0.02 -8.53 2.47
C PRO D 104 0.99 -9.64 2.40
N TYR D 105 2.25 -9.33 2.11
CA TYR D 105 3.26 -10.36 1.94
C TYR D 105 3.52 -11.11 3.24
N TRP D 106 3.47 -10.41 4.38
CA TRP D 106 3.76 -11.03 5.69
C TRP D 106 2.51 -11.53 6.39
N ILE D 107 1.33 -11.06 5.99
CA ILE D 107 0.10 -11.66 6.46
C ILE D 107 -0.14 -13.00 5.76
N ILE D 108 -0.10 -13.00 4.42
CA ILE D 108 -0.58 -14.17 3.69
C ILE D 108 0.28 -14.51 2.49
N GLY D 109 0.79 -13.49 1.80
CA GLY D 109 1.64 -13.67 0.63
C GLY D 109 2.70 -14.74 0.83
N ALA D 110 3.66 -14.51 1.73
CA ALA D 110 4.79 -15.42 1.89
C ALA D 110 4.34 -16.80 2.37
N GLN D 111 3.28 -16.87 3.16
CA GLN D 111 2.76 -18.17 3.52
C GLN D 111 2.33 -18.93 2.27
N ALA D 112 1.74 -18.23 1.32
CA ALA D 112 1.32 -18.92 0.11
C ALA D 112 2.50 -19.43 -0.70
N LEU D 113 3.70 -18.84 -0.53
CA LEU D 113 4.86 -19.29 -1.31
C LEU D 113 5.56 -20.50 -0.70
N GLY D 114 5.54 -20.63 0.64
CA GLY D 114 6.22 -21.74 1.29
C GLY D 114 5.33 -22.90 1.71
N ALA D 115 4.02 -22.67 1.69
CA ALA D 115 3.09 -23.70 2.13
C ALA D 115 3.25 -24.99 1.34
N ALA D 116 3.58 -24.90 0.05
CA ALA D 116 3.83 -26.09 -0.75
C ALA D 116 5.14 -26.79 -0.34
N THR D 117 6.18 -26.02 0.02
CA THR D 117 7.41 -26.62 0.55
C THR D 117 7.21 -27.19 1.95
N VAL D 118 6.29 -26.61 2.73
CA VAL D 118 5.99 -27.16 4.05
C VAL D 118 5.19 -28.45 3.95
N LYS D 119 4.22 -28.53 3.02
CA LYS D 119 3.52 -29.80 2.80
C LYS D 119 4.41 -30.84 2.17
N LYS D 120 5.32 -30.40 1.27
CA LYS D 120 6.24 -31.33 0.60
C LYS D 120 7.04 -32.13 1.60
N MET D 121 7.38 -31.52 2.74
CA MET D 121 8.12 -32.16 3.81
C MET D 121 7.16 -32.58 4.93
N GLY D 122 7.58 -33.57 5.71
CA GLY D 122 6.72 -34.11 6.73
C GLY D 122 6.73 -33.36 8.05
N ILE D 123 6.65 -32.04 7.98
CA ILE D 123 6.86 -31.19 9.14
C ILE D 123 5.52 -30.78 9.71
N GLU D 124 5.39 -30.92 11.03
CA GLU D 124 4.18 -30.49 11.72
C GLU D 124 4.11 -28.97 11.75
N ALA D 125 2.95 -28.41 11.42
CA ALA D 125 2.80 -26.96 11.27
C ALA D 125 1.78 -26.46 12.27
N LEU D 126 2.24 -25.58 13.16
CA LEU D 126 1.47 -25.12 14.29
C LEU D 126 0.91 -23.74 13.96
N PRO D 127 -0.39 -23.60 13.73
CA PRO D 127 -0.88 -22.32 13.21
C PRO D 127 -0.79 -21.24 14.28
N MET D 128 -0.21 -20.09 13.92
CA MET D 128 0.13 -19.14 14.96
C MET D 128 0.05 -17.69 14.51
N GLY D 129 -0.66 -16.88 15.29
CA GLY D 129 -0.59 -15.44 15.13
C GLY D 129 0.68 -14.88 15.73
N TYR D 130 1.17 -13.79 15.12
CA TYR D 130 2.49 -13.22 15.46
C TYR D 130 2.33 -11.71 15.50
N LEU D 131 2.26 -11.12 16.69
CA LEU D 131 1.96 -9.71 16.81
C LEU D 131 3.16 -8.95 17.38
N VAL D 132 3.58 -7.91 16.68
CA VAL D 132 4.74 -7.11 17.07
C VAL D 132 4.25 -5.96 17.95
N VAL D 133 4.74 -5.89 19.18
CA VAL D 133 4.38 -4.78 20.07
C VAL D 133 5.64 -4.00 20.41
N GLU D 134 5.49 -2.67 20.47
CA GLU D 134 6.55 -1.71 20.79
C GLU D 134 7.55 -2.22 21.82
N PRO D 135 8.85 -1.92 21.66
CA PRO D 135 9.34 -1.11 20.53
C PRO D 135 9.43 -1.89 19.22
N GLY D 136 9.44 -3.23 19.29
CA GLY D 136 9.51 -4.09 18.12
C GLY D 136 10.90 -4.61 17.77
N GLY D 137 11.96 -3.90 18.15
CA GLY D 137 13.23 -4.42 17.69
C GLY D 137 13.34 -4.26 16.18
N THR D 138 14.22 -5.05 15.57
CA THR D 138 14.43 -4.88 14.14
C THR D 138 13.28 -5.51 13.34
N VAL D 139 12.66 -6.58 13.87
CA VAL D 139 11.52 -7.20 13.18
C VAL D 139 10.35 -6.21 13.02
N GLY D 140 10.24 -5.22 13.91
CA GLY D 140 9.22 -4.19 13.83
C GLY D 140 9.56 -3.02 12.95
N ALA D 141 10.37 -3.30 11.93
CA ALA D 141 10.53 -2.46 10.74
C ALA D 141 10.85 -3.27 9.50
N VAL D 142 11.38 -4.50 9.64
CA VAL D 142 11.80 -5.34 8.52
C VAL D 142 10.60 -5.68 7.63
N GLY D 143 9.55 -6.24 8.24
CA GLY D 143 8.34 -6.46 7.49
C GLY D 143 7.63 -5.17 7.14
N ASP D 144 7.93 -4.11 7.89
CA ASP D 144 7.09 -2.93 8.03
C ASP D 144 5.79 -3.35 8.68
N THR D 145 5.92 -3.71 9.94
CA THR D 145 4.80 -3.83 10.85
C THR D 145 4.42 -2.44 11.33
N LYS D 146 3.17 -2.32 11.76
CA LYS D 146 2.69 -1.19 12.55
C LYS D 146 2.58 -1.67 14.00
N PRO D 147 3.66 -1.55 14.77
CA PRO D 147 3.72 -2.18 16.09
C PRO D 147 2.54 -1.75 16.94
N VAL D 148 1.92 -2.72 17.62
CA VAL D 148 0.85 -2.33 18.53
C VAL D 148 1.46 -1.56 19.70
N PRO D 149 0.92 -0.41 20.05
CA PRO D 149 1.49 0.36 21.16
C PRO D 149 1.58 -0.44 22.45
N ARG D 150 2.41 0.02 23.39
CA ARG D 150 2.61 -0.65 24.67
C ARG D 150 1.43 -0.45 25.62
N ASN D 151 0.74 0.69 25.52
CA ASN D 151 -0.37 1.04 26.42
C ASN D 151 -1.74 0.80 25.79
N LYS D 152 -1.82 -0.01 24.72
CA LYS D 152 -3.07 -0.36 24.08
C LYS D 152 -3.18 -1.88 23.97
N PRO D 153 -3.35 -2.58 25.10
CA PRO D 153 -3.57 -4.04 25.04
C PRO D 153 -4.90 -4.40 24.44
N ASP D 154 -5.77 -3.41 24.22
CA ASP D 154 -7.04 -3.69 23.57
C ASP D 154 -6.83 -4.10 22.11
N ILE D 155 -5.92 -3.43 21.42
CA ILE D 155 -5.63 -3.81 20.04
C ILE D 155 -5.06 -5.20 19.98
N ALA D 156 -4.12 -5.53 20.87
CA ALA D 156 -3.53 -6.86 20.86
C ALA D 156 -4.61 -7.92 21.03
N ALA D 157 -5.47 -7.74 22.01
CA ALA D 157 -6.49 -8.74 22.26
C ALA D 157 -7.39 -8.93 21.04
N ALA D 158 -7.69 -7.84 20.33
CA ALA D 158 -8.60 -7.95 19.20
C ALA D 158 -7.98 -8.77 18.07
N TYR D 159 -6.72 -8.46 17.71
CA TYR D 159 -5.97 -9.33 16.82
C TYR D 159 -5.94 -10.76 17.34
N ALA D 160 -5.73 -10.94 18.63
CA ALA D 160 -5.66 -12.28 19.20
C ALA D 160 -6.97 -13.05 19.01
N MET D 161 -8.08 -12.36 19.18
CA MET D 161 -9.39 -12.97 18.99
C MET D 161 -9.64 -13.27 17.52
N ALA D 162 -9.65 -12.22 16.69
CA ALA D 162 -9.60 -12.39 15.24
C ALA D 162 -8.72 -13.57 14.85
N ALA D 163 -7.45 -13.56 15.27
CA ALA D 163 -6.57 -14.68 14.98
C ALA D 163 -7.21 -16.01 15.37
N GLU D 164 -7.77 -16.08 16.58
CA GLU D 164 -8.39 -17.31 17.05
C GLU D 164 -9.55 -17.75 16.16
N PHE D 165 -10.31 -16.81 15.64
CA PHE D 165 -11.49 -17.17 14.88
C PHE D 165 -11.15 -17.64 13.47
N LEU D 166 -9.96 -17.34 12.96
CA LEU D 166 -9.48 -17.95 11.73
C LEU D 166 -8.85 -19.31 11.97
N GLY D 167 -8.90 -19.83 13.19
CA GLY D 167 -8.30 -21.12 13.47
C GLY D 167 -6.83 -21.10 13.82
N MET D 168 -6.26 -19.92 14.09
CA MET D 168 -4.84 -19.79 14.51
C MET D 168 -4.78 -20.04 16.01
N ARG D 169 -4.31 -21.22 16.37
CA ARG D 169 -4.42 -21.70 17.75
C ARG D 169 -3.35 -21.13 18.67
N LEU D 170 -2.24 -20.65 18.14
CA LEU D 170 -1.20 -20.07 18.97
C LEU D 170 -1.12 -18.59 18.66
N PHE D 171 -0.70 -17.82 19.66
CA PHE D 171 -0.50 -16.40 19.52
C PHE D 171 0.85 -16.05 20.11
N TYR D 172 1.64 -15.26 19.38
CA TYR D 172 3.00 -14.87 19.72
C TYR D 172 3.03 -13.37 19.94
N LEU D 173 3.34 -12.93 21.17
CA LEU D 173 3.51 -11.52 21.48
C LEU D 173 5.01 -11.17 21.40
N GLU D 174 5.43 -10.53 20.30
CA GLU D 174 6.84 -10.26 20.02
C GLU D 174 7.20 -8.85 20.45
N ALA D 175 8.17 -8.75 21.37
CA ALA D 175 8.78 -7.48 21.74
C ALA D 175 9.93 -7.12 20.81
N GLY D 176 10.60 -8.13 20.27
CA GLY D 176 11.75 -7.92 19.41
C GLY D 176 13.04 -8.29 20.11
N SER D 177 13.85 -9.12 19.47
CA SER D 177 15.11 -9.60 20.04
C SER D 177 15.90 -8.43 20.62
N GLY D 178 16.32 -8.61 21.88
CA GLY D 178 17.13 -7.63 22.57
C GLY D 178 16.51 -6.26 22.73
N ALA D 179 15.20 -6.14 22.68
CA ALA D 179 14.54 -4.89 23.02
C ALA D 179 14.76 -4.58 24.50
N PRO D 180 14.45 -3.34 24.93
CA PRO D 180 14.61 -2.98 26.35
C PRO D 180 13.66 -3.69 27.32
N GLU D 181 12.37 -3.40 27.25
CA GLU D 181 11.38 -3.98 28.16
C GLU D 181 10.50 -4.99 27.44
N HIS D 182 10.21 -6.11 28.10
CA HIS D 182 9.39 -7.15 27.48
C HIS D 182 7.95 -6.70 27.32
N VAL D 183 7.22 -7.41 26.46
CA VAL D 183 5.81 -7.18 26.16
C VAL D 183 5.08 -6.91 27.47
N PRO D 184 4.30 -5.83 27.57
CA PRO D 184 3.76 -5.41 28.88
C PRO D 184 2.79 -6.42 29.50
N GLU D 185 2.80 -6.48 30.82
CA GLU D 185 2.07 -7.53 31.53
C GLU D 185 0.57 -7.40 31.33
N GLU D 186 0.05 -6.17 31.36
CA GLU D 186 -1.36 -5.95 31.06
C GLU D 186 -1.72 -6.50 29.69
N MET D 187 -0.84 -6.38 28.70
CA MET D 187 -1.16 -6.90 27.38
C MET D 187 -1.08 -8.42 27.34
N ILE D 188 -0.41 -9.06 28.28
CA ILE D 188 -0.32 -10.51 28.25
C ILE D 188 -1.59 -11.13 28.79
N ALA D 189 -1.92 -10.78 30.06
CA ALA D 189 -3.11 -11.33 30.72
C ALA D 189 -4.37 -11.08 29.88
N LEU D 190 -4.49 -9.89 29.28
CA LEU D 190 -5.70 -9.57 28.52
C LEU D 190 -5.84 -10.50 27.32
N VAL D 191 -4.72 -10.84 26.71
CA VAL D 191 -4.77 -11.76 25.58
C VAL D 191 -5.17 -13.14 26.06
N LYS D 192 -4.70 -13.55 27.24
CA LYS D 192 -4.95 -14.90 27.65
C LYS D 192 -6.36 -15.09 28.13
N ARG D 193 -7.04 -14.03 28.49
CA ARG D 193 -8.40 -14.20 28.97
C ARG D 193 -9.40 -14.07 27.83
N CYS D 194 -9.04 -13.34 26.78
CA CYS D 194 -9.91 -13.15 25.62
C CYS D 194 -9.91 -14.35 24.68
N THR D 195 -8.91 -15.23 24.76
CA THR D 195 -8.89 -16.37 23.84
C THR D 195 -8.37 -17.60 24.54
N ASP D 196 -8.54 -18.74 23.87
CA ASP D 196 -8.01 -20.00 24.35
C ASP D 196 -6.68 -20.34 23.71
N GLN D 197 -6.03 -19.34 23.16
CA GLN D 197 -4.76 -19.60 22.50
C GLN D 197 -3.71 -19.98 23.53
N ILE D 198 -2.79 -20.83 23.10
CA ILE D 198 -1.51 -20.96 23.80
C ILE D 198 -0.71 -19.67 23.61
N LEU D 199 -0.46 -18.97 24.71
CA LEU D 199 0.26 -17.71 24.63
C LEU D 199 1.76 -17.95 24.56
N ILE D 200 2.41 -17.28 23.62
CA ILE D 200 3.85 -17.32 23.45
C ILE D 200 4.34 -15.90 23.55
N VAL D 201 5.33 -15.66 24.41
CA VAL D 201 5.86 -14.33 24.59
C VAL D 201 7.38 -14.39 24.47
N GLY D 202 7.93 -13.45 23.72
CA GLY D 202 9.37 -13.37 23.55
C GLY D 202 9.77 -11.93 23.30
N GLY D 203 11.06 -11.67 23.51
CA GLY D 203 11.63 -10.37 23.25
C GLY D 203 12.11 -9.66 24.48
N GLY D 204 13.39 -9.26 24.48
CA GLY D 204 13.82 -8.34 25.51
C GLY D 204 13.55 -8.81 26.92
N ILE D 205 13.74 -10.10 27.19
CA ILE D 205 13.74 -10.60 28.56
C ILE D 205 15.11 -11.24 28.78
N ARG D 206 15.77 -10.85 29.86
CA ARG D 206 17.14 -11.27 30.12
C ARG D 206 17.38 -11.80 31.52
N SER D 207 16.53 -11.47 32.50
CA SER D 207 16.68 -11.91 33.88
C SER D 207 15.86 -13.18 34.12
N GLY D 208 16.10 -13.80 35.27
CA GLY D 208 15.12 -14.75 35.75
C GLY D 208 13.87 -14.07 36.25
N GLU D 209 13.99 -12.80 36.61
CA GLU D 209 12.82 -12.02 37.02
C GLU D 209 12.11 -11.43 35.80
N ASP D 210 12.85 -11.22 34.71
CA ASP D 210 12.21 -10.90 33.45
C ASP D 210 11.19 -11.97 33.08
N ALA D 211 11.62 -13.24 33.15
CA ALA D 211 10.74 -14.36 32.83
C ALA D 211 9.70 -14.62 33.92
N ALA D 212 9.98 -14.20 35.15
CA ALA D 212 9.01 -14.37 36.23
C ALA D 212 7.76 -13.56 35.93
N ARG D 213 7.93 -12.28 35.64
CA ARG D 213 6.77 -11.44 35.45
C ARG D 213 5.96 -11.89 34.23
N VAL D 214 6.63 -12.25 33.13
CA VAL D 214 5.93 -12.67 31.91
C VAL D 214 5.16 -13.95 32.16
N ALA D 215 5.86 -15.02 32.56
CA ALA D 215 5.20 -16.28 32.89
C ALA D 215 4.02 -16.08 33.85
N GLY D 216 4.18 -15.18 34.84
CA GLY D 216 3.20 -14.93 35.88
C GLY D 216 1.99 -14.11 35.46
N ALA D 217 2.00 -13.48 34.30
CA ALA D 217 0.81 -12.79 33.83
C ALA D 217 -0.05 -13.64 32.87
N GLY D 218 0.43 -14.82 32.45
CA GLY D 218 -0.39 -15.64 31.60
C GLY D 218 0.28 -16.45 30.50
N ALA D 219 1.57 -16.22 30.25
CA ALA D 219 2.23 -16.76 29.06
C ALA D 219 2.48 -18.25 29.22
N ASP D 220 1.96 -19.04 28.29
CA ASP D 220 2.23 -20.46 28.35
C ASP D 220 3.70 -20.76 28.10
N VAL D 221 4.29 -20.13 27.10
CA VAL D 221 5.64 -20.44 26.70
C VAL D 221 6.41 -19.13 26.64
N VAL D 222 7.59 -19.12 27.21
CA VAL D 222 8.45 -17.96 27.18
C VAL D 222 9.62 -18.31 26.27
N VAL D 223 9.93 -17.40 25.33
CA VAL D 223 11.05 -17.53 24.40
C VAL D 223 12.16 -16.56 24.82
N THR D 224 13.39 -17.06 24.94
CA THR D 224 14.49 -16.26 25.44
C THR D 224 15.67 -16.44 24.50
N GLY D 225 16.40 -15.36 24.22
CA GLY D 225 17.52 -15.42 23.30
C GLY D 225 18.75 -16.14 23.85
N PHE E 2 -13.98 33.69 -17.29
CA PHE E 2 -12.89 34.66 -17.35
C PHE E 2 -12.74 35.42 -16.02
N LYS E 3 -13.24 36.66 -15.98
CA LYS E 3 -13.15 37.52 -14.79
C LYS E 3 -14.20 37.21 -13.74
N MET E 4 -14.56 35.95 -13.55
CA MET E 4 -15.60 35.61 -12.58
C MET E 4 -15.52 34.14 -12.23
N LYS E 5 -16.16 33.80 -11.12
CA LYS E 5 -16.23 32.41 -10.69
C LYS E 5 -16.70 31.51 -11.82
N VAL E 6 -15.90 30.48 -12.13
CA VAL E 6 -16.26 29.56 -13.20
C VAL E 6 -17.44 28.69 -12.80
N GLU E 7 -17.51 28.29 -11.53
CA GLU E 7 -18.65 27.50 -11.08
C GLU E 7 -19.95 28.25 -11.35
N ASP E 8 -20.00 29.53 -11.00
CA ASP E 8 -21.18 30.33 -11.34
C ASP E 8 -21.37 30.39 -12.84
N TYR E 9 -20.26 30.34 -13.59
CA TYR E 9 -20.34 30.37 -15.05
C TYR E 9 -20.96 29.09 -15.59
N PHE E 10 -20.60 27.96 -15.00
CA PHE E 10 -21.18 26.67 -15.38
C PHE E 10 -22.71 26.72 -15.36
N HIS E 11 -23.28 27.16 -14.22
CA HIS E 11 -24.73 27.11 -14.04
C HIS E 11 -25.45 28.06 -14.97
N ASP E 12 -24.85 29.21 -15.27
CA ASP E 12 -25.46 30.09 -16.25
C ASP E 12 -25.47 29.47 -17.65
N ILE E 13 -24.89 28.29 -17.82
CA ILE E 13 -24.94 27.55 -19.08
C ILE E 13 -25.89 26.37 -18.98
N LEU E 14 -25.84 25.63 -17.86
CA LEU E 14 -26.75 24.49 -17.68
C LEU E 14 -28.21 24.94 -17.54
N ARG E 15 -28.46 26.25 -17.56
CA ARG E 15 -29.83 26.75 -17.67
C ARG E 15 -30.45 26.34 -19.00
N GLU E 16 -29.71 26.50 -20.10
CA GLU E 16 -30.26 26.29 -21.43
C GLU E 16 -29.60 25.19 -22.27
N ARG E 17 -28.47 24.63 -21.83
CA ARG E 17 -27.84 23.54 -22.57
C ARG E 17 -26.80 22.86 -21.68
N LYS E 18 -25.77 22.25 -22.29
CA LYS E 18 -24.66 21.62 -21.59
C LYS E 18 -23.39 22.49 -21.71
N ILE E 19 -22.21 21.86 -21.60
CA ILE E 19 -20.93 22.58 -21.53
C ILE E 19 -19.83 21.75 -22.19
N HIS E 20 -19.00 22.39 -23.03
CA HIS E 20 -17.87 21.71 -23.64
C HIS E 20 -16.55 22.40 -23.33
N LEU E 21 -15.54 21.58 -22.98
CA LEU E 21 -14.22 22.07 -22.60
C LEU E 21 -13.16 21.29 -23.37
N THR E 22 -12.08 21.99 -23.72
CA THR E 22 -11.02 21.47 -24.60
C THR E 22 -9.75 21.24 -23.80
N LEU E 23 -9.30 20.00 -23.75
CA LEU E 23 -8.04 19.67 -23.10
C LEU E 23 -6.88 20.01 -24.04
N ILE E 24 -6.01 20.91 -23.59
CA ILE E 24 -4.74 21.16 -24.26
C ILE E 24 -3.64 20.77 -23.29
N ASP E 25 -3.01 19.60 -23.54
CA ASP E 25 -1.81 19.24 -22.80
C ASP E 25 -0.72 20.19 -23.23
N PRO E 26 -0.18 21.01 -22.32
CA PRO E 26 0.78 22.04 -22.73
C PRO E 26 2.03 21.51 -23.44
N GLU E 27 2.47 20.29 -23.14
CA GLU E 27 3.76 19.79 -23.66
C GLU E 27 3.72 19.41 -25.13
N GLU E 28 2.55 19.12 -25.70
CA GLU E 28 2.46 18.64 -27.07
C GLU E 28 2.39 19.78 -28.09
N GLN E 29 2.93 20.96 -27.76
CA GLN E 29 2.94 22.13 -28.63
C GLN E 29 3.69 23.26 -27.91
N THR E 30 4.04 24.37 -28.71
CA THR E 30 4.61 25.53 -28.04
C THR E 30 3.49 26.54 -27.73
N PRO E 31 3.70 27.48 -26.77
CA PRO E 31 2.61 28.37 -26.33
C PRO E 31 1.85 29.05 -27.45
N GLU E 32 2.51 29.90 -28.25
CA GLU E 32 1.76 30.62 -29.27
C GLU E 32 1.29 29.73 -30.41
N GLU E 33 1.81 28.48 -30.47
CA GLU E 33 1.18 27.42 -31.25
C GLU E 33 -0.16 27.02 -30.62
N ALA E 34 -0.24 27.06 -29.28
CA ALA E 34 -1.40 26.55 -28.56
C ALA E 34 -2.56 27.54 -28.53
N VAL E 35 -2.29 28.84 -28.49
CA VAL E 35 -3.38 29.80 -28.61
C VAL E 35 -4.08 29.63 -29.95
N GLU E 36 -3.29 29.35 -31.00
CA GLU E 36 -3.86 29.11 -32.33
C GLU E 36 -4.77 27.89 -32.34
N ILE E 37 -4.48 26.88 -31.51
CA ILE E 37 -5.44 25.79 -31.29
C ILE E 37 -6.61 26.28 -30.45
N ALA E 38 -6.33 27.09 -29.43
CA ALA E 38 -7.34 27.44 -28.44
C ALA E 38 -8.43 28.31 -29.06
N ARG E 39 -8.04 29.35 -29.80
CA ARG E 39 -9.02 30.18 -30.48
C ARG E 39 -9.71 29.43 -31.62
N ALA E 40 -8.97 28.53 -32.29
CA ALA E 40 -9.62 27.60 -33.20
C ALA E 40 -10.72 26.85 -32.48
N ALA E 41 -10.51 26.55 -31.20
CA ALA E 41 -11.55 25.92 -30.40
C ALA E 41 -12.67 26.90 -30.08
N ILE E 42 -12.33 28.14 -29.72
CA ILE E 42 -13.37 29.07 -29.30
C ILE E 42 -14.20 29.53 -30.49
N ARG E 43 -13.91 28.96 -31.68
CA ARG E 43 -14.72 29.20 -32.87
C ARG E 43 -15.64 28.02 -33.19
N GLY E 44 -15.15 26.79 -33.11
CA GLY E 44 -16.03 25.64 -33.22
C GLY E 44 -17.02 25.51 -32.10
N GLY E 45 -16.81 26.25 -31.01
CA GLY E 45 -17.76 26.27 -29.92
C GLY E 45 -17.26 25.62 -28.65
N THR E 46 -16.11 26.05 -28.13
CA THR E 46 -15.67 25.62 -26.81
C THR E 46 -16.01 26.68 -25.77
N ASP E 47 -16.23 26.24 -24.55
CA ASP E 47 -16.58 27.13 -23.46
C ASP E 47 -15.49 27.24 -22.42
N GLY E 48 -14.39 26.53 -22.60
CA GLY E 48 -13.24 26.68 -21.74
C GLY E 48 -12.05 25.96 -22.33
N ILE E 49 -10.88 26.29 -21.80
CA ILE E 49 -9.64 25.59 -22.13
C ILE E 49 -9.15 24.90 -20.87
N MET E 50 -8.73 23.64 -20.99
CA MET E 50 -8.18 22.91 -19.86
C MET E 50 -6.70 22.66 -20.07
N LEU E 51 -5.93 22.84 -19.01
CA LEU E 51 -4.46 22.84 -19.05
C LEU E 51 -3.93 21.68 -18.20
N GLY E 52 -3.78 20.51 -18.81
CA GLY E 52 -3.30 19.35 -18.07
C GLY E 52 -2.60 18.29 -18.89
N GLY E 53 -3.00 17.03 -18.71
CA GLY E 53 -2.36 15.91 -19.38
C GLY E 53 -0.85 15.87 -19.22
N SER E 54 -0.34 16.45 -18.14
CA SER E 54 1.08 16.68 -17.96
C SER E 54 1.53 16.23 -16.58
N THR E 55 2.64 15.49 -16.55
CA THR E 55 3.37 15.16 -15.32
C THR E 55 4.83 15.52 -15.51
N THR E 56 5.08 16.68 -16.10
CA THR E 56 6.36 16.99 -16.74
C THR E 56 6.90 18.36 -16.34
N ASP E 57 7.05 19.22 -17.34
CA ASP E 57 7.49 20.60 -17.18
C ASP E 57 6.28 21.48 -16.85
N SER E 58 6.58 22.61 -16.21
CA SER E 58 5.53 23.56 -15.85
C SER E 58 5.90 25.03 -16.07
N SER E 59 7.19 25.39 -16.06
CA SER E 59 7.61 26.67 -16.63
C SER E 59 6.98 26.82 -17.99
N GLU E 60 7.17 25.79 -18.83
CA GLU E 60 6.41 25.64 -20.05
C GLU E 60 4.93 25.92 -19.84
N LEU E 61 4.31 25.24 -18.87
CA LEU E 61 2.85 25.37 -18.70
C LEU E 61 2.47 26.75 -18.20
N ASP E 62 3.31 27.39 -17.40
CA ASP E 62 3.02 28.75 -16.94
C ASP E 62 3.01 29.73 -18.10
N ASN E 63 3.95 29.58 -19.06
CA ASN E 63 3.90 30.39 -20.27
C ASN E 63 2.63 30.13 -21.05
N THR E 64 2.27 28.86 -21.19
CA THR E 64 1.02 28.51 -21.84
C THR E 64 -0.12 29.34 -21.28
N ALA E 65 -0.28 29.39 -19.96
CA ALA E 65 -1.39 30.13 -19.35
C ALA E 65 -1.36 31.63 -19.69
N ARG E 66 -0.18 32.26 -19.65
CA ARG E 66 -0.09 33.67 -20.02
C ARG E 66 -0.57 33.90 -21.45
N ALA E 67 -0.23 32.97 -22.35
CA ALA E 67 -0.64 33.10 -23.75
C ALA E 67 -2.16 33.23 -23.85
N LEU E 68 -2.90 32.33 -23.21
CA LEU E 68 -4.35 32.33 -23.37
C LEU E 68 -5.01 33.52 -22.67
N ARG E 69 -4.48 33.96 -21.51
CA ARG E 69 -5.10 35.10 -20.81
C ARG E 69 -4.89 36.41 -21.56
N GLU E 70 -3.76 36.58 -22.25
CA GLU E 70 -3.61 37.72 -23.15
C GLU E 70 -4.66 37.69 -24.23
N ASN E 71 -5.08 36.50 -24.67
CA ASN E 71 -5.73 36.31 -25.96
C ASN E 71 -7.16 35.76 -25.93
N ILE E 72 -7.67 35.27 -24.80
CA ILE E 72 -9.05 34.76 -24.77
C ILE E 72 -9.86 35.48 -23.69
N ASP E 73 -11.18 35.38 -23.83
CA ASP E 73 -12.14 35.88 -22.86
C ASP E 73 -12.90 34.75 -22.17
N VAL E 74 -12.42 33.52 -22.33
CA VAL E 74 -13.11 32.31 -21.89
C VAL E 74 -12.27 31.64 -20.81
N PRO E 75 -12.89 30.96 -19.85
CA PRO E 75 -12.11 30.28 -18.80
C PRO E 75 -11.06 29.35 -19.38
N ILE E 76 -9.87 29.38 -18.78
CA ILE E 76 -8.86 28.36 -18.94
C ILE E 76 -8.66 27.72 -17.57
N ILE E 77 -8.62 26.39 -17.51
CA ILE E 77 -8.72 25.67 -16.25
C ILE E 77 -7.58 24.69 -16.11
N LEU E 78 -6.95 24.68 -14.94
CA LEU E 78 -5.89 23.73 -14.64
C LEU E 78 -6.44 22.34 -14.39
N PHE E 79 -5.74 21.35 -14.92
CA PHE E 79 -6.06 19.93 -14.71
C PHE E 79 -4.79 19.29 -14.17
N PRO E 80 -4.65 19.19 -12.86
CA PRO E 80 -3.33 18.90 -12.27
C PRO E 80 -2.92 17.43 -12.32
N GLY E 81 -2.10 17.06 -13.29
CA GLY E 81 -1.49 15.74 -13.28
C GLY E 81 -0.51 15.52 -12.15
N ASN E 82 -0.08 16.61 -11.50
CA ASN E 82 0.84 16.59 -10.37
C ASN E 82 0.97 18.03 -9.87
N THR E 83 1.61 18.18 -8.70
CA THR E 83 1.84 19.49 -8.10
C THR E 83 2.57 20.43 -9.05
N THR E 84 3.27 19.87 -10.04
CA THR E 84 3.76 20.66 -11.17
C THR E 84 2.65 21.53 -11.75
N GLY E 85 1.45 20.99 -11.88
CA GLY E 85 0.40 21.61 -12.67
C GLY E 85 -0.36 22.76 -12.03
N VAL E 86 0.35 23.74 -11.48
CA VAL E 86 -0.26 24.93 -10.92
C VAL E 86 0.40 26.17 -11.51
N SER E 87 -0.38 27.01 -12.19
CA SER E 87 0.06 28.29 -12.71
C SER E 87 -0.65 29.42 -11.97
N ARG E 88 -0.47 30.65 -12.45
CA ARG E 88 -1.16 31.80 -11.88
C ARG E 88 -2.13 32.47 -12.84
N TYR E 89 -1.99 32.26 -14.16
CA TYR E 89 -2.92 32.78 -15.13
C TYR E 89 -4.05 31.81 -15.40
N ALA E 90 -4.23 30.82 -14.53
CA ALA E 90 -5.39 29.96 -14.58
C ALA E 90 -6.57 30.71 -13.97
N ASP E 91 -7.69 30.75 -14.70
CA ASP E 91 -8.89 31.31 -14.11
C ASP E 91 -9.41 30.44 -12.98
N ALA E 92 -9.12 29.13 -13.02
CA ALA E 92 -9.62 28.22 -12.01
C ALA E 92 -8.82 26.92 -12.05
N ILE E 93 -9.13 26.02 -11.13
CA ILE E 93 -8.51 24.70 -11.05
C ILE E 93 -9.58 23.69 -10.66
N PHE E 94 -9.49 22.50 -11.24
CA PHE E 94 -10.24 21.35 -10.74
C PHE E 94 -9.45 20.79 -9.58
N PHE E 95 -9.80 21.17 -8.35
CA PHE E 95 -9.17 20.57 -7.18
C PHE E 95 -9.82 19.22 -6.98
N MET E 96 -9.24 18.20 -7.60
CA MET E 96 -9.84 16.89 -7.68
C MET E 96 -9.13 15.88 -6.78
N SER E 97 -9.81 14.77 -6.53
CA SER E 97 -9.24 13.64 -5.83
C SER E 97 -9.54 12.38 -6.62
N LEU E 98 -8.49 11.60 -6.91
CA LEU E 98 -8.65 10.34 -7.63
C LEU E 98 -9.19 9.29 -6.66
N LEU E 99 -10.51 9.09 -6.67
CA LEU E 99 -11.15 8.26 -5.66
C LEU E 99 -10.67 6.81 -5.71
N ASN E 100 -10.65 6.18 -6.91
CA ASN E 100 -10.27 4.77 -6.96
C ASN E 100 -8.78 4.59 -7.15
N SER E 101 -7.95 5.42 -6.54
CA SER E 101 -6.52 5.17 -6.58
C SER E 101 -6.13 4.12 -5.55
N THR E 102 -5.06 3.40 -5.82
CA THR E 102 -4.58 2.44 -4.84
C THR E 102 -3.69 3.08 -3.78
N ASN E 103 -3.20 4.31 -4.03
CA ASN E 103 -2.22 4.96 -3.19
C ASN E 103 -2.78 6.30 -2.74
N PRO E 104 -2.70 6.66 -1.46
CA PRO E 104 -3.43 7.84 -0.97
C PRO E 104 -2.92 9.15 -1.53
N TYR E 105 -1.70 9.15 -2.09
CA TYR E 105 -1.13 10.37 -2.67
C TYR E 105 -2.10 11.00 -3.67
N TRP E 106 -2.83 10.19 -4.44
CA TRP E 106 -3.76 10.66 -5.47
C TRP E 106 -5.18 10.88 -4.94
N ILE E 107 -5.44 10.51 -3.69
CA ILE E 107 -6.69 10.87 -3.04
C ILE E 107 -6.53 12.12 -2.17
N ILE E 108 -5.47 12.19 -1.38
CA ILE E 108 -5.27 13.34 -0.49
C ILE E 108 -3.86 13.91 -0.56
N GLY E 109 -2.85 13.03 -0.56
CA GLY E 109 -1.46 13.46 -0.47
C GLY E 109 -1.09 14.62 -1.36
N ALA E 110 -1.11 14.41 -2.67
CA ALA E 110 -0.77 15.47 -3.60
C ALA E 110 -1.65 16.69 -3.39
N GLN E 111 -2.89 16.50 -2.98
CA GLN E 111 -3.75 17.65 -2.73
C GLN E 111 -3.27 18.42 -1.52
N ALA E 112 -2.82 17.71 -0.48
CA ALA E 112 -2.28 18.39 0.69
C ALA E 112 -1.07 19.23 0.33
N LEU E 113 -0.23 18.71 -0.57
CA LEU E 113 1.01 19.38 -0.95
C LEU E 113 0.74 20.64 -1.77
N GLY E 114 -0.15 20.55 -2.75
CA GLY E 114 -0.50 21.72 -3.53
C GLY E 114 -1.47 22.65 -2.86
N ALA E 115 -1.99 22.26 -1.70
CA ALA E 115 -2.98 23.08 -1.01
C ALA E 115 -2.40 24.44 -0.64
N ALA E 116 -1.17 24.46 -0.13
CA ALA E 116 -0.52 25.72 0.20
C ALA E 116 -0.37 26.58 -1.04
N THR E 117 0.12 25.99 -2.14
CA THR E 117 0.42 26.77 -3.33
C THR E 117 -0.82 27.44 -3.90
N VAL E 118 -1.96 26.75 -3.87
CA VAL E 118 -3.11 27.26 -4.61
C VAL E 118 -3.90 28.28 -3.77
N LYS E 119 -3.83 28.20 -2.44
CA LYS E 119 -4.39 29.26 -1.60
C LYS E 119 -3.64 30.57 -1.82
N LYS E 120 -2.31 30.50 -1.95
CA LYS E 120 -1.51 31.68 -2.24
C LYS E 120 -2.09 32.47 -3.41
N MET E 121 -2.25 31.81 -4.54
CA MET E 121 -2.87 32.43 -5.70
C MET E 121 -4.38 32.52 -5.52
N GLY E 122 -4.99 33.44 -6.27
CA GLY E 122 -6.44 33.55 -6.31
C GLY E 122 -7.01 32.59 -7.32
N ILE E 123 -6.62 31.33 -7.23
CA ILE E 123 -7.07 30.30 -8.15
C ILE E 123 -8.34 29.68 -7.58
N GLU E 124 -9.46 29.87 -8.28
CA GLU E 124 -10.73 29.29 -7.89
C GLU E 124 -10.65 27.77 -7.83
N ALA E 125 -11.01 27.20 -6.66
CA ALA E 125 -10.83 25.78 -6.36
C ALA E 125 -12.18 25.06 -6.45
N LEU E 126 -12.43 24.40 -7.60
CA LEU E 126 -13.64 23.61 -7.85
C LEU E 126 -13.46 22.20 -7.30
N PRO E 127 -14.20 21.85 -6.24
CA PRO E 127 -14.05 20.51 -5.64
C PRO E 127 -14.69 19.44 -6.51
N MET E 128 -13.89 18.42 -6.86
CA MET E 128 -14.29 17.42 -7.85
C MET E 128 -13.76 16.05 -7.46
N GLY E 129 -14.65 15.12 -7.13
CA GLY E 129 -14.25 13.73 -7.14
C GLY E 129 -13.95 13.30 -8.57
N TYR E 130 -12.92 12.48 -8.71
CA TYR E 130 -12.38 12.06 -9.99
C TYR E 130 -12.26 10.55 -9.95
N LEU E 131 -12.73 9.89 -11.02
CA LEU E 131 -12.88 8.44 -11.06
C LEU E 131 -12.60 7.94 -12.46
N VAL E 132 -11.76 6.89 -12.58
CA VAL E 132 -11.38 6.35 -13.88
C VAL E 132 -11.99 4.97 -14.10
N VAL E 133 -12.35 4.71 -15.35
CA VAL E 133 -13.10 3.54 -15.78
C VAL E 133 -12.25 2.79 -16.83
N GLU E 134 -12.67 1.56 -17.12
CA GLU E 134 -11.89 0.67 -18.00
C GLU E 134 -11.66 1.28 -19.38
N PRO E 135 -10.49 0.98 -20.01
CA PRO E 135 -9.36 0.36 -19.32
C PRO E 135 -8.54 1.43 -18.59
N GLY E 136 -8.88 2.70 -18.86
CA GLY E 136 -8.31 3.82 -18.16
C GLY E 136 -7.27 4.60 -18.93
N GLY E 137 -6.96 4.21 -20.16
CA GLY E 137 -5.90 4.92 -20.85
C GLY E 137 -4.59 4.80 -20.11
N THR E 138 -3.78 5.84 -20.21
CA THR E 138 -2.54 5.77 -19.45
C THR E 138 -2.80 6.00 -17.96
N VAL E 139 -3.86 6.76 -17.65
CA VAL E 139 -4.26 6.96 -16.24
C VAL E 139 -4.46 5.63 -15.54
N GLY E 140 -5.01 4.64 -16.24
CA GLY E 140 -5.22 3.32 -15.69
C GLY E 140 -3.96 2.52 -15.46
N ALA E 141 -2.86 3.21 -15.19
CA ALA E 141 -1.56 2.60 -14.93
C ALA E 141 -0.54 3.61 -14.39
N VAL E 142 -0.69 4.90 -14.72
CA VAL E 142 0.19 5.95 -14.19
C VAL E 142 -0.08 6.11 -12.70
N GLY E 143 -1.08 6.93 -12.36
CA GLY E 143 -1.55 6.98 -11.00
C GLY E 143 -2.18 5.64 -10.63
N ASP E 144 -1.42 4.81 -9.91
CA ASP E 144 -1.82 3.44 -9.59
C ASP E 144 -3.27 3.37 -9.19
N THR E 145 -4.04 2.60 -9.93
CA THR E 145 -5.48 2.71 -9.83
C THR E 145 -6.12 1.34 -9.97
N LYS E 146 -7.29 1.21 -9.38
CA LYS E 146 -8.21 0.11 -9.66
C LYS E 146 -9.28 0.70 -10.56
N PRO E 147 -9.12 0.64 -11.88
CA PRO E 147 -10.10 1.29 -12.76
C PRO E 147 -11.43 0.57 -12.68
N VAL E 148 -12.49 1.32 -12.39
CA VAL E 148 -13.83 0.76 -12.15
C VAL E 148 -14.30 0.00 -13.39
N PRO E 149 -14.79 -1.24 -13.25
CA PRO E 149 -15.23 -1.98 -14.44
C PRO E 149 -16.42 -1.28 -15.11
N ARG E 150 -16.54 -1.50 -16.42
CA ARG E 150 -17.58 -0.81 -17.18
C ARG E 150 -18.96 -1.36 -16.82
N ASN E 151 -19.07 -2.66 -16.58
CA ASN E 151 -20.35 -3.31 -16.29
C ASN E 151 -20.68 -3.36 -14.80
N LYS E 152 -19.98 -2.58 -13.97
CA LYS E 152 -20.27 -2.45 -12.55
C LYS E 152 -20.52 -0.97 -12.24
N PRO E 153 -21.65 -0.43 -12.71
CA PRO E 153 -21.90 1.00 -12.52
C PRO E 153 -22.11 1.36 -11.07
N ASP E 154 -22.77 0.48 -10.31
CA ASP E 154 -23.00 0.70 -8.88
C ASP E 154 -21.74 1.14 -8.17
N ILE E 155 -20.58 0.64 -8.62
CA ILE E 155 -19.32 1.04 -7.99
C ILE E 155 -19.00 2.49 -8.35
N ALA E 156 -19.39 2.96 -9.53
CA ALA E 156 -19.17 4.37 -9.83
C ALA E 156 -20.14 5.25 -9.08
N ALA E 157 -21.34 4.74 -8.77
CA ALA E 157 -22.29 5.54 -8.02
C ALA E 157 -21.88 5.66 -6.56
N ALA E 158 -21.49 4.55 -5.94
CA ALA E 158 -20.98 4.55 -4.58
C ALA E 158 -19.93 5.65 -4.40
N TYR E 159 -18.87 5.58 -5.23
CA TYR E 159 -17.81 6.58 -5.21
C TYR E 159 -18.36 7.99 -5.44
N ALA E 160 -19.21 8.16 -6.45
CA ALA E 160 -19.76 9.48 -6.73
C ALA E 160 -20.59 10.02 -5.56
N MET E 161 -21.26 9.15 -4.82
CA MET E 161 -22.19 9.60 -3.79
C MET E 161 -21.45 9.98 -2.52
N ALA E 162 -20.52 9.11 -2.09
CA ALA E 162 -19.53 9.47 -1.07
C ALA E 162 -18.84 10.78 -1.41
N ALA E 163 -18.31 10.90 -2.63
CA ALA E 163 -17.72 12.15 -3.07
C ALA E 163 -18.67 13.32 -2.85
N GLU E 164 -19.95 13.10 -3.11
CA GLU E 164 -20.93 14.17 -2.97
C GLU E 164 -21.17 14.51 -1.51
N PHE E 165 -20.97 13.54 -0.61
CA PHE E 165 -21.18 13.76 0.82
C PHE E 165 -19.98 14.43 1.48
N LEU E 166 -18.79 14.27 0.91
CA LEU E 166 -17.61 14.94 1.39
C LEU E 166 -17.53 16.39 0.92
N GLY E 167 -18.47 16.85 0.10
CA GLY E 167 -18.51 18.21 -0.35
C GLY E 167 -18.01 18.47 -1.75
N MET E 168 -17.51 17.44 -2.44
CA MET E 168 -17.09 17.57 -3.84
C MET E 168 -18.32 17.69 -4.72
N ARG E 169 -18.61 18.92 -5.18
CA ARG E 169 -19.81 19.26 -5.91
C ARG E 169 -19.70 18.96 -7.40
N LEU E 170 -18.50 18.64 -7.87
CA LEU E 170 -18.28 18.25 -9.26
C LEU E 170 -17.87 16.78 -9.27
N PHE E 171 -18.06 16.13 -10.41
CA PHE E 171 -17.70 14.73 -10.53
C PHE E 171 -17.42 14.39 -11.97
N TYR E 172 -16.36 13.59 -12.18
CA TYR E 172 -15.75 13.44 -13.49
C TYR E 172 -15.47 11.96 -13.77
N LEU E 173 -16.13 11.43 -14.81
CA LEU E 173 -15.84 10.12 -15.36
C LEU E 173 -14.77 10.25 -16.45
N GLU E 174 -13.69 9.49 -16.31
CA GLU E 174 -12.59 9.50 -17.28
C GLU E 174 -12.38 8.07 -17.76
N ALA E 175 -12.82 7.76 -18.99
CA ALA E 175 -12.53 6.45 -19.56
C ALA E 175 -11.06 6.31 -19.94
N GLY E 176 -10.41 7.41 -20.29
CA GLY E 176 -8.97 7.39 -20.48
C GLY E 176 -8.50 7.91 -21.81
N SER E 177 -7.31 8.51 -21.81
CA SER E 177 -6.62 9.00 -22.98
C SER E 177 -6.48 7.91 -24.04
N GLY E 178 -7.44 7.81 -24.96
CA GLY E 178 -7.30 6.94 -26.10
C GLY E 178 -8.15 5.69 -26.08
N ALA E 179 -9.03 5.53 -25.10
CA ALA E 179 -9.83 4.32 -25.04
C ALA E 179 -10.59 4.12 -26.36
N PRO E 180 -10.78 2.87 -26.80
CA PRO E 180 -11.58 2.65 -28.02
C PRO E 180 -13.00 3.21 -27.92
N GLU E 181 -13.75 2.83 -26.89
CA GLU E 181 -15.09 3.35 -26.66
C GLU E 181 -15.08 4.27 -25.45
N HIS E 182 -16.01 5.22 -25.43
CA HIS E 182 -16.04 6.15 -24.31
C HIS E 182 -16.80 5.54 -23.13
N VAL E 183 -17.00 6.35 -22.09
CA VAL E 183 -17.57 5.88 -20.83
C VAL E 183 -18.94 5.28 -21.10
N PRO E 184 -19.28 4.13 -20.51
CA PRO E 184 -20.58 3.52 -20.77
C PRO E 184 -21.74 4.45 -20.43
N GLU E 185 -22.77 4.45 -21.28
CA GLU E 185 -23.90 5.37 -21.13
C GLU E 185 -24.76 4.98 -19.94
N GLU E 186 -24.95 3.68 -19.74
CA GLU E 186 -25.73 3.23 -18.59
C GLU E 186 -25.03 3.56 -17.27
N MET E 187 -23.73 3.90 -17.30
CA MET E 187 -23.04 4.38 -16.11
C MET E 187 -23.06 5.90 -15.98
N ILE E 188 -23.04 6.63 -17.08
CA ILE E 188 -23.16 8.08 -16.98
C ILE E 188 -24.52 8.45 -16.39
N ALA E 189 -25.57 7.75 -16.82
CA ALA E 189 -26.92 8.11 -16.42
C ALA E 189 -27.19 7.78 -14.96
N LEU E 190 -26.49 6.79 -14.39
CA LEU E 190 -26.78 6.38 -13.02
C LEU E 190 -26.22 7.38 -12.01
N VAL E 191 -24.95 7.72 -12.12
CA VAL E 191 -24.34 8.67 -11.18
C VAL E 191 -24.96 10.06 -11.30
N LYS E 192 -25.48 10.41 -12.47
CA LYS E 192 -26.22 11.66 -12.61
C LYS E 192 -27.48 11.66 -11.76
N ARG E 193 -28.06 10.48 -11.52
CA ARG E 193 -29.27 10.38 -10.72
C ARG E 193 -28.96 10.37 -9.23
N CYS E 194 -27.94 9.60 -8.82
CA CYS E 194 -27.68 9.38 -7.41
C CYS E 194 -27.10 10.60 -6.70
N THR E 195 -26.43 11.49 -7.42
CA THR E 195 -25.89 12.71 -6.85
C THR E 195 -26.44 13.93 -7.58
N ASP E 196 -26.21 15.10 -6.99
CA ASP E 196 -26.61 16.37 -7.58
C ASP E 196 -25.42 17.12 -8.16
N GLN E 197 -24.31 16.43 -8.41
CA GLN E 197 -23.11 17.05 -8.95
C GLN E 197 -23.26 17.36 -10.43
N ILE E 198 -22.56 18.40 -10.88
CA ILE E 198 -22.30 18.57 -12.31
C ILE E 198 -21.40 17.42 -12.76
N LEU E 199 -21.92 16.55 -13.60
CA LEU E 199 -21.22 15.34 -13.97
C LEU E 199 -20.41 15.60 -15.22
N ILE E 200 -19.10 15.36 -15.14
CA ILE E 200 -18.16 15.52 -16.25
C ILE E 200 -17.78 14.15 -16.79
N VAL E 201 -17.59 14.05 -18.12
CA VAL E 201 -17.24 12.78 -18.78
C VAL E 201 -16.24 13.03 -19.89
N GLY E 202 -15.13 12.29 -19.87
CA GLY E 202 -14.07 12.50 -20.84
C GLY E 202 -13.34 11.22 -21.16
N GLY E 203 -12.77 11.17 -22.37
CA GLY E 203 -12.06 10.00 -22.86
C GLY E 203 -12.88 9.22 -23.86
N GLY E 204 -12.27 8.88 -25.00
CA GLY E 204 -12.88 8.03 -25.99
C GLY E 204 -13.74 8.74 -27.03
N ILE E 205 -14.25 9.93 -26.71
CA ILE E 205 -15.17 10.60 -27.63
C ILE E 205 -14.37 11.19 -28.79
N ARG E 206 -14.71 10.75 -30.00
CA ARG E 206 -14.02 11.16 -31.20
C ARG E 206 -15.08 11.61 -32.20
N SER E 207 -15.98 10.69 -32.56
CA SER E 207 -16.99 11.01 -33.55
C SER E 207 -17.99 12.01 -32.98
N GLY E 208 -18.77 12.59 -33.89
CA GLY E 208 -19.85 13.45 -33.45
C GLY E 208 -20.87 12.71 -32.62
N GLU E 209 -21.18 11.49 -33.01
CA GLU E 209 -22.18 10.72 -32.28
C GLU E 209 -21.66 10.21 -30.94
N ASP E 210 -20.34 10.24 -30.73
CA ASP E 210 -19.81 9.90 -29.41
C ASP E 210 -20.27 10.93 -28.38
N ALA E 211 -19.86 12.19 -28.55
CA ALA E 211 -20.34 13.27 -27.68
C ALA E 211 -21.86 13.35 -27.65
N ALA E 212 -22.54 12.85 -28.67
CA ALA E 212 -23.98 12.76 -28.64
C ALA E 212 -24.40 11.84 -27.51
N ARG E 213 -24.16 10.54 -27.66
CA ARG E 213 -24.66 9.58 -26.69
C ARG E 213 -24.06 9.79 -25.30
N VAL E 214 -22.98 10.57 -25.18
CA VAL E 214 -22.37 10.83 -23.89
C VAL E 214 -22.85 12.14 -23.29
N ALA E 215 -23.22 13.11 -24.14
CA ALA E 215 -24.02 14.24 -23.65
C ALA E 215 -25.50 13.90 -23.59
N GLY E 216 -25.92 12.86 -24.33
CA GLY E 216 -27.31 12.44 -24.30
C GLY E 216 -27.67 11.58 -23.11
N ALA E 217 -26.74 10.72 -22.68
CA ALA E 217 -26.94 9.87 -21.51
C ALA E 217 -26.93 10.64 -20.19
N GLY E 218 -26.80 11.96 -20.18
CA GLY E 218 -26.97 12.73 -18.97
C GLY E 218 -25.76 13.53 -18.51
N ALA E 219 -24.60 13.42 -19.15
CA ALA E 219 -23.46 14.22 -18.76
C ALA E 219 -23.72 15.71 -18.98
N ASP E 220 -23.30 16.51 -18.01
CA ASP E 220 -23.46 17.96 -18.10
C ASP E 220 -22.37 18.61 -18.93
N VAL E 221 -21.15 18.06 -18.93
CA VAL E 221 -20.05 18.65 -19.67
C VAL E 221 -19.24 17.53 -20.34
N VAL E 222 -18.61 17.88 -21.47
CA VAL E 222 -17.89 16.92 -22.29
C VAL E 222 -16.53 17.48 -22.68
N VAL E 223 -15.53 16.59 -22.86
CA VAL E 223 -14.13 16.97 -23.03
C VAL E 223 -13.55 16.34 -24.30
N THR E 224 -12.81 17.14 -25.07
CA THR E 224 -12.25 16.72 -26.35
C THR E 224 -10.82 17.20 -26.49
N GLY E 225 -10.08 16.57 -27.42
CA GLY E 225 -8.70 16.91 -27.69
C GLY E 225 -8.40 17.31 -29.13
N THR E 226 -8.21 16.34 -30.02
CA THR E 226 -7.98 16.62 -31.44
C THR E 226 -9.24 16.44 -32.27
N GLU E 235 -8.46 20.01 -36.78
CA GLU E 235 -8.90 21.29 -37.36
C GLU E 235 -9.96 21.93 -36.47
N ASP E 236 -10.87 22.66 -37.12
CA ASP E 236 -12.07 23.18 -36.48
C ASP E 236 -13.10 22.05 -36.32
N LYS E 237 -12.65 20.88 -35.89
CA LYS E 237 -13.49 19.69 -35.70
C LYS E 237 -14.40 19.80 -34.49
N ILE E 238 -14.38 20.94 -33.80
CA ILE E 238 -15.04 21.04 -32.49
C ILE E 238 -16.55 21.14 -32.66
N ARG E 239 -17.00 21.98 -33.60
CA ARG E 239 -18.43 22.04 -33.90
C ARG E 239 -18.98 20.68 -34.29
N GLU E 240 -18.14 19.80 -34.86
CA GLU E 240 -18.48 18.41 -35.03
C GLU E 240 -18.46 17.63 -33.71
N ILE E 241 -18.11 18.27 -32.59
CA ILE E 241 -18.24 17.67 -31.27
C ILE E 241 -19.14 18.52 -30.35
N VAL E 242 -19.72 19.62 -30.86
CA VAL E 242 -20.68 20.45 -30.13
C VAL E 242 -22.06 20.27 -30.75
N GLU E 243 -22.08 19.86 -32.02
CA GLU E 243 -23.26 19.38 -32.74
C GLU E 243 -24.07 18.39 -31.90
N GLY E 244 -23.38 17.65 -31.05
CA GLY E 244 -23.87 16.39 -30.51
C GLY E 244 -24.39 16.58 -29.12
N MET E 245 -23.90 17.62 -28.46
CA MET E 245 -24.56 18.15 -27.29
C MET E 245 -25.59 19.15 -27.80
N GLY E 246 -26.36 18.77 -28.82
CA GLY E 246 -27.35 19.65 -29.42
C GLY E 246 -28.76 19.36 -28.94
N LYS F 3 -36.26 18.61 14.74
CA LYS F 3 -35.20 17.99 13.97
C LYS F 3 -34.57 19.01 13.02
N MET F 4 -34.33 20.20 13.54
CA MET F 4 -33.78 21.26 12.72
C MET F 4 -32.28 21.05 12.49
N LYS F 5 -31.77 21.70 11.44
CA LYS F 5 -30.49 21.32 10.84
C LYS F 5 -29.30 21.65 11.74
N VAL F 6 -28.36 20.71 11.80
CA VAL F 6 -27.26 20.81 12.74
C VAL F 6 -26.22 21.87 12.32
N GLU F 7 -26.00 22.04 11.02
CA GLU F 7 -25.03 23.06 10.59
C GLU F 7 -25.53 24.46 10.93
N ASP F 8 -26.75 24.79 10.51
CA ASP F 8 -27.34 26.07 10.88
C ASP F 8 -27.40 26.23 12.39
N TYR F 9 -27.52 25.13 13.13
CA TYR F 9 -27.48 25.18 14.59
C TYR F 9 -26.10 25.65 15.08
N PHE F 10 -25.03 25.11 14.50
CA PHE F 10 -23.69 25.58 14.84
C PHE F 10 -23.45 26.99 14.33
N HIS F 11 -23.87 27.28 13.10
CA HIS F 11 -23.81 28.62 12.54
C HIS F 11 -24.82 29.54 13.23
N ASP F 12 -25.25 29.16 14.44
CA ASP F 12 -26.15 29.96 15.25
C ASP F 12 -25.60 30.08 16.67
N ILE F 13 -24.84 29.09 17.12
CA ILE F 13 -24.17 29.20 18.41
C ILE F 13 -22.92 30.08 18.30
N LEU F 14 -22.15 29.91 17.23
CA LEU F 14 -20.83 30.50 17.10
C LEU F 14 -20.84 32.02 16.98
N ARG F 15 -21.98 32.62 16.67
CA ARG F 15 -22.05 34.07 16.67
C ARG F 15 -21.73 34.66 18.04
N GLU F 16 -21.87 33.85 19.10
CA GLU F 16 -21.81 34.38 20.47
C GLU F 16 -20.85 33.60 21.37
N ARG F 17 -20.91 32.27 21.34
CA ARG F 17 -20.17 31.42 22.27
C ARG F 17 -19.51 30.26 21.53
N LYS F 18 -18.73 29.46 22.26
CA LYS F 18 -18.10 28.27 21.72
C LYS F 18 -18.88 27.02 22.16
N ILE F 19 -18.85 25.99 21.32
CA ILE F 19 -19.77 24.86 21.39
C ILE F 19 -19.06 23.59 21.85
N HIS F 20 -19.74 22.84 22.73
CA HIS F 20 -19.23 21.58 23.28
C HIS F 20 -20.22 20.45 23.02
N LEU F 21 -19.69 19.29 22.61
CA LEU F 21 -20.49 18.08 22.37
C LEU F 21 -19.91 16.90 23.15
N THR F 22 -20.79 16.10 23.74
CA THR F 22 -20.38 14.97 24.56
C THR F 22 -20.32 13.69 23.75
N LEU F 23 -19.17 13.03 23.78
CA LEU F 23 -19.00 11.75 23.10
C LEU F 23 -19.37 10.61 24.04
N ILE F 24 -20.24 9.72 23.56
CA ILE F 24 -20.53 8.47 24.27
C ILE F 24 -20.50 7.31 23.29
N ASP F 25 -20.08 6.15 23.78
CA ASP F 25 -19.93 4.93 22.98
C ASP F 25 -21.05 3.96 23.32
N PRO F 26 -21.83 3.50 22.34
CA PRO F 26 -22.93 2.57 22.64
C PRO F 26 -22.49 1.25 23.29
N GLU F 27 -21.18 0.98 23.39
CA GLU F 27 -20.70 -0.26 24.00
C GLU F 27 -20.36 -0.11 25.47
N GLU F 28 -20.07 1.12 25.94
CA GLU F 28 -19.55 1.31 27.29
C GLU F 28 -20.64 1.56 28.33
N GLN F 29 -21.88 1.16 28.05
CA GLN F 29 -22.97 1.16 29.03
C GLN F 29 -24.26 0.76 28.34
N THR F 30 -25.27 0.49 29.14
CA THR F 30 -26.58 0.20 28.62
C THR F 30 -27.13 1.43 27.90
N PRO F 31 -28.12 1.22 27.01
CA PRO F 31 -28.80 2.38 26.42
C PRO F 31 -29.31 3.35 27.47
N GLU F 32 -30.06 2.87 28.46
CA GLU F 32 -30.63 3.75 29.48
C GLU F 32 -29.53 4.49 30.25
N GLU F 33 -28.59 3.74 30.84
CA GLU F 33 -27.52 4.39 31.59
C GLU F 33 -26.79 5.43 30.74
N ALA F 34 -26.78 5.25 29.42
CA ALA F 34 -26.25 6.30 28.55
C ALA F 34 -27.17 7.52 28.53
N VAL F 35 -28.49 7.32 28.56
CA VAL F 35 -29.40 8.46 28.50
C VAL F 35 -29.40 9.26 29.79
N GLU F 36 -28.95 8.68 30.91
CA GLU F 36 -28.72 9.51 32.06
C GLU F 36 -27.34 10.14 32.03
N ILE F 37 -26.40 9.53 31.31
CA ILE F 37 -25.16 10.24 30.96
C ILE F 37 -25.48 11.39 30.01
N ALA F 38 -26.49 11.19 29.14
CA ALA F 38 -26.90 12.23 28.19
C ALA F 38 -27.36 13.49 28.91
N ARG F 39 -28.29 13.35 29.86
CA ARG F 39 -28.84 14.52 30.54
C ARG F 39 -27.90 15.10 31.58
N ALA F 40 -26.95 14.31 32.11
CA ALA F 40 -25.92 14.87 32.97
C ALA F 40 -24.97 15.78 32.22
N ALA F 41 -25.05 15.82 30.90
CA ALA F 41 -24.18 16.65 30.07
C ALA F 41 -24.83 17.98 29.68
N ILE F 42 -26.16 18.05 29.65
CA ILE F 42 -26.79 19.37 29.56
C ILE F 42 -26.95 19.99 30.94
N ARG F 43 -26.83 19.20 32.01
CA ARG F 43 -26.60 19.76 33.34
C ARG F 43 -25.38 20.68 33.32
N GLY F 44 -24.26 20.17 32.79
CA GLY F 44 -23.10 21.03 32.60
C GLY F 44 -23.35 22.07 31.54
N GLY F 45 -24.16 21.73 30.53
CA GLY F 45 -24.55 22.68 29.51
C GLY F 45 -24.01 22.38 28.13
N THR F 46 -23.73 21.11 27.83
CA THR F 46 -23.32 20.72 26.48
C THR F 46 -24.51 20.78 25.53
N ASP F 47 -24.22 21.07 24.27
CA ASP F 47 -25.24 21.36 23.28
C ASP F 47 -25.39 20.28 22.21
N GLY F 48 -24.72 19.15 22.38
CA GLY F 48 -24.97 18.01 21.52
C GLY F 48 -24.26 16.78 22.04
N ILE F 49 -24.70 15.63 21.55
CA ILE F 49 -24.18 14.33 21.96
C ILE F 49 -23.57 13.66 20.72
N MET F 50 -22.43 13.01 20.90
CA MET F 50 -21.73 12.35 19.80
C MET F 50 -21.71 10.85 20.06
N LEU F 51 -22.55 10.10 19.37
CA LEU F 51 -22.57 8.66 19.52
C LEU F 51 -21.77 8.03 18.39
N GLY F 52 -21.09 6.93 18.70
CA GLY F 52 -20.34 6.23 17.69
C GLY F 52 -19.19 5.45 18.28
N GLY F 53 -18.47 6.07 19.19
CA GLY F 53 -17.35 5.45 19.88
C GLY F 53 -16.37 4.77 18.93
N SER F 54 -16.52 3.46 18.78
CA SER F 54 -15.65 2.68 17.90
C SER F 54 -16.47 2.02 16.81
N THR F 55 -16.01 0.87 16.34
CA THR F 55 -16.77 0.01 15.46
C THR F 55 -17.41 -1.06 16.32
N THR F 56 -18.75 -1.10 16.34
CA THR F 56 -19.47 -2.03 17.19
C THR F 56 -20.70 -2.54 16.44
N ASP F 57 -21.30 -3.60 16.99
CA ASP F 57 -22.55 -4.12 16.45
C ASP F 57 -23.62 -3.02 16.44
N SER F 58 -24.41 -2.98 15.37
CA SER F 58 -25.31 -1.86 15.12
C SER F 58 -26.75 -2.16 15.54
N SER F 59 -26.96 -3.08 16.47
CA SER F 59 -28.25 -3.18 17.12
C SER F 59 -28.28 -2.36 18.40
N GLU F 60 -27.21 -2.43 19.20
CA GLU F 60 -27.11 -1.55 20.35
C GLU F 60 -27.03 -0.10 19.93
N LEU F 61 -26.24 0.18 18.88
CA LEU F 61 -26.07 1.56 18.42
C LEU F 61 -27.41 2.21 18.11
N ASP F 62 -28.30 1.49 17.42
CA ASP F 62 -29.66 1.99 17.26
C ASP F 62 -30.40 1.99 18.59
N ASN F 63 -30.20 0.97 19.41
CA ASN F 63 -30.93 0.90 20.67
C ASN F 63 -30.46 1.95 21.66
N THR F 64 -29.23 2.46 21.52
CA THR F 64 -28.82 3.62 22.30
C THR F 64 -29.09 4.94 21.59
N ALA F 65 -29.27 4.93 20.27
CA ALA F 65 -29.76 6.13 19.59
C ALA F 65 -31.27 6.28 19.75
N ARG F 66 -31.98 5.16 19.96
CA ARG F 66 -33.41 5.25 20.25
C ARG F 66 -33.63 5.78 21.67
N ALA F 67 -32.95 5.19 22.64
CA ALA F 67 -33.00 5.70 24.01
C ALA F 67 -32.53 7.15 24.08
N LEU F 68 -31.64 7.57 23.19
CA LEU F 68 -31.21 8.96 23.14
C LEU F 68 -32.19 9.86 22.39
N ARG F 69 -32.80 9.34 21.31
CA ARG F 69 -33.72 10.16 20.51
C ARG F 69 -34.80 10.78 21.38
N GLU F 70 -35.52 9.97 22.14
CA GLU F 70 -36.73 10.44 22.82
C GLU F 70 -36.43 11.45 23.93
N ASN F 71 -35.54 11.10 24.86
CA ASN F 71 -35.32 11.95 26.03
C ASN F 71 -34.78 13.32 25.64
N ILE F 72 -33.93 13.37 24.63
CA ILE F 72 -33.05 14.49 24.37
C ILE F 72 -33.59 15.27 23.18
N ASP F 73 -33.27 16.57 23.13
CA ASP F 73 -33.43 17.29 21.89
C ASP F 73 -32.23 18.15 21.48
N VAL F 74 -31.19 18.26 22.32
CA VAL F 74 -29.93 18.66 21.67
C VAL F 74 -29.59 17.59 20.65
N PRO F 75 -29.00 17.93 19.50
CA PRO F 75 -28.84 16.93 18.43
C PRO F 75 -27.93 15.80 18.90
N ILE F 76 -28.14 14.63 18.32
CA ILE F 76 -27.23 13.54 18.55
C ILE F 76 -26.63 13.18 17.20
N ILE F 77 -25.31 13.23 17.11
CA ILE F 77 -24.59 13.13 15.87
C ILE F 77 -23.86 11.80 15.85
N LEU F 78 -23.96 11.10 14.73
CA LEU F 78 -23.18 9.89 14.55
C LEU F 78 -21.72 10.22 14.30
N PHE F 79 -20.87 9.25 14.62
CA PHE F 79 -19.43 9.44 14.63
C PHE F 79 -18.81 8.10 14.21
N PRO F 80 -18.91 7.76 12.93
CA PRO F 80 -18.72 6.35 12.52
C PRO F 80 -17.32 5.82 12.68
N GLY F 81 -17.09 4.93 13.65
CA GLY F 81 -15.88 4.12 13.62
C GLY F 81 -15.79 3.21 12.42
N ASN F 82 -16.92 2.93 11.77
CA ASN F 82 -17.03 2.21 10.49
C ASN F 82 -18.48 2.28 10.06
N THR F 83 -18.83 1.57 8.98
CA THR F 83 -20.18 1.64 8.42
C THR F 83 -21.24 1.09 9.38
N THR F 84 -20.84 0.30 10.38
CA THR F 84 -21.75 -0.08 11.46
C THR F 84 -22.10 1.11 12.36
N GLY F 85 -21.64 2.31 12.02
CA GLY F 85 -21.95 3.49 12.80
C GLY F 85 -22.99 4.36 12.15
N VAL F 86 -24.02 3.77 11.56
CA VAL F 86 -25.11 4.52 10.96
C VAL F 86 -26.43 4.05 11.56
N SER F 87 -27.38 4.99 11.70
CA SER F 87 -28.66 4.63 12.32
C SER F 87 -29.72 5.66 11.97
N ARG F 88 -30.97 5.18 11.89
CA ARG F 88 -32.13 6.02 11.60
C ARG F 88 -32.25 7.17 12.60
N TYR F 89 -31.92 6.93 13.87
CA TYR F 89 -32.45 7.73 14.98
C TYR F 89 -31.68 9.02 15.17
N ALA F 90 -30.40 9.06 14.80
CA ALA F 90 -29.59 10.26 14.97
C ALA F 90 -30.02 11.34 14.00
N ASP F 91 -29.70 12.59 14.35
CA ASP F 91 -30.09 13.75 13.55
C ASP F 91 -29.11 14.09 12.44
N ALA F 92 -27.84 13.70 12.59
CA ALA F 92 -26.81 14.10 11.65
C ALA F 92 -25.61 13.18 11.77
N ILE F 93 -25.05 12.81 10.63
CA ILE F 93 -23.84 12.00 10.53
C ILE F 93 -22.69 12.92 10.17
N PHE F 94 -21.51 12.65 10.75
CA PHE F 94 -20.29 13.29 10.31
C PHE F 94 -19.72 12.45 9.18
N PHE F 95 -19.83 12.95 7.94
CA PHE F 95 -19.34 12.21 6.78
C PHE F 95 -17.89 12.60 6.57
N MET F 96 -16.99 11.76 7.06
CA MET F 96 -15.61 12.16 7.27
C MET F 96 -14.66 11.19 6.58
N SER F 97 -13.51 11.73 6.20
CA SER F 97 -12.39 10.97 5.68
C SER F 97 -11.21 11.23 6.59
N LEU F 98 -10.58 10.19 7.12
CA LEU F 98 -9.35 10.51 7.83
C LEU F 98 -8.23 10.60 6.81
N LEU F 99 -7.67 11.80 6.67
CA LEU F 99 -6.83 12.10 5.53
C LEU F 99 -5.42 11.60 5.75
N ASN F 100 -4.89 11.75 6.96
CA ASN F 100 -3.54 11.27 7.23
C ASN F 100 -3.50 9.76 7.44
N SER F 101 -4.49 9.04 6.90
CA SER F 101 -4.42 7.59 6.83
C SER F 101 -3.56 7.15 5.66
N THR F 102 -3.08 5.90 5.76
CA THR F 102 -2.24 5.23 4.77
C THR F 102 -3.00 4.24 3.91
N ASN F 103 -4.33 4.17 4.03
CA ASN F 103 -5.12 3.12 3.40
C ASN F 103 -6.39 3.69 2.79
N PRO F 104 -6.57 3.58 1.47
CA PRO F 104 -7.70 4.26 0.81
C PRO F 104 -9.04 3.95 1.43
N TYR F 105 -9.20 2.75 2.00
CA TYR F 105 -10.50 2.37 2.54
C TYR F 105 -10.96 3.38 3.58
N TRP F 106 -10.06 3.78 4.47
CA TRP F 106 -10.36 4.78 5.47
C TRP F 106 -10.57 6.18 4.88
N ILE F 107 -10.02 6.46 3.71
CA ILE F 107 -10.15 7.79 3.11
C ILE F 107 -11.40 7.88 2.25
N ILE F 108 -11.72 6.83 1.50
CA ILE F 108 -12.76 6.92 0.49
C ILE F 108 -13.52 5.59 0.43
N GLY F 109 -12.84 4.49 0.76
CA GLY F 109 -13.44 3.17 0.60
C GLY F 109 -14.66 2.92 1.47
N ALA F 110 -14.47 2.89 2.79
CA ALA F 110 -15.57 2.84 3.74
C ALA F 110 -16.63 3.88 3.42
N GLN F 111 -16.21 5.01 2.86
CA GLN F 111 -17.12 6.11 2.56
C GLN F 111 -18.00 5.80 1.37
N ALA F 112 -17.51 5.00 0.41
CA ALA F 112 -18.30 4.64 -0.77
C ALA F 112 -19.20 3.46 -0.48
N LEU F 113 -18.68 2.46 0.24
CA LEU F 113 -19.52 1.31 0.59
C LEU F 113 -20.72 1.71 1.43
N GLY F 114 -20.61 2.78 2.22
CA GLY F 114 -21.72 3.19 3.06
C GLY F 114 -22.47 4.43 2.60
N ALA F 115 -22.73 4.54 1.29
CA ALA F 115 -23.38 5.73 0.74
C ALA F 115 -24.77 5.43 0.19
N ALA F 116 -25.21 4.17 0.19
CA ALA F 116 -26.63 3.89 0.01
C ALA F 116 -27.38 4.09 1.31
N THR F 117 -26.80 3.64 2.44
CA THR F 117 -27.46 3.74 3.73
C THR F 117 -27.75 5.19 4.11
N VAL F 118 -26.74 6.05 3.99
CA VAL F 118 -26.94 7.48 4.25
C VAL F 118 -27.75 8.18 3.16
N LYS F 119 -27.98 7.54 2.01
CA LYS F 119 -28.96 8.07 1.08
C LYS F 119 -30.33 7.43 1.25
N LYS F 120 -30.38 6.15 1.63
CA LYS F 120 -31.68 5.54 1.94
C LYS F 120 -32.30 6.20 3.15
N MET F 121 -31.52 6.39 4.20
CA MET F 121 -32.02 7.04 5.40
C MET F 121 -31.92 8.56 5.25
N GLY F 122 -32.48 9.27 6.21
CA GLY F 122 -32.54 10.71 6.12
C GLY F 122 -31.65 11.43 7.12
N ILE F 123 -30.36 11.16 7.08
CA ILE F 123 -29.41 11.77 8.01
C ILE F 123 -28.73 12.94 7.33
N GLU F 124 -28.49 14.00 8.11
CA GLU F 124 -27.67 15.12 7.65
C GLU F 124 -26.22 14.69 7.55
N ALA F 125 -25.72 14.57 6.33
CA ALA F 125 -24.31 14.24 6.11
C ALA F 125 -23.49 15.51 6.19
N LEU F 126 -22.66 15.63 7.20
CA LEU F 126 -21.82 16.81 7.24
C LEU F 126 -20.42 16.48 6.76
N PRO F 127 -19.88 17.28 5.84
CA PRO F 127 -18.60 16.94 5.20
C PRO F 127 -17.42 17.33 6.08
N MET F 128 -16.59 16.35 6.39
CA MET F 128 -15.56 16.57 7.41
C MET F 128 -14.25 15.91 7.05
N GLY F 129 -13.17 16.66 7.19
CA GLY F 129 -11.83 16.10 7.17
C GLY F 129 -11.43 15.75 8.60
N TYR F 130 -10.88 14.55 8.78
CA TYR F 130 -10.60 14.01 10.10
C TYR F 130 -9.11 13.72 10.17
N LEU F 131 -8.42 14.30 11.13
CA LEU F 131 -6.96 14.26 11.10
C LEU F 131 -6.40 13.90 12.47
N VAL F 132 -5.66 12.79 12.51
CA VAL F 132 -5.18 12.21 13.76
C VAL F 132 -3.85 12.85 14.11
N VAL F 133 -3.83 13.57 15.20
CA VAL F 133 -2.62 14.20 15.70
C VAL F 133 -1.88 13.19 16.58
N GLU F 134 -0.57 13.35 16.67
CA GLU F 134 0.17 12.54 17.62
C GLU F 134 -0.25 12.92 19.03
N PRO F 135 -0.37 11.96 19.95
CA PRO F 135 -0.02 10.53 19.78
C PRO F 135 -1.01 9.69 18.95
N GLY F 136 -2.31 9.95 19.06
CA GLY F 136 -3.28 9.26 18.23
C GLY F 136 -4.29 8.40 18.97
N GLY F 137 -3.83 7.65 19.97
CA GLY F 137 -4.74 6.80 20.70
C GLY F 137 -5.11 5.56 19.91
N THR F 138 -6.33 5.06 20.15
CA THR F 138 -6.77 3.82 19.52
C THR F 138 -7.05 4.02 18.02
N VAL F 139 -7.66 5.15 17.66
CA VAL F 139 -7.78 5.50 16.25
C VAL F 139 -6.42 5.70 15.60
N GLY F 140 -5.36 5.86 16.40
CA GLY F 140 -4.01 5.76 15.90
C GLY F 140 -3.80 4.50 15.09
N ALA F 141 -3.66 3.35 15.75
CA ALA F 141 -3.32 2.11 15.08
C ALA F 141 -4.49 1.41 14.42
N VAL F 142 -5.74 1.71 14.83
CA VAL F 142 -6.91 1.00 14.29
C VAL F 142 -7.02 1.21 12.78
N GLY F 143 -6.91 2.45 12.34
CA GLY F 143 -7.06 2.75 10.93
C GLY F 143 -5.77 2.98 10.17
N ASP F 144 -4.65 2.49 10.70
CA ASP F 144 -3.35 2.64 10.09
C ASP F 144 -3.12 4.08 9.67
N THR F 145 -3.09 4.97 10.66
CA THR F 145 -2.81 6.36 10.43
C THR F 145 -1.36 6.67 10.78
N LYS F 146 -0.80 7.66 10.09
CA LYS F 146 0.46 8.27 10.49
C LYS F 146 0.12 9.56 11.23
N PRO F 147 0.21 9.59 12.56
CA PRO F 147 -0.32 10.74 13.29
C PRO F 147 0.61 11.94 13.14
N VAL F 148 0.04 13.06 12.70
CA VAL F 148 0.78 14.30 12.46
C VAL F 148 1.52 14.72 13.74
N PRO F 149 2.83 14.85 13.69
CA PRO F 149 3.59 15.18 14.90
C PRO F 149 3.14 16.49 15.52
N ARG F 150 3.52 16.66 16.79
CA ARG F 150 3.07 17.81 17.57
C ARG F 150 3.83 19.07 17.20
N ASN F 151 5.10 18.92 16.81
CA ASN F 151 5.94 20.04 16.40
C ASN F 151 5.84 20.32 14.90
N LYS F 152 4.86 19.74 14.22
CA LYS F 152 4.60 19.99 12.80
C LYS F 152 3.17 20.51 12.64
N PRO F 153 2.89 21.73 13.10
CA PRO F 153 1.54 22.27 12.86
C PRO F 153 1.23 22.45 11.38
N ASP F 154 2.19 22.90 10.57
CA ASP F 154 1.91 23.31 9.19
C ASP F 154 1.59 22.14 8.28
N ILE F 155 1.78 20.90 8.74
CA ILE F 155 1.26 19.75 8.01
C ILE F 155 -0.25 19.67 8.20
N ALA F 156 -0.73 19.88 9.42
CA ALA F 156 -2.18 19.86 9.65
C ALA F 156 -2.86 20.93 8.80
N ALA F 157 -2.29 22.13 8.77
CA ALA F 157 -2.86 23.20 7.94
C ALA F 157 -2.92 22.77 6.48
N ALA F 158 -1.84 22.15 5.97
CA ALA F 158 -1.82 21.68 4.59
C ALA F 158 -2.98 20.73 4.32
N TYR F 159 -3.30 19.86 5.31
CA TYR F 159 -4.41 18.91 5.18
C TYR F 159 -5.76 19.60 5.34
N ALA F 160 -5.81 20.69 6.13
CA ALA F 160 -7.02 21.49 6.20
C ALA F 160 -7.35 22.10 4.84
N MET F 161 -6.44 22.93 4.32
CA MET F 161 -6.66 23.60 3.04
C MET F 161 -7.01 22.60 1.95
N ALA F 162 -6.23 21.53 1.83
CA ALA F 162 -6.58 20.44 0.93
C ALA F 162 -8.05 20.03 1.12
N ALA F 163 -8.45 19.80 2.38
CA ALA F 163 -9.81 19.36 2.62
C ALA F 163 -10.81 20.47 2.34
N GLU F 164 -10.46 21.73 2.63
CA GLU F 164 -11.40 22.80 2.34
C GLU F 164 -11.64 22.96 0.85
N PHE F 165 -10.60 22.72 0.05
CA PHE F 165 -10.71 22.90 -1.39
C PHE F 165 -11.59 21.84 -2.01
N LEU F 166 -11.65 20.66 -1.39
CA LEU F 166 -12.47 19.55 -1.83
C LEU F 166 -13.89 19.57 -1.24
N GLY F 167 -14.30 20.67 -0.61
CA GLY F 167 -15.67 20.82 -0.14
C GLY F 167 -16.01 20.30 1.26
N MET F 168 -15.05 19.75 1.99
CA MET F 168 -15.28 19.34 3.38
C MET F 168 -15.30 20.59 4.27
N ARG F 169 -16.50 21.15 4.49
CA ARG F 169 -16.70 22.37 5.27
C ARG F 169 -16.38 22.22 6.77
N LEU F 170 -15.81 21.11 7.20
CA LEU F 170 -15.54 20.89 8.61
C LEU F 170 -14.26 20.08 8.77
N PHE F 171 -13.50 20.38 9.82
CA PHE F 171 -12.24 19.69 10.05
C PHE F 171 -12.21 19.17 11.48
N TYR F 172 -11.37 18.17 11.72
CA TYR F 172 -11.27 17.54 13.05
C TYR F 172 -9.82 17.20 13.35
N LEU F 173 -9.33 17.68 14.49
CA LEU F 173 -7.96 17.46 14.97
C LEU F 173 -8.04 16.53 16.18
N GLU F 174 -8.15 15.24 15.92
CA GLU F 174 -8.22 14.30 17.03
C GLU F 174 -6.81 13.94 17.47
N ALA F 175 -6.51 14.18 18.74
CA ALA F 175 -5.27 13.63 19.28
C ALA F 175 -5.48 12.20 19.75
N GLY F 176 -6.72 11.79 19.99
CA GLY F 176 -7.06 10.44 20.40
C GLY F 176 -7.81 10.48 21.72
N SER F 177 -8.87 9.69 21.79
CA SER F 177 -9.65 9.63 23.02
C SER F 177 -8.80 9.07 24.16
N GLY F 178 -8.49 9.93 25.13
CA GLY F 178 -7.81 9.50 26.33
C GLY F 178 -6.31 9.72 26.34
N ALA F 179 -5.87 10.84 25.75
CA ALA F 179 -4.49 11.18 25.48
C ALA F 179 -3.89 11.98 26.64
N PRO F 180 -2.56 12.02 26.75
CA PRO F 180 -1.95 12.77 27.86
C PRO F 180 -2.26 14.27 27.85
N GLU F 181 -2.06 14.92 26.71
CA GLU F 181 -2.40 16.31 26.51
C GLU F 181 -3.13 16.44 25.18
N HIS F 182 -3.83 17.55 25.01
CA HIS F 182 -4.64 17.78 23.82
C HIS F 182 -3.76 17.97 22.58
N VAL F 183 -4.40 18.26 21.46
CA VAL F 183 -3.63 18.66 20.28
C VAL F 183 -2.87 19.94 20.63
N PRO F 184 -1.60 20.08 20.23
CA PRO F 184 -0.86 21.30 20.60
C PRO F 184 -1.53 22.55 20.08
N GLU F 185 -1.26 23.65 20.79
CA GLU F 185 -2.08 24.85 20.70
C GLU F 185 -1.76 25.67 19.45
N GLU F 186 -0.50 25.71 19.02
CA GLU F 186 -0.17 26.42 17.78
C GLU F 186 -0.81 25.74 16.58
N MET F 187 -0.79 24.41 16.54
CA MET F 187 -1.49 23.67 15.49
C MET F 187 -2.95 24.09 15.37
N ILE F 188 -3.63 24.27 16.51
CA ILE F 188 -5.03 24.68 16.50
C ILE F 188 -5.19 26.05 15.88
N ALA F 189 -4.49 27.05 16.43
CA ALA F 189 -4.56 28.41 15.90
C ALA F 189 -4.21 28.45 14.42
N LEU F 190 -3.29 27.58 13.99
CA LEU F 190 -2.72 27.66 12.66
C LEU F 190 -3.68 27.07 11.63
N VAL F 191 -4.18 25.86 11.88
CA VAL F 191 -5.24 25.31 11.05
C VAL F 191 -6.38 26.32 10.94
N LYS F 192 -6.74 26.95 12.06
CA LYS F 192 -7.75 27.99 12.05
C LYS F 192 -7.33 29.19 11.19
N ARG F 193 -6.03 29.48 11.16
CA ARG F 193 -5.54 30.60 10.36
C ARG F 193 -5.82 30.39 8.88
N CYS F 194 -5.43 29.25 8.34
CA CYS F 194 -5.46 29.02 6.91
C CYS F 194 -6.83 28.59 6.40
N THR F 195 -7.83 28.46 7.27
CA THR F 195 -9.02 27.71 6.90
C THR F 195 -10.25 28.42 7.45
N ASP F 196 -11.39 28.19 6.79
CA ASP F 196 -12.66 28.75 7.25
C ASP F 196 -13.69 27.67 7.56
N GLN F 197 -13.23 26.48 7.91
CA GLN F 197 -14.21 25.51 8.32
C GLN F 197 -14.42 25.56 9.82
N ILE F 198 -15.51 24.89 10.25
CA ILE F 198 -15.71 24.66 11.67
C ILE F 198 -14.57 23.81 12.18
N LEU F 199 -13.84 24.33 13.16
CA LEU F 199 -12.66 23.65 13.70
C LEU F 199 -13.07 22.83 14.91
N ILE F 200 -12.86 21.52 14.84
CA ILE F 200 -13.28 20.58 15.87
C ILE F 200 -12.03 19.92 16.42
N VAL F 201 -11.76 20.15 17.71
CA VAL F 201 -10.59 19.57 18.39
C VAL F 201 -11.10 18.62 19.46
N GLY F 202 -10.44 17.46 19.60
CA GLY F 202 -10.87 16.47 20.57
C GLY F 202 -9.74 15.59 21.02
N GLY F 203 -9.96 14.94 22.17
CA GLY F 203 -9.03 13.97 22.73
C GLY F 203 -8.00 14.55 23.68
N GLY F 204 -7.74 13.86 24.79
CA GLY F 204 -6.76 14.34 25.75
C GLY F 204 -7.18 15.60 26.46
N ILE F 205 -8.48 15.80 26.62
CA ILE F 205 -9.08 17.08 26.98
C ILE F 205 -9.84 16.88 28.30
N ARG F 206 -9.27 17.39 29.39
CA ARG F 206 -9.83 17.09 30.70
C ARG F 206 -9.95 18.32 31.60
N SER F 207 -8.86 19.06 31.76
CA SER F 207 -8.89 20.19 32.68
C SER F 207 -9.90 21.23 32.19
N GLY F 208 -10.50 21.95 33.13
CA GLY F 208 -11.28 23.11 32.75
C GLY F 208 -10.45 24.06 31.94
N GLU F 209 -9.15 24.13 32.24
CA GLU F 209 -8.20 24.89 31.45
C GLU F 209 -7.68 24.11 30.24
N ASP F 210 -7.70 22.78 30.28
CA ASP F 210 -7.49 22.03 29.05
C ASP F 210 -8.44 22.52 27.97
N ALA F 211 -9.72 22.69 28.31
CA ALA F 211 -10.74 23.16 27.38
C ALA F 211 -10.82 24.66 27.28
N ALA F 212 -10.24 25.40 28.21
CA ALA F 212 -10.07 26.83 27.99
C ALA F 212 -9.03 27.07 26.90
N ARG F 213 -7.91 26.34 26.97
CA ARG F 213 -6.79 26.56 26.06
C ARG F 213 -7.09 26.04 24.66
N VAL F 214 -7.72 24.87 24.54
CA VAL F 214 -8.09 24.35 23.23
C VAL F 214 -9.04 25.33 22.53
N ALA F 215 -10.12 25.72 23.22
CA ALA F 215 -11.06 26.69 22.65
C ALA F 215 -10.42 28.06 22.51
N GLY F 216 -9.61 28.46 23.47
CA GLY F 216 -8.90 29.73 23.36
C GLY F 216 -7.98 29.75 22.15
N ALA F 217 -7.35 28.62 21.86
CA ALA F 217 -6.49 28.52 20.68
C ALA F 217 -7.29 28.55 19.37
N GLY F 218 -8.60 28.81 19.39
CA GLY F 218 -9.38 28.95 18.18
C GLY F 218 -10.28 27.77 17.86
N ALA F 219 -10.16 26.66 18.60
CA ALA F 219 -11.05 25.53 18.38
C ALA F 219 -12.51 25.96 18.48
N ASP F 220 -13.25 25.80 17.38
CA ASP F 220 -14.67 26.18 17.37
C ASP F 220 -15.52 25.20 18.15
N VAL F 221 -15.08 23.96 18.31
CA VAL F 221 -15.84 22.94 19.03
C VAL F 221 -14.91 22.11 19.91
N VAL F 222 -15.30 21.90 21.17
CA VAL F 222 -14.60 20.99 22.07
C VAL F 222 -15.44 19.74 22.22
N VAL F 223 -14.77 18.58 22.13
CA VAL F 223 -15.43 17.27 22.17
C VAL F 223 -14.82 16.44 23.29
N THR F 224 -15.67 15.92 24.17
CA THR F 224 -15.19 15.09 25.28
C THR F 224 -16.06 13.85 25.51
N ILE F 238 -18.17 18.25 33.44
CA ILE F 238 -18.60 18.95 32.24
C ILE F 238 -18.72 20.44 32.55
N ARG F 239 -19.42 20.75 33.64
CA ARG F 239 -19.65 22.15 33.99
C ARG F 239 -18.33 22.91 34.12
N GLU F 240 -17.30 22.25 34.67
CA GLU F 240 -15.97 22.86 34.73
C GLU F 240 -15.51 23.32 33.36
N ILE F 241 -15.71 22.47 32.36
CA ILE F 241 -15.10 22.65 31.05
C ILE F 241 -15.92 23.61 30.19
N VAL F 242 -17.24 23.49 30.21
CA VAL F 242 -18.07 24.44 29.48
C VAL F 242 -17.95 25.83 30.07
N GLU F 243 -17.58 25.91 31.36
CA GLU F 243 -17.21 27.18 31.96
C GLU F 243 -15.79 27.59 31.61
N GLY F 244 -14.94 26.61 31.25
CA GLY F 244 -13.61 26.94 30.76
C GLY F 244 -13.63 27.51 29.35
N MET F 245 -14.50 26.98 28.50
CA MET F 245 -14.71 27.51 27.15
C MET F 245 -15.68 28.68 27.12
N GLY F 246 -15.59 29.59 28.10
CA GLY F 246 -16.40 30.77 28.15
C GLY F 246 -15.62 31.88 28.83
#